data_2EAP
#
_entry.id   2EAP
#
_cell.length_a   1.000
_cell.length_b   1.000
_cell.length_c   1.000
_cell.angle_alpha   90.00
_cell.angle_beta   90.00
_cell.angle_gamma   90.00
#
_symmetry.space_group_name_H-M   'P 1'
#
_entity_poly.entity_id   1
_entity_poly.type   'polypeptide(L)'
_entity_poly.pdbx_seq_one_letter_code
;GSSGSSGMALRNVPFRSEVLGWDPDSLADYFKKLNYKDCEKAVKKYHIDGARFLNLTENDIQKFPKLRVPILSKLSQEIN
KNEERRSIFT
;
_entity_poly.pdbx_strand_id   A
#
# COMPACT_ATOMS: atom_id res chain seq x y z
N GLY A 1 9.73 28.29 2.23
CA GLY A 1 9.96 27.14 1.38
C GLY A 1 9.94 27.50 -0.10
N SER A 2 10.37 26.57 -0.94
CA SER A 2 10.40 26.80 -2.38
C SER A 2 9.80 25.61 -3.13
N SER A 3 10.45 24.46 -3.00
CA SER A 3 9.99 23.25 -3.68
C SER A 3 8.53 22.96 -3.32
N GLY A 4 7.68 22.89 -4.34
CA GLY A 4 6.27 22.62 -4.12
C GLY A 4 5.96 21.14 -4.14
N SER A 5 4.84 20.76 -3.53
CA SER A 5 4.42 19.36 -3.47
C SER A 5 3.04 19.19 -4.07
N SER A 6 2.68 17.93 -4.33
CA SER A 6 1.38 17.62 -4.93
C SER A 6 0.77 16.38 -4.26
N GLY A 7 1.31 15.22 -4.59
CA GLY A 7 0.80 13.99 -4.02
C GLY A 7 -0.02 13.18 -5.01
N MET A 8 0.63 12.74 -6.08
CA MET A 8 -0.04 11.95 -7.11
C MET A 8 0.88 10.85 -7.64
N ALA A 9 1.75 10.34 -6.79
CA ALA A 9 2.69 9.29 -7.17
C ALA A 9 3.45 8.77 -5.96
N LEU A 10 4.46 7.96 -6.22
CA LEU A 10 5.28 7.39 -5.15
C LEU A 10 6.11 8.47 -4.46
N ARG A 11 5.51 9.10 -3.46
CA ARG A 11 6.19 10.16 -2.71
C ARG A 11 6.14 9.89 -1.21
N ASN A 12 5.01 9.37 -0.75
CA ASN A 12 4.83 9.06 0.67
C ASN A 12 4.49 7.58 0.87
N VAL A 13 5.18 6.95 1.81
CA VAL A 13 4.96 5.54 2.10
C VAL A 13 4.85 5.29 3.60
N PRO A 14 3.83 4.52 4.00
CA PRO A 14 3.59 4.20 5.42
C PRO A 14 4.66 3.26 5.98
N PHE A 15 4.54 2.94 7.27
CA PHE A 15 5.49 2.05 7.91
C PHE A 15 5.02 0.60 7.86
N ARG A 16 5.96 -0.33 7.90
CA ARG A 16 5.63 -1.75 7.85
C ARG A 16 4.75 -2.15 9.03
N SER A 17 5.25 -1.91 10.24
CA SER A 17 4.51 -2.25 11.45
C SER A 17 3.10 -1.68 11.40
N GLU A 18 2.94 -0.54 10.72
CA GLU A 18 1.64 0.10 10.59
C GLU A 18 0.73 -0.70 9.67
N VAL A 19 1.30 -1.19 8.56
CA VAL A 19 0.53 -1.97 7.60
C VAL A 19 0.20 -3.36 8.14
N LEU A 20 1.12 -3.91 8.93
CA LEU A 20 0.93 -5.23 9.51
C LEU A 20 -0.29 -5.25 10.41
N GLY A 21 -0.71 -4.08 10.87
CA GLY A 21 -1.87 -3.98 11.74
C GLY A 21 -3.05 -3.31 11.06
N TRP A 22 -3.01 -3.25 9.73
CA TRP A 22 -4.08 -2.64 8.96
C TRP A 22 -5.20 -3.64 8.67
N ASP A 23 -6.21 -3.19 7.94
CA ASP A 23 -7.34 -4.05 7.60
C ASP A 23 -7.69 -3.92 6.12
N PRO A 24 -8.46 -4.90 5.60
CA PRO A 24 -8.87 -4.91 4.20
C PRO A 24 -9.88 -3.81 3.88
N ASP A 25 -10.34 -3.11 4.91
CA ASP A 25 -11.30 -2.03 4.73
C ASP A 25 -10.64 -0.68 5.00
N SER A 26 -9.55 -0.69 5.74
CA SER A 26 -8.82 0.54 6.06
C SER A 26 -7.72 0.81 5.05
N LEU A 27 -6.98 -0.24 4.69
CA LEU A 27 -5.90 -0.12 3.74
C LEU A 27 -6.37 0.58 2.47
N ALA A 28 -7.65 0.39 2.13
CA ALA A 28 -8.22 1.01 0.94
C ALA A 28 -8.06 2.53 0.97
N ASP A 29 -8.08 3.10 2.17
CA ASP A 29 -7.94 4.54 2.34
C ASP A 29 -6.56 5.00 1.88
N TYR A 30 -5.53 4.25 2.26
CA TYR A 30 -4.17 4.58 1.89
C TYR A 30 -4.05 4.82 0.39
N PHE A 31 -4.66 3.94 -0.39
CA PHE A 31 -4.62 4.04 -1.85
C PHE A 31 -5.38 5.29 -2.32
N LYS A 32 -6.52 5.54 -1.69
CA LYS A 32 -7.35 6.69 -2.03
C LYS A 32 -6.54 7.98 -1.96
N LYS A 33 -5.51 7.99 -1.12
CA LYS A 33 -4.66 9.15 -0.96
C LYS A 33 -3.59 9.21 -2.06
N LEU A 34 -3.25 8.05 -2.61
CA LEU A 34 -2.26 7.97 -3.67
C LEU A 34 -2.91 8.02 -5.04
N ASN A 35 -4.17 8.47 -5.07
CA ASN A 35 -4.91 8.57 -6.33
C ASN A 35 -5.10 7.19 -6.96
N TYR A 36 -5.00 6.15 -6.14
CA TYR A 36 -5.16 4.78 -6.61
C TYR A 36 -6.54 4.25 -6.28
N LYS A 37 -7.57 4.83 -6.90
CA LYS A 37 -8.94 4.40 -6.67
C LYS A 37 -9.21 3.03 -7.29
N ASP A 38 -8.38 2.66 -8.26
CA ASP A 38 -8.52 1.38 -8.93
C ASP A 38 -8.01 0.24 -8.05
N CYS A 39 -7.12 0.58 -7.12
CA CYS A 39 -6.55 -0.42 -6.21
C CYS A 39 -7.41 -0.55 -4.95
N GLU A 40 -7.74 0.58 -4.35
CA GLU A 40 -8.56 0.58 -3.13
C GLU A 40 -9.83 -0.24 -3.33
N LYS A 41 -10.31 -0.29 -4.57
CA LYS A 41 -11.52 -1.03 -4.89
C LYS A 41 -11.33 -2.52 -4.61
N ALA A 42 -10.31 -3.11 -5.21
CA ALA A 42 -10.02 -4.53 -5.02
C ALA A 42 -9.62 -4.82 -3.58
N VAL A 43 -9.01 -3.83 -2.93
CA VAL A 43 -8.57 -3.97 -1.54
C VAL A 43 -9.76 -4.22 -0.62
N LYS A 44 -10.90 -3.64 -0.95
CA LYS A 44 -12.11 -3.80 -0.16
C LYS A 44 -12.98 -4.91 -0.72
N LYS A 45 -13.02 -5.03 -2.04
CA LYS A 45 -13.81 -6.06 -2.70
C LYS A 45 -13.25 -7.45 -2.41
N TYR A 46 -11.95 -7.62 -2.65
CA TYR A 46 -11.30 -8.90 -2.41
C TYR A 46 -10.92 -9.05 -0.95
N HIS A 47 -11.07 -7.98 -0.19
CA HIS A 47 -10.74 -7.99 1.24
C HIS A 47 -9.25 -8.24 1.45
N ILE A 48 -8.43 -7.31 0.99
CA ILE A 48 -6.98 -7.43 1.13
C ILE A 48 -6.45 -6.49 2.21
N ASP A 49 -6.10 -7.06 3.36
CA ASP A 49 -5.58 -6.28 4.47
C ASP A 49 -4.13 -5.86 4.21
N GLY A 50 -3.64 -4.90 4.98
CA GLY A 50 -2.28 -4.43 4.82
C GLY A 50 -1.28 -5.57 4.81
N ALA A 51 -1.41 -6.48 5.77
CA ALA A 51 -0.51 -7.62 5.87
C ALA A 51 -0.46 -8.40 4.56
N ARG A 52 -1.55 -8.34 3.80
CA ARG A 52 -1.63 -9.05 2.53
C ARG A 52 -0.98 -8.22 1.42
N PHE A 53 -0.95 -6.91 1.60
CA PHE A 53 -0.35 -6.02 0.62
C PHE A 53 1.16 -6.19 0.56
N LEU A 54 1.81 -6.08 1.70
CA LEU A 54 3.26 -6.22 1.78
C LEU A 54 3.69 -7.58 1.24
N ASN A 55 2.82 -8.57 1.36
CA ASN A 55 3.12 -9.91 0.88
C ASN A 55 2.54 -10.12 -0.52
N LEU A 56 2.47 -9.05 -1.30
CA LEU A 56 1.94 -9.11 -2.66
C LEU A 56 2.63 -10.22 -3.46
N THR A 57 1.91 -11.31 -3.69
CA THR A 57 2.45 -12.43 -4.44
C THR A 57 1.73 -12.59 -5.78
N GLU A 58 2.23 -13.51 -6.60
CA GLU A 58 1.63 -13.75 -7.92
C GLU A 58 0.16 -14.13 -7.78
N ASN A 59 -0.20 -14.64 -6.61
CA ASN A 59 -1.59 -15.03 -6.36
C ASN A 59 -2.46 -13.82 -6.05
N ASP A 60 -1.82 -12.77 -5.54
CA ASP A 60 -2.53 -11.54 -5.19
C ASP A 60 -2.54 -10.57 -6.37
N ILE A 61 -1.38 -10.42 -7.01
CA ILE A 61 -1.26 -9.52 -8.15
C ILE A 61 -2.30 -9.83 -9.22
N GLN A 62 -2.60 -11.12 -9.38
CA GLN A 62 -3.59 -11.54 -10.37
C GLN A 62 -4.95 -10.90 -10.10
N LYS A 63 -5.17 -10.52 -8.84
CA LYS A 63 -6.43 -9.90 -8.45
C LYS A 63 -6.35 -8.37 -8.59
N PHE A 64 -5.30 -7.90 -9.26
CA PHE A 64 -5.10 -6.48 -9.46
C PHE A 64 -5.00 -6.14 -10.95
N PRO A 65 -5.23 -4.86 -11.28
CA PRO A 65 -5.16 -4.39 -12.67
C PRO A 65 -3.74 -4.39 -13.23
N LYS A 66 -3.62 -4.58 -14.53
CA LYS A 66 -2.31 -4.60 -15.18
C LYS A 66 -1.70 -3.20 -15.21
N LEU A 67 -2.46 -2.22 -14.77
CA LEU A 67 -2.00 -0.83 -14.75
C LEU A 67 -1.44 -0.47 -13.38
N ARG A 68 -1.77 -1.28 -12.37
CA ARG A 68 -1.31 -1.05 -11.02
C ARG A 68 -0.54 -2.25 -10.48
N VAL A 69 -0.53 -3.34 -11.26
CA VAL A 69 0.16 -4.55 -10.88
C VAL A 69 1.58 -4.26 -10.44
N PRO A 70 2.36 -3.62 -11.33
CA PRO A 70 3.75 -3.26 -11.05
C PRO A 70 3.88 -2.16 -10.01
N ILE A 71 2.87 -1.30 -9.95
CA ILE A 71 2.85 -0.20 -8.98
C ILE A 71 2.71 -0.72 -7.56
N LEU A 72 1.83 -1.69 -7.38
CA LEU A 72 1.60 -2.28 -6.06
C LEU A 72 2.79 -3.12 -5.61
N SER A 73 3.37 -3.85 -6.56
CA SER A 73 4.52 -4.70 -6.27
C SER A 73 5.73 -3.86 -5.84
N LYS A 74 5.84 -2.67 -6.40
CA LYS A 74 6.93 -1.77 -6.08
C LYS A 74 6.65 -1.00 -4.79
N LEU A 75 5.38 -0.71 -4.55
CA LEU A 75 4.97 0.02 -3.35
C LEU A 75 5.02 -0.89 -2.13
N SER A 76 4.48 -2.09 -2.26
CA SER A 76 4.45 -3.05 -1.16
C SER A 76 5.85 -3.24 -0.58
N GLN A 77 6.86 -3.18 -1.45
CA GLN A 77 8.25 -3.33 -1.01
C GLN A 77 8.75 -2.08 -0.31
N GLU A 78 8.31 -0.93 -0.80
CA GLU A 78 8.72 0.36 -0.23
C GLU A 78 8.35 0.43 1.25
N ILE A 79 7.21 -0.14 1.60
CA ILE A 79 6.75 -0.15 2.98
C ILE A 79 7.59 -1.08 3.84
N ASN A 80 7.86 -2.27 3.32
CA ASN A 80 8.66 -3.26 4.04
C ASN A 80 10.02 -2.69 4.43
N LYS A 81 10.53 -1.77 3.61
CA LYS A 81 11.81 -1.13 3.88
C LYS A 81 11.64 0.09 4.77
N ASN A 82 10.40 0.55 4.91
CA ASN A 82 10.11 1.72 5.73
C ASN A 82 10.07 1.35 7.20
N GLU A 83 10.10 0.05 7.49
CA GLU A 83 10.07 -0.44 8.86
C GLU A 83 11.14 0.24 9.71
N GLU A 84 10.72 0.75 10.87
CA GLU A 84 11.65 1.43 11.77
C GLU A 84 12.72 0.47 12.28
N ARG A 85 13.96 0.72 11.88
CA ARG A 85 15.08 -0.12 12.30
C ARG A 85 15.21 -0.15 13.82
N ARG A 86 14.87 -1.28 14.42
CA ARG A 86 14.95 -1.44 15.86
C ARG A 86 16.07 -2.39 16.25
N SER A 87 15.98 -3.63 15.79
CA SER A 87 16.99 -4.64 16.09
C SER A 87 16.75 -5.91 15.28
N ILE A 88 16.57 -5.75 13.98
CA ILE A 88 16.34 -6.88 13.09
C ILE A 88 17.64 -7.46 12.57
N PHE A 89 17.82 -8.77 12.72
CA PHE A 89 19.02 -9.44 12.27
C PHE A 89 18.71 -10.40 11.12
N THR A 90 17.68 -10.08 10.35
CA THR A 90 17.28 -10.90 9.22
C THR A 90 16.69 -10.05 8.10
N GLY A 1 -3.17 21.74 -13.78
CA GLY A 1 -4.03 20.74 -13.18
C GLY A 1 -4.88 21.30 -12.06
N SER A 2 -5.82 20.51 -11.57
CA SER A 2 -6.71 20.93 -10.49
C SER A 2 -6.22 20.41 -9.14
N SER A 3 -4.91 20.52 -8.92
CA SER A 3 -4.31 20.07 -7.67
C SER A 3 -4.51 18.56 -7.49
N GLY A 4 -3.82 17.77 -8.31
CA GLY A 4 -3.95 16.33 -8.23
C GLY A 4 -2.64 15.61 -8.50
N SER A 5 -2.55 14.95 -9.64
CA SER A 5 -1.34 14.22 -10.01
C SER A 5 -1.24 14.06 -11.52
N SER A 6 -0.18 13.40 -11.98
CA SER A 6 0.04 13.18 -13.40
C SER A 6 1.08 12.10 -13.64
N GLY A 7 0.62 10.85 -13.71
CA GLY A 7 1.52 9.74 -13.92
C GLY A 7 1.66 8.85 -12.70
N MET A 8 2.71 9.08 -11.91
CA MET A 8 2.95 8.29 -10.71
C MET A 8 2.37 9.00 -9.48
N ALA A 9 2.40 8.31 -8.34
CA ALA A 9 1.88 8.86 -7.10
C ALA A 9 2.62 8.29 -5.90
N LEU A 10 3.93 8.09 -6.05
CA LEU A 10 4.75 7.55 -4.97
C LEU A 10 5.59 8.64 -4.32
N ARG A 11 4.97 9.45 -3.47
CA ARG A 11 5.66 10.52 -2.79
C ARG A 11 5.81 10.22 -1.30
N ASN A 12 4.89 9.42 -0.77
CA ASN A 12 4.92 9.05 0.64
C ASN A 12 4.59 7.57 0.83
N VAL A 13 5.22 6.95 1.81
CA VAL A 13 4.99 5.53 2.11
C VAL A 13 4.88 5.29 3.60
N PRO A 14 3.86 4.52 4.00
CA PRO A 14 3.62 4.19 5.42
C PRO A 14 4.68 3.24 5.97
N PHE A 15 4.57 2.94 7.25
CA PHE A 15 5.52 2.04 7.91
C PHE A 15 5.03 0.60 7.85
N ARG A 16 5.97 -0.34 7.89
CA ARG A 16 5.64 -1.76 7.84
C ARG A 16 4.76 -2.15 9.03
N SER A 17 5.26 -1.92 10.23
CA SER A 17 4.52 -2.24 11.45
C SER A 17 3.11 -1.68 11.39
N GLU A 18 2.95 -0.55 10.72
CA GLU A 18 1.64 0.10 10.59
C GLU A 18 0.74 -0.69 9.66
N VAL A 19 1.31 -1.20 8.56
CA VAL A 19 0.54 -1.97 7.59
C VAL A 19 0.21 -3.36 8.13
N LEU A 20 1.13 -3.91 8.92
CA LEU A 20 0.94 -5.24 9.50
C LEU A 20 -0.29 -5.26 10.41
N GLY A 21 -0.70 -4.08 10.86
CA GLY A 21 -1.86 -3.98 11.74
C GLY A 21 -3.04 -3.31 11.06
N TRP A 22 -3.00 -3.26 9.73
CA TRP A 22 -4.08 -2.64 8.96
C TRP A 22 -5.19 -3.64 8.67
N ASP A 23 -6.21 -3.20 7.95
CA ASP A 23 -7.34 -4.06 7.60
C ASP A 23 -7.69 -3.93 6.11
N PRO A 24 -8.46 -4.90 5.60
CA PRO A 24 -8.87 -4.92 4.20
C PRO A 24 -9.88 -3.81 3.88
N ASP A 25 -10.33 -3.12 4.92
CA ASP A 25 -11.30 -2.04 4.74
C ASP A 25 -10.64 -0.69 5.00
N SER A 26 -9.54 -0.70 5.74
CA SER A 26 -8.82 0.53 6.07
C SER A 26 -7.72 0.80 5.05
N LEU A 27 -6.98 -0.25 4.70
CA LEU A 27 -5.90 -0.12 3.74
C LEU A 27 -6.37 0.58 2.47
N ALA A 28 -7.64 0.39 2.13
CA ALA A 28 -8.22 1.01 0.94
C ALA A 28 -8.06 2.52 0.98
N ASP A 29 -8.09 3.08 2.17
CA ASP A 29 -7.95 4.53 2.34
C ASP A 29 -6.57 5.00 1.88
N TYR A 30 -5.55 4.24 2.26
CA TYR A 30 -4.17 4.58 1.89
C TYR A 30 -4.06 4.82 0.39
N PHE A 31 -4.66 3.93 -0.40
CA PHE A 31 -4.63 4.05 -1.85
C PHE A 31 -5.39 5.29 -2.32
N LYS A 32 -6.52 5.54 -1.69
CA LYS A 32 -7.36 6.70 -2.03
C LYS A 32 -6.55 7.98 -1.96
N LYS A 33 -5.51 7.99 -1.12
CA LYS A 33 -4.66 9.15 -0.96
C LYS A 33 -3.61 9.20 -2.06
N LEU A 34 -3.26 8.05 -2.60
CA LEU A 34 -2.26 7.97 -3.67
C LEU A 34 -2.91 8.02 -5.04
N ASN A 35 -4.17 8.47 -5.07
CA ASN A 35 -4.91 8.56 -6.32
C ASN A 35 -5.10 7.19 -6.95
N TYR A 36 -4.99 6.15 -6.14
CA TYR A 36 -5.15 4.78 -6.61
C TYR A 36 -6.54 4.24 -6.28
N LYS A 37 -7.56 4.82 -6.91
CA LYS A 37 -8.94 4.40 -6.67
C LYS A 37 -9.20 3.03 -7.29
N ASP A 38 -8.37 2.65 -8.26
CA ASP A 38 -8.51 1.38 -8.94
C ASP A 38 -8.00 0.24 -8.05
N CYS A 39 -7.12 0.58 -7.12
CA CYS A 39 -6.56 -0.41 -6.21
C CYS A 39 -7.41 -0.55 -4.95
N GLU A 40 -7.75 0.58 -4.35
CA GLU A 40 -8.57 0.58 -3.13
C GLU A 40 -9.84 -0.24 -3.33
N LYS A 41 -10.32 -0.28 -4.57
CA LYS A 41 -11.53 -1.03 -4.89
C LYS A 41 -11.34 -2.52 -4.61
N ALA A 42 -10.31 -3.11 -5.21
CA ALA A 42 -10.02 -4.53 -5.02
C ALA A 42 -9.63 -4.80 -3.57
N VAL A 43 -9.01 -3.83 -2.93
CA VAL A 43 -8.57 -3.97 -1.55
C VAL A 43 -9.76 -4.22 -0.62
N LYS A 44 -10.90 -3.62 -0.96
CA LYS A 44 -12.11 -3.79 -0.15
C LYS A 44 -12.98 -4.91 -0.72
N LYS A 45 -13.02 -5.02 -2.04
CA LYS A 45 -13.82 -6.05 -2.69
C LYS A 45 -13.26 -7.44 -2.40
N TYR A 46 -11.96 -7.61 -2.65
CA TYR A 46 -11.30 -8.90 -2.41
C TYR A 46 -10.92 -9.05 -0.94
N HIS A 47 -11.07 -7.97 -0.18
CA HIS A 47 -10.75 -7.98 1.25
C HIS A 47 -9.26 -8.24 1.46
N ILE A 48 -8.43 -7.31 0.99
CA ILE A 48 -6.99 -7.44 1.13
C ILE A 48 -6.45 -6.50 2.22
N ASP A 49 -6.11 -7.06 3.36
CA ASP A 49 -5.58 -6.27 4.47
C ASP A 49 -4.14 -5.86 4.21
N GLY A 50 -3.65 -4.90 4.99
CA GLY A 50 -2.29 -4.43 4.82
C GLY A 50 -1.28 -5.56 4.81
N ALA A 51 -1.42 -6.48 5.76
CA ALA A 51 -0.52 -7.62 5.87
C ALA A 51 -0.46 -8.39 4.55
N ARG A 52 -1.55 -8.34 3.80
CA ARG A 52 -1.62 -9.04 2.53
C ARG A 52 -0.98 -8.21 1.41
N PHE A 53 -0.94 -6.91 1.60
CA PHE A 53 -0.36 -6.00 0.62
C PHE A 53 1.16 -6.18 0.55
N LEU A 54 1.82 -6.06 1.71
CA LEU A 54 3.26 -6.21 1.78
C LEU A 54 3.70 -7.56 1.24
N ASN A 55 2.83 -8.55 1.36
CA ASN A 55 3.13 -9.90 0.87
C ASN A 55 2.56 -10.11 -0.53
N LEU A 56 2.48 -9.03 -1.30
CA LEU A 56 1.96 -9.11 -2.65
C LEU A 56 2.65 -10.21 -3.45
N THR A 57 1.91 -11.30 -3.69
CA THR A 57 2.46 -12.42 -4.44
C THR A 57 1.74 -12.59 -5.77
N GLU A 58 2.25 -13.50 -6.61
CA GLU A 58 1.64 -13.76 -7.91
C GLU A 58 0.17 -14.12 -7.78
N ASN A 59 -0.19 -14.64 -6.61
CA ASN A 59 -1.58 -15.04 -6.34
C ASN A 59 -2.44 -13.83 -6.04
N ASP A 60 -1.81 -12.76 -5.53
CA ASP A 60 -2.52 -11.54 -5.19
C ASP A 60 -2.53 -10.57 -6.37
N ILE A 61 -1.38 -10.42 -7.01
CA ILE A 61 -1.25 -9.52 -8.15
C ILE A 61 -2.30 -9.84 -9.21
N GLN A 62 -2.60 -11.12 -9.38
CA GLN A 62 -3.59 -11.55 -10.36
C GLN A 62 -4.95 -10.90 -10.09
N LYS A 63 -5.17 -10.52 -8.84
CA LYS A 63 -6.43 -9.90 -8.45
C LYS A 63 -6.34 -8.38 -8.59
N PHE A 64 -5.30 -7.90 -9.26
CA PHE A 64 -5.10 -6.48 -9.46
C PHE A 64 -5.00 -6.14 -10.95
N PRO A 65 -5.23 -4.86 -11.28
CA PRO A 65 -5.16 -4.39 -12.67
C PRO A 65 -3.74 -4.39 -13.23
N LYS A 66 -3.61 -4.59 -14.52
CA LYS A 66 -2.31 -4.60 -15.18
C LYS A 66 -1.69 -3.21 -15.21
N LEU A 67 -2.46 -2.22 -14.77
CA LEU A 67 -2.00 -0.84 -14.74
C LEU A 67 -1.44 -0.47 -13.38
N ARG A 68 -1.77 -1.28 -12.37
CA ARG A 68 -1.31 -1.05 -11.01
C ARG A 68 -0.54 -2.25 -10.48
N VAL A 69 -0.53 -3.34 -11.26
CA VAL A 69 0.16 -4.56 -10.87
C VAL A 69 1.59 -4.26 -10.44
N PRO A 70 2.36 -3.63 -11.32
CA PRO A 70 3.75 -3.26 -11.04
C PRO A 70 3.88 -2.16 -10.01
N ILE A 71 2.87 -1.30 -9.94
CA ILE A 71 2.85 -0.20 -8.98
C ILE A 71 2.71 -0.72 -7.56
N LEU A 72 1.83 -1.69 -7.38
CA LEU A 72 1.60 -2.28 -6.06
C LEU A 72 2.79 -3.12 -5.61
N SER A 73 3.37 -3.85 -6.56
CA SER A 73 4.53 -4.69 -6.26
C SER A 73 5.73 -3.86 -5.84
N LYS A 74 5.84 -2.67 -6.40
CA LYS A 74 6.94 -1.76 -6.08
C LYS A 74 6.65 -1.00 -4.79
N LEU A 75 5.38 -0.71 -4.55
CA LEU A 75 4.97 0.02 -3.35
C LEU A 75 5.02 -0.89 -2.13
N SER A 76 4.48 -2.09 -2.26
CA SER A 76 4.45 -3.04 -1.16
C SER A 76 5.85 -3.24 -0.58
N GLN A 77 6.85 -3.18 -1.44
CA GLN A 77 8.23 -3.35 -1.00
C GLN A 77 8.74 -2.08 -0.32
N GLU A 78 8.30 -0.93 -0.81
CA GLU A 78 8.72 0.35 -0.24
C GLU A 78 8.34 0.42 1.25
N ILE A 79 7.21 -0.16 1.60
CA ILE A 79 6.74 -0.16 2.98
C ILE A 79 7.57 -1.10 3.84
N ASN A 80 7.86 -2.28 3.32
CA ASN A 80 8.65 -3.28 4.03
C ASN A 80 10.00 -2.70 4.44
N LYS A 81 10.52 -1.77 3.64
CA LYS A 81 11.80 -1.15 3.92
C LYS A 81 11.62 0.08 4.81
N ASN A 82 10.38 0.54 4.94
CA ASN A 82 10.07 1.69 5.77
C ASN A 82 10.00 1.31 7.24
N GLU A 83 10.06 0.01 7.51
CA GLU A 83 9.99 -0.50 8.88
C GLU A 83 11.01 0.22 9.76
N GLU A 84 10.55 0.69 10.92
CA GLU A 84 11.42 1.38 11.86
C GLU A 84 12.56 0.48 12.33
N ARG A 85 13.75 0.73 11.83
CA ARG A 85 14.92 -0.07 12.19
C ARG A 85 15.10 -0.10 13.71
N ARG A 86 15.61 -1.22 14.22
CA ARG A 86 15.83 -1.38 15.65
C ARG A 86 17.05 -0.58 16.10
N SER A 87 18.20 -0.85 15.49
CA SER A 87 19.43 -0.16 15.83
C SER A 87 19.82 -0.44 17.28
N ILE A 88 20.92 0.16 17.71
CA ILE A 88 21.40 -0.01 19.09
C ILE A 88 21.68 -1.48 19.38
N PHE A 89 22.74 -2.01 18.77
CA PHE A 89 23.11 -3.41 18.98
C PHE A 89 21.96 -4.34 18.61
N THR A 90 21.15 -3.92 17.64
CA THR A 90 20.02 -4.71 17.19
C THR A 90 19.45 -4.18 15.88
N GLY A 1 -7.91 24.24 0.49
CA GLY A 1 -7.89 25.69 0.46
C GLY A 1 -8.31 26.26 -0.88
N SER A 2 -7.44 27.04 -1.50
CA SER A 2 -7.74 27.64 -2.79
C SER A 2 -7.41 26.69 -3.93
N SER A 3 -6.13 26.34 -4.06
CA SER A 3 -5.69 25.43 -5.11
C SER A 3 -5.85 23.98 -4.67
N GLY A 4 -5.66 23.72 -3.38
CA GLY A 4 -5.78 22.37 -2.86
C GLY A 4 -4.46 21.65 -2.79
N SER A 5 -4.50 20.33 -2.95
CA SER A 5 -3.29 19.51 -2.90
C SER A 5 -3.23 18.56 -4.09
N SER A 6 -2.08 17.93 -4.27
CA SER A 6 -1.89 17.00 -5.38
C SER A 6 -0.88 15.91 -5.00
N GLY A 7 -0.80 14.87 -5.83
CA GLY A 7 0.12 13.78 -5.57
C GLY A 7 0.28 12.86 -6.76
N MET A 8 -0.63 11.89 -6.88
CA MET A 8 -0.58 10.93 -7.98
C MET A 8 0.73 10.16 -7.99
N ALA A 9 1.23 9.85 -6.79
CA ALA A 9 2.48 9.11 -6.65
C ALA A 9 2.75 8.76 -5.20
N LEU A 10 3.86 8.05 -4.95
CA LEU A 10 4.22 7.66 -3.59
C LEU A 10 4.69 8.86 -2.79
N ARG A 11 3.74 9.60 -2.22
CA ARG A 11 4.06 10.77 -1.42
C ARG A 11 4.88 10.38 -0.19
N ASN A 12 4.22 9.78 0.78
CA ASN A 12 4.90 9.35 2.01
C ASN A 12 4.53 7.92 2.37
N VAL A 13 5.31 6.96 1.86
CA VAL A 13 5.07 5.56 2.13
C VAL A 13 4.93 5.30 3.63
N PRO A 14 3.89 4.53 4.00
CA PRO A 14 3.63 4.19 5.41
C PRO A 14 4.68 3.24 5.98
N PHE A 15 4.57 2.95 7.27
CA PHE A 15 5.50 2.04 7.93
C PHE A 15 5.01 0.60 7.85
N ARG A 16 5.96 -0.33 7.78
CA ARG A 16 5.63 -1.75 7.70
C ARG A 16 4.75 -2.18 8.87
N SER A 17 5.24 -1.96 10.08
CA SER A 17 4.50 -2.32 11.28
C SER A 17 3.08 -1.78 11.23
N GLU A 18 2.93 -0.58 10.69
CA GLU A 18 1.62 0.06 10.58
C GLU A 18 0.71 -0.73 9.64
N VAL A 19 1.28 -1.22 8.54
CA VAL A 19 0.53 -1.99 7.56
C VAL A 19 0.18 -3.37 8.10
N LEU A 20 1.06 -3.92 8.93
CA LEU A 20 0.85 -5.24 9.51
C LEU A 20 -0.38 -5.25 10.41
N GLY A 21 -0.74 -4.07 10.92
CA GLY A 21 -1.91 -3.96 11.77
C GLY A 21 -3.09 -3.30 11.09
N TRP A 22 -3.04 -3.25 9.76
CA TRP A 22 -4.11 -2.64 8.98
C TRP A 22 -5.23 -3.64 8.70
N ASP A 23 -6.24 -3.19 7.96
CA ASP A 23 -7.37 -4.05 7.61
C ASP A 23 -7.71 -3.93 6.14
N PRO A 24 -8.48 -4.90 5.61
CA PRO A 24 -8.90 -4.91 4.22
C PRO A 24 -9.90 -3.81 3.89
N ASP A 25 -10.36 -3.11 4.92
CA ASP A 25 -11.32 -2.03 4.75
C ASP A 25 -10.67 -0.67 5.01
N SER A 26 -9.56 -0.69 5.75
CA SER A 26 -8.84 0.54 6.07
C SER A 26 -7.75 0.81 5.06
N LEU A 27 -7.00 -0.24 4.70
CA LEU A 27 -5.92 -0.12 3.73
C LEU A 27 -6.39 0.57 2.47
N ALA A 28 -7.67 0.39 2.14
CA ALA A 28 -8.24 1.01 0.95
C ALA A 28 -8.08 2.52 0.99
N ASP A 29 -8.11 3.09 2.18
CA ASP A 29 -7.96 4.53 2.35
C ASP A 29 -6.58 5.00 1.89
N TYR A 30 -5.56 4.24 2.27
CA TYR A 30 -4.18 4.57 1.91
C TYR A 30 -4.06 4.81 0.41
N PHE A 31 -4.67 3.93 -0.37
CA PHE A 31 -4.63 4.03 -1.83
C PHE A 31 -5.38 5.27 -2.30
N LYS A 32 -6.52 5.54 -1.68
CA LYS A 32 -7.35 6.69 -2.03
C LYS A 32 -6.53 7.98 -1.96
N LYS A 33 -5.49 7.98 -1.13
CA LYS A 33 -4.64 9.15 -0.96
C LYS A 33 -3.57 9.19 -2.06
N LEU A 34 -3.23 8.02 -2.59
CA LEU A 34 -2.22 7.93 -3.64
C LEU A 34 -2.87 7.99 -5.02
N ASN A 35 -4.12 8.42 -5.07
CA ASN A 35 -4.86 8.53 -6.32
C ASN A 35 -5.05 7.16 -6.95
N TYR A 36 -4.95 6.12 -6.14
CA TYR A 36 -5.11 4.75 -6.62
C TYR A 36 -6.50 4.22 -6.28
N LYS A 37 -7.51 4.81 -6.91
CA LYS A 37 -8.89 4.39 -6.69
C LYS A 37 -9.15 3.01 -7.30
N ASP A 38 -8.33 2.64 -8.27
CA ASP A 38 -8.48 1.36 -8.94
C ASP A 38 -7.97 0.22 -8.05
N CYS A 39 -7.11 0.56 -7.10
CA CYS A 39 -6.56 -0.42 -6.18
C CYS A 39 -7.43 -0.56 -4.93
N GLU A 40 -7.76 0.58 -4.32
CA GLU A 40 -8.59 0.58 -3.12
C GLU A 40 -9.86 -0.23 -3.33
N LYS A 41 -10.33 -0.27 -4.57
CA LYS A 41 -11.54 -1.02 -4.90
C LYS A 41 -11.36 -2.51 -4.62
N ALA A 42 -10.33 -3.09 -5.20
CA ALA A 42 -10.04 -4.51 -5.01
C ALA A 42 -9.64 -4.80 -3.57
N VAL A 43 -9.02 -3.81 -2.92
CA VAL A 43 -8.59 -3.95 -1.54
C VAL A 43 -9.78 -4.22 -0.62
N LYS A 44 -10.91 -3.62 -0.95
CA LYS A 44 -12.13 -3.79 -0.15
C LYS A 44 -12.99 -4.91 -0.72
N LYS A 45 -13.04 -5.02 -2.03
CA LYS A 45 -13.82 -6.05 -2.69
C LYS A 45 -13.27 -7.43 -2.40
N TYR A 46 -11.97 -7.61 -2.65
CA TYR A 46 -11.32 -8.89 -2.41
C TYR A 46 -10.94 -9.04 -0.94
N HIS A 47 -11.09 -7.96 -0.18
CA HIS A 47 -10.76 -7.97 1.24
C HIS A 47 -9.28 -8.23 1.45
N ILE A 48 -8.45 -7.30 0.99
CA ILE A 48 -7.00 -7.42 1.14
C ILE A 48 -6.47 -6.48 2.21
N ASP A 49 -6.13 -7.05 3.37
CA ASP A 49 -5.60 -6.27 4.47
C ASP A 49 -4.15 -5.86 4.22
N GLY A 50 -3.66 -4.90 4.99
CA GLY A 50 -2.30 -4.43 4.83
C GLY A 50 -1.29 -5.57 4.83
N ALA A 51 -1.45 -6.49 5.78
CA ALA A 51 -0.54 -7.63 5.88
C ALA A 51 -0.49 -8.41 4.57
N ARG A 52 -1.57 -8.35 3.80
CA ARG A 52 -1.65 -9.04 2.53
C ARG A 52 -1.00 -8.22 1.43
N PHE A 53 -0.94 -6.90 1.62
CA PHE A 53 -0.35 -6.01 0.64
C PHE A 53 1.17 -6.18 0.59
N LEU A 54 1.81 -6.06 1.74
CA LEU A 54 3.26 -6.22 1.83
C LEU A 54 3.70 -7.57 1.28
N ASN A 55 2.82 -8.56 1.40
CA ASN A 55 3.12 -9.91 0.92
C ASN A 55 2.55 -10.12 -0.48
N LEU A 56 2.49 -9.05 -1.26
CA LEU A 56 1.96 -9.11 -2.62
C LEU A 56 2.65 -10.22 -3.41
N THR A 57 1.92 -11.31 -3.65
CA THR A 57 2.45 -12.44 -4.40
C THR A 57 1.73 -12.60 -5.74
N GLU A 58 2.24 -13.50 -6.56
CA GLU A 58 1.65 -13.76 -7.87
C GLU A 58 0.18 -14.13 -7.74
N ASN A 59 -0.20 -14.65 -6.58
CA ASN A 59 -1.58 -15.05 -6.34
C ASN A 59 -2.44 -13.83 -6.01
N ASP A 60 -1.81 -12.78 -5.52
CA ASP A 60 -2.52 -11.55 -5.17
C ASP A 60 -2.52 -10.58 -6.35
N ILE A 61 -1.37 -10.42 -6.98
CA ILE A 61 -1.24 -9.53 -8.13
C ILE A 61 -2.29 -9.83 -9.20
N GLN A 62 -2.59 -11.12 -9.35
CA GLN A 62 -3.57 -11.55 -10.34
C GLN A 62 -4.94 -10.91 -10.07
N LYS A 63 -5.16 -10.53 -8.82
CA LYS A 63 -6.42 -9.91 -8.43
C LYS A 63 -6.34 -8.39 -8.58
N PHE A 64 -5.29 -7.92 -9.22
CA PHE A 64 -5.09 -6.49 -9.44
C PHE A 64 -5.00 -6.17 -10.93
N PRO A 65 -5.23 -4.90 -11.27
CA PRO A 65 -5.16 -4.43 -12.66
C PRO A 65 -3.74 -4.42 -13.21
N LYS A 66 -3.61 -4.61 -14.52
CA LYS A 66 -2.30 -4.63 -15.16
C LYS A 66 -1.70 -3.23 -15.20
N LEU A 67 -2.47 -2.24 -14.75
CA LEU A 67 -2.00 -0.86 -14.73
C LEU A 67 -1.45 -0.50 -13.36
N ARG A 68 -1.78 -1.31 -12.36
CA ARG A 68 -1.31 -1.06 -10.99
C ARG A 68 -0.55 -2.27 -10.47
N VAL A 69 -0.53 -3.35 -11.25
CA VAL A 69 0.16 -4.57 -10.85
C VAL A 69 1.59 -4.26 -10.42
N PRO A 70 2.36 -3.63 -11.32
CA PRO A 70 3.75 -3.26 -11.04
C PRO A 70 3.87 -2.15 -10.00
N ILE A 71 2.86 -1.30 -9.94
CA ILE A 71 2.84 -0.20 -8.98
C ILE A 71 2.70 -0.70 -7.55
N LEU A 72 1.83 -1.69 -7.37
CA LEU A 72 1.60 -2.27 -6.05
C LEU A 72 2.79 -3.11 -5.60
N SER A 73 3.39 -3.84 -6.55
CA SER A 73 4.54 -4.68 -6.26
C SER A 73 5.73 -3.84 -5.83
N LYS A 74 5.85 -2.64 -6.40
CA LYS A 74 6.95 -1.73 -6.08
C LYS A 74 6.66 -0.97 -4.78
N LEU A 75 5.38 -0.69 -4.54
CA LEU A 75 4.99 0.03 -3.34
C LEU A 75 5.04 -0.88 -2.12
N SER A 76 4.49 -2.08 -2.25
CA SER A 76 4.48 -3.04 -1.16
C SER A 76 5.88 -3.23 -0.58
N GLN A 77 6.88 -3.15 -1.45
CA GLN A 77 8.27 -3.31 -1.02
C GLN A 77 8.77 -2.06 -0.32
N GLU A 78 8.34 -0.91 -0.81
CA GLU A 78 8.75 0.37 -0.23
C GLU A 78 8.38 0.44 1.25
N ILE A 79 7.23 -0.13 1.60
CA ILE A 79 6.77 -0.13 2.98
C ILE A 79 7.61 -1.07 3.84
N ASN A 80 7.93 -2.24 3.28
CA ASN A 80 8.73 -3.23 4.00
C ASN A 80 10.07 -2.64 4.43
N LYS A 81 10.61 -1.74 3.61
CA LYS A 81 11.88 -1.10 3.90
C LYS A 81 11.67 0.19 4.70
N ASN A 82 10.44 0.39 5.18
CA ASN A 82 10.12 1.58 5.95
C ASN A 82 10.03 1.26 7.44
N GLU A 83 10.11 -0.03 7.77
CA GLU A 83 10.04 -0.47 9.15
C GLU A 83 11.03 0.30 10.03
N GLU A 84 10.57 0.77 11.17
CA GLU A 84 11.41 1.52 12.09
C GLU A 84 12.49 0.63 12.69
N ARG A 85 13.75 1.00 12.47
CA ARG A 85 14.88 0.23 12.97
C ARG A 85 14.76 -1.24 12.58
N ARG A 86 15.61 -2.08 13.17
CA ARG A 86 15.61 -3.50 12.87
C ARG A 86 15.89 -3.75 11.40
N SER A 87 17.02 -3.24 10.92
CA SER A 87 17.40 -3.41 9.52
C SER A 87 18.79 -4.02 9.41
N ILE A 88 19.30 -4.12 8.18
CA ILE A 88 20.62 -4.68 7.95
C ILE A 88 21.71 -3.83 8.59
N PHE A 89 22.92 -4.35 8.62
CA PHE A 89 24.05 -3.64 9.21
C PHE A 89 25.37 -4.09 8.59
N THR A 90 25.30 -4.54 7.33
CA THR A 90 26.49 -5.00 6.63
C THR A 90 27.25 -6.03 7.44
N GLY A 1 -9.64 15.92 12.11
CA GLY A 1 -8.51 16.29 11.28
C GLY A 1 -8.84 16.25 9.81
N SER A 2 -8.02 15.55 9.03
CA SER A 2 -8.23 15.44 7.59
C SER A 2 -8.26 16.81 6.94
N SER A 3 -7.07 17.36 6.69
CA SER A 3 -6.95 18.69 6.07
C SER A 3 -5.66 18.80 5.29
N GLY A 4 -5.73 19.43 4.12
CA GLY A 4 -4.55 19.60 3.29
C GLY A 4 -4.82 19.26 1.84
N SER A 5 -3.81 19.45 0.99
CA SER A 5 -3.93 19.16 -0.43
C SER A 5 -2.65 18.57 -0.99
N SER A 6 -2.65 17.25 -1.20
CA SER A 6 -1.48 16.56 -1.72
C SER A 6 -1.81 15.11 -2.04
N GLY A 7 -1.75 14.76 -3.32
CA GLY A 7 -2.04 13.41 -3.75
C GLY A 7 -1.53 13.11 -5.14
N MET A 8 -0.24 12.82 -5.23
CA MET A 8 0.38 12.51 -6.52
C MET A 8 1.49 11.48 -6.36
N ALA A 9 1.25 10.28 -6.85
CA ALA A 9 2.22 9.20 -6.78
C ALA A 9 2.58 8.89 -5.32
N LEU A 10 3.61 8.08 -5.12
CA LEU A 10 4.05 7.71 -3.78
C LEU A 10 4.56 8.93 -3.02
N ARG A 11 3.68 9.55 -2.24
CA ARG A 11 4.04 10.73 -1.46
C ARG A 11 4.88 10.33 -0.25
N ASN A 12 4.22 9.76 0.76
CA ASN A 12 4.90 9.34 1.98
C ASN A 12 4.53 7.91 2.34
N VAL A 13 5.30 6.96 1.83
CA VAL A 13 5.06 5.55 2.10
C VAL A 13 4.93 5.28 3.60
N PRO A 14 3.90 4.52 3.98
CA PRO A 14 3.64 4.19 5.38
C PRO A 14 4.68 3.23 5.96
N PHE A 15 4.57 2.95 7.25
CA PHE A 15 5.51 2.04 7.91
C PHE A 15 5.02 0.61 7.83
N ARG A 16 5.97 -0.33 7.77
CA ARG A 16 5.64 -1.74 7.69
C ARG A 16 4.76 -2.17 8.87
N SER A 17 5.25 -1.95 10.08
CA SER A 17 4.52 -2.31 11.28
C SER A 17 3.09 -1.77 11.24
N GLU A 18 2.95 -0.57 10.68
CA GLU A 18 1.63 0.06 10.57
C GLU A 18 0.73 -0.72 9.63
N VAL A 19 1.30 -1.21 8.54
CA VAL A 19 0.53 -1.99 7.57
C VAL A 19 0.20 -3.37 8.10
N LEU A 20 1.09 -3.91 8.92
CA LEU A 20 0.89 -5.23 9.51
C LEU A 20 -0.35 -5.25 10.41
N GLY A 21 -0.72 -4.07 10.90
CA GLY A 21 -1.89 -3.98 11.76
C GLY A 21 -3.07 -3.30 11.08
N TRP A 22 -3.03 -3.26 9.75
CA TRP A 22 -4.10 -2.64 8.98
C TRP A 22 -5.21 -3.64 8.69
N ASP A 23 -6.23 -3.20 7.96
CA ASP A 23 -7.36 -4.05 7.61
C ASP A 23 -7.71 -3.92 6.13
N PRO A 24 -8.47 -4.89 5.62
CA PRO A 24 -8.90 -4.91 4.22
C PRO A 24 -9.89 -3.81 3.89
N ASP A 25 -10.35 -3.11 4.92
CA ASP A 25 -11.31 -2.03 4.75
C ASP A 25 -10.65 -0.66 5.01
N SER A 26 -9.55 -0.68 5.75
CA SER A 26 -8.83 0.54 6.07
C SER A 26 -7.72 0.81 5.05
N LEU A 27 -6.99 -0.24 4.69
CA LEU A 27 -5.91 -0.12 3.73
C LEU A 27 -6.38 0.57 2.45
N ALA A 28 -7.66 0.39 2.13
CA ALA A 28 -8.23 1.00 0.94
C ALA A 28 -8.07 2.52 0.97
N ASP A 29 -8.10 3.09 2.17
CA ASP A 29 -7.95 4.53 2.34
C ASP A 29 -6.58 4.99 1.88
N TYR A 30 -5.55 4.24 2.26
CA TYR A 30 -4.17 4.57 1.90
C TYR A 30 -4.05 4.81 0.39
N PHE A 31 -4.66 3.92 -0.39
CA PHE A 31 -4.63 4.03 -1.85
C PHE A 31 -5.38 5.26 -2.32
N LYS A 32 -6.52 5.53 -1.69
CA LYS A 32 -7.34 6.68 -2.04
C LYS A 32 -6.54 7.97 -1.97
N LYS A 33 -5.49 7.96 -1.14
CA LYS A 33 -4.63 9.14 -0.98
C LYS A 33 -3.58 9.18 -2.08
N LEU A 34 -3.25 8.02 -2.63
CA LEU A 34 -2.25 7.93 -3.70
C LEU A 34 -2.91 7.98 -5.07
N ASN A 35 -4.13 8.50 -5.12
CA ASN A 35 -4.86 8.60 -6.37
C ASN A 35 -5.04 7.24 -7.02
N TYR A 36 -4.96 6.19 -6.20
CA TYR A 36 -5.12 4.82 -6.69
C TYR A 36 -6.49 4.26 -6.32
N LYS A 37 -7.52 4.81 -6.93
CA LYS A 37 -8.89 4.37 -6.68
C LYS A 37 -9.14 3.00 -7.30
N ASP A 38 -8.34 2.65 -8.29
CA ASP A 38 -8.47 1.36 -8.96
C ASP A 38 -7.96 0.23 -8.09
N CYS A 39 -7.15 0.58 -7.09
CA CYS A 39 -6.59 -0.41 -6.18
C CYS A 39 -7.45 -0.54 -4.92
N GLU A 40 -7.78 0.59 -4.32
CA GLU A 40 -8.61 0.59 -3.12
C GLU A 40 -9.88 -0.23 -3.31
N LYS A 41 -10.36 -0.27 -4.56
CA LYS A 41 -11.56 -1.02 -4.89
C LYS A 41 -11.37 -2.51 -4.61
N ALA A 42 -10.32 -3.09 -5.20
CA ALA A 42 -10.03 -4.50 -5.01
C ALA A 42 -9.63 -4.79 -3.56
N VAL A 43 -9.02 -3.81 -2.92
CA VAL A 43 -8.58 -3.96 -1.53
C VAL A 43 -9.77 -4.23 -0.61
N LYS A 44 -10.91 -3.62 -0.95
CA LYS A 44 -12.13 -3.79 -0.15
C LYS A 44 -12.99 -4.91 -0.70
N LYS A 45 -13.04 -5.02 -2.03
CA LYS A 45 -13.82 -6.05 -2.69
C LYS A 45 -13.27 -7.43 -2.40
N TYR A 46 -11.97 -7.60 -2.64
CA TYR A 46 -11.32 -8.88 -2.40
C TYR A 46 -10.94 -9.04 -0.94
N HIS A 47 -11.09 -7.96 -0.18
CA HIS A 47 -10.77 -7.98 1.25
C HIS A 47 -9.28 -8.23 1.47
N ILE A 48 -8.45 -7.31 1.00
CA ILE A 48 -7.00 -7.43 1.15
C ILE A 48 -6.47 -6.49 2.22
N ASP A 49 -6.13 -7.06 3.38
CA ASP A 49 -5.59 -6.27 4.48
C ASP A 49 -4.15 -5.87 4.22
N GLY A 50 -3.66 -4.90 4.99
CA GLY A 50 -2.29 -4.44 4.84
C GLY A 50 -1.29 -5.57 4.84
N ALA A 51 -1.44 -6.49 5.79
CA ALA A 51 -0.54 -7.63 5.90
C ALA A 51 -0.49 -8.40 4.59
N ARG A 52 -1.57 -8.35 3.83
CA ARG A 52 -1.65 -9.06 2.55
C ARG A 52 -0.99 -8.23 1.44
N PHE A 53 -0.95 -6.92 1.63
CA PHE A 53 -0.35 -6.03 0.65
C PHE A 53 1.16 -6.20 0.60
N LEU A 54 1.81 -6.08 1.75
CA LEU A 54 3.26 -6.22 1.84
C LEU A 54 3.69 -7.58 1.30
N ASN A 55 2.82 -8.57 1.41
CA ASN A 55 3.12 -9.91 0.93
C ASN A 55 2.55 -10.13 -0.47
N LEU A 56 2.48 -9.07 -1.25
CA LEU A 56 1.97 -9.13 -2.61
C LEU A 56 2.64 -10.25 -3.39
N THR A 57 1.91 -11.32 -3.66
CA THR A 57 2.44 -12.46 -4.41
C THR A 57 1.74 -12.61 -5.74
N GLU A 58 2.24 -13.52 -6.57
CA GLU A 58 1.65 -13.78 -7.88
C GLU A 58 0.18 -14.14 -7.76
N ASN A 59 -0.20 -14.65 -6.60
CA ASN A 59 -1.59 -15.04 -6.36
C ASN A 59 -2.45 -13.82 -6.04
N ASP A 60 -1.81 -12.76 -5.53
CA ASP A 60 -2.52 -11.53 -5.19
C ASP A 60 -2.52 -10.56 -6.36
N ILE A 61 -1.36 -10.42 -7.00
CA ILE A 61 -1.21 -9.52 -8.14
C ILE A 61 -2.26 -9.83 -9.22
N GLN A 62 -2.59 -11.11 -9.36
CA GLN A 62 -3.56 -11.54 -10.35
C GLN A 62 -4.92 -10.90 -10.09
N LYS A 63 -5.16 -10.53 -8.82
CA LYS A 63 -6.42 -9.90 -8.43
C LYS A 63 -6.35 -8.39 -8.59
N PHE A 64 -5.29 -7.91 -9.22
CA PHE A 64 -5.10 -6.48 -9.44
C PHE A 64 -5.00 -6.17 -10.93
N PRO A 65 -5.23 -4.89 -11.28
CA PRO A 65 -5.16 -4.44 -12.67
C PRO A 65 -3.74 -4.42 -13.21
N LYS A 66 -3.60 -4.63 -14.52
CA LYS A 66 -2.30 -4.64 -15.17
C LYS A 66 -1.69 -3.24 -15.20
N LEU A 67 -2.48 -2.26 -14.78
CA LEU A 67 -2.01 -0.87 -14.76
C LEU A 67 -1.47 -0.49 -13.39
N ARG A 68 -1.79 -1.30 -12.39
CA ARG A 68 -1.34 -1.05 -11.03
C ARG A 68 -0.57 -2.25 -10.48
N VAL A 69 -0.54 -3.32 -11.26
CA VAL A 69 0.16 -4.54 -10.85
C VAL A 69 1.58 -4.24 -10.41
N PRO A 70 2.36 -3.60 -11.30
CA PRO A 70 3.76 -3.24 -11.01
C PRO A 70 3.86 -2.13 -9.97
N ILE A 71 2.84 -1.28 -9.92
CA ILE A 71 2.82 -0.17 -8.97
C ILE A 71 2.67 -0.67 -7.54
N LEU A 72 1.84 -1.70 -7.37
CA LEU A 72 1.61 -2.28 -6.04
C LEU A 72 2.80 -3.12 -5.61
N SER A 73 3.39 -3.84 -6.54
CA SER A 73 4.54 -4.70 -6.25
C SER A 73 5.73 -3.85 -5.82
N LYS A 74 5.85 -2.66 -6.39
CA LYS A 74 6.95 -1.75 -6.07
C LYS A 74 6.67 -0.99 -4.78
N LEU A 75 5.39 -0.70 -4.54
CA LEU A 75 4.99 0.02 -3.33
C LEU A 75 5.04 -0.88 -2.11
N SER A 76 4.48 -2.09 -2.25
CA SER A 76 4.46 -3.05 -1.15
C SER A 76 5.87 -3.24 -0.57
N GLN A 77 6.87 -3.16 -1.43
CA GLN A 77 8.25 -3.33 -1.02
C GLN A 77 8.76 -2.08 -0.30
N GLU A 78 8.34 -0.92 -0.79
CA GLU A 78 8.76 0.35 -0.21
C GLU A 78 8.40 0.41 1.28
N ILE A 79 7.22 -0.11 1.61
CA ILE A 79 6.76 -0.13 2.99
C ILE A 79 7.60 -1.07 3.84
N ASN A 80 7.93 -2.23 3.29
CA ASN A 80 8.72 -3.22 4.00
C ASN A 80 10.07 -2.62 4.44
N LYS A 81 10.60 -1.72 3.63
CA LYS A 81 11.87 -1.07 3.93
C LYS A 81 11.65 0.22 4.71
N ASN A 82 10.42 0.42 5.18
CA ASN A 82 10.08 1.61 5.95
C ASN A 82 9.96 1.29 7.43
N GLU A 83 10.08 0.00 7.76
CA GLU A 83 9.98 -0.44 9.15
C GLU A 83 10.93 0.36 10.05
N GLU A 84 10.41 0.84 11.16
CA GLU A 84 11.21 1.63 12.10
C GLU A 84 12.36 0.79 12.66
N ARG A 85 13.53 0.94 12.05
CA ARG A 85 14.71 0.19 12.48
C ARG A 85 15.01 0.45 13.96
N ARG A 86 15.28 -0.62 14.71
CA ARG A 86 15.57 -0.51 16.12
C ARG A 86 16.96 -1.07 16.43
N SER A 87 17.33 -2.14 15.76
CA SER A 87 18.63 -2.78 15.96
C SER A 87 19.13 -3.41 14.67
N ILE A 88 19.13 -2.61 13.60
CA ILE A 88 19.60 -3.08 12.30
C ILE A 88 21.09 -2.80 12.11
N PHE A 89 21.88 -3.86 11.99
CA PHE A 89 23.31 -3.72 11.79
C PHE A 89 23.73 -4.17 10.40
N THR A 90 22.95 -5.07 9.82
CA THR A 90 23.24 -5.58 8.49
C THR A 90 22.06 -5.35 7.54
N GLY A 1 -4.88 15.26 11.47
CA GLY A 1 -4.32 16.59 11.39
C GLY A 1 -4.22 17.10 9.97
N SER A 2 -5.17 16.69 9.14
CA SER A 2 -5.19 17.10 7.73
C SER A 2 -6.60 17.06 7.18
N SER A 3 -6.80 17.72 6.03
CA SER A 3 -8.10 17.76 5.39
C SER A 3 -7.97 18.02 3.89
N GLY A 4 -7.83 16.94 3.12
CA GLY A 4 -7.69 17.08 1.68
C GLY A 4 -6.86 15.97 1.07
N SER A 5 -6.53 16.12 -0.21
CA SER A 5 -5.73 15.12 -0.90
C SER A 5 -5.13 15.70 -2.19
N SER A 6 -3.82 15.86 -2.20
CA SER A 6 -3.12 16.41 -3.36
C SER A 6 -1.87 15.58 -3.68
N GLY A 7 -2.08 14.39 -4.22
CA GLY A 7 -0.97 13.53 -4.57
C GLY A 7 -1.27 12.64 -5.76
N MET A 8 -0.25 12.39 -6.59
CA MET A 8 -0.42 11.54 -7.76
C MET A 8 0.40 10.26 -7.64
N ALA A 9 1.64 10.41 -7.16
CA ALA A 9 2.54 9.28 -7.00
C ALA A 9 2.83 9.03 -5.52
N LEU A 10 3.73 8.08 -5.25
CA LEU A 10 4.09 7.73 -3.89
C LEU A 10 4.58 8.97 -3.14
N ARG A 11 3.71 9.52 -2.29
CA ARG A 11 4.05 10.70 -1.51
C ARG A 11 4.89 10.32 -0.29
N ASN A 12 4.25 9.73 0.70
CA ASN A 12 4.93 9.32 1.93
C ASN A 12 4.55 7.89 2.31
N VAL A 13 5.33 6.93 1.81
CA VAL A 13 5.07 5.53 2.11
C VAL A 13 4.95 5.29 3.61
N PRO A 14 3.91 4.54 4.00
CA PRO A 14 3.65 4.23 5.41
C PRO A 14 4.68 3.27 5.99
N PHE A 15 4.57 3.00 7.29
CA PHE A 15 5.50 2.10 7.97
C PHE A 15 5.01 0.66 7.89
N ARG A 16 5.96 -0.27 7.85
CA ARG A 16 5.63 -1.70 7.77
C ARG A 16 4.75 -2.11 8.95
N SER A 17 5.25 -1.87 10.17
CA SER A 17 4.52 -2.23 11.37
C SER A 17 3.09 -1.69 11.33
N GLU A 18 2.93 -0.51 10.73
CA GLU A 18 1.61 0.11 10.62
C GLU A 18 0.72 -0.69 9.68
N VAL A 19 1.28 -1.16 8.59
CA VAL A 19 0.53 -1.95 7.61
C VAL A 19 0.21 -3.34 8.14
N LEU A 20 1.15 -3.89 8.92
CA LEU A 20 0.96 -5.22 9.49
C LEU A 20 -0.26 -5.27 10.39
N GLY A 21 -0.69 -4.09 10.85
CA GLY A 21 -1.85 -4.01 11.71
C GLY A 21 -3.03 -3.34 11.05
N TRP A 22 -3.00 -3.28 9.72
CA TRP A 22 -4.08 -2.65 8.96
C TRP A 22 -5.20 -3.65 8.67
N ASP A 23 -6.22 -3.20 7.96
CA ASP A 23 -7.35 -4.05 7.61
C ASP A 23 -7.69 -3.93 6.13
N PRO A 24 -8.45 -4.89 5.61
CA PRO A 24 -8.88 -4.91 4.21
C PRO A 24 -9.87 -3.81 3.88
N ASP A 25 -10.34 -3.12 4.92
CA ASP A 25 -11.30 -2.03 4.75
C ASP A 25 -10.64 -0.68 5.01
N SER A 26 -9.54 -0.69 5.75
CA SER A 26 -8.82 0.53 6.07
C SER A 26 -7.71 0.80 5.06
N LEU A 27 -6.98 -0.25 4.70
CA LEU A 27 -5.90 -0.12 3.74
C LEU A 27 -6.37 0.58 2.47
N ALA A 28 -7.64 0.40 2.14
CA ALA A 28 -8.21 1.02 0.94
C ALA A 28 -8.05 2.53 0.98
N ASP A 29 -8.08 3.09 2.18
CA ASP A 29 -7.94 4.53 2.35
C ASP A 29 -6.56 5.00 1.90
N TYR A 30 -5.53 4.24 2.26
CA TYR A 30 -4.17 4.58 1.90
C TYR A 30 -4.04 4.82 0.40
N PHE A 31 -4.65 3.93 -0.39
CA PHE A 31 -4.61 4.04 -1.84
C PHE A 31 -5.38 5.28 -2.31
N LYS A 32 -6.52 5.54 -1.68
CA LYS A 32 -7.34 6.68 -2.03
C LYS A 32 -6.54 7.98 -1.95
N LYS A 33 -5.50 7.98 -1.12
CA LYS A 33 -4.65 9.14 -0.95
C LYS A 33 -3.59 9.20 -2.05
N LEU A 34 -3.25 8.04 -2.59
CA LEU A 34 -2.24 7.96 -3.66
C LEU A 34 -2.90 8.02 -5.03
N ASN A 35 -4.15 8.46 -5.06
CA ASN A 35 -4.89 8.57 -6.31
C ASN A 35 -5.08 7.19 -6.95
N TYR A 36 -5.00 6.15 -6.13
CA TYR A 36 -5.16 4.78 -6.61
C TYR A 36 -6.55 4.25 -6.27
N LYS A 37 -7.57 4.82 -6.90
CA LYS A 37 -8.94 4.40 -6.67
C LYS A 37 -9.21 3.03 -7.28
N ASP A 38 -8.38 2.66 -8.26
CA ASP A 38 -8.52 1.37 -8.92
C ASP A 38 -8.01 0.24 -8.04
N CYS A 39 -7.12 0.58 -7.12
CA CYS A 39 -6.55 -0.42 -6.21
C CYS A 39 -7.40 -0.56 -4.95
N GLU A 40 -7.75 0.57 -4.34
CA GLU A 40 -8.55 0.58 -3.13
C GLU A 40 -9.82 -0.24 -3.33
N LYS A 41 -10.31 -0.28 -4.56
CA LYS A 41 -11.52 -1.04 -4.89
C LYS A 41 -11.32 -2.53 -4.60
N ALA A 42 -10.30 -3.11 -5.21
CA ALA A 42 -10.01 -4.53 -5.02
C ALA A 42 -9.61 -4.82 -3.58
N VAL A 43 -9.00 -3.83 -2.93
CA VAL A 43 -8.57 -3.97 -1.54
C VAL A 43 -9.76 -4.24 -0.62
N LYS A 44 -10.89 -3.64 -0.96
CA LYS A 44 -12.11 -3.80 -0.16
C LYS A 44 -12.98 -4.93 -0.72
N LYS A 45 -13.01 -5.04 -2.04
CA LYS A 45 -13.80 -6.07 -2.70
C LYS A 45 -13.24 -7.46 -2.40
N TYR A 46 -11.95 -7.63 -2.65
CA TYR A 46 -11.29 -8.91 -2.42
C TYR A 46 -10.91 -9.06 -0.95
N HIS A 47 -11.05 -7.98 -0.19
CA HIS A 47 -10.72 -7.99 1.23
C HIS A 47 -9.23 -8.25 1.45
N ILE A 48 -8.41 -7.31 0.99
CA ILE A 48 -6.96 -7.43 1.13
C ILE A 48 -6.43 -6.49 2.20
N ASP A 49 -6.08 -7.05 3.35
CA ASP A 49 -5.56 -6.26 4.47
C ASP A 49 -4.11 -5.85 4.21
N GLY A 50 -3.63 -4.88 4.99
CA GLY A 50 -2.26 -4.42 4.82
C GLY A 50 -1.25 -5.56 4.81
N ALA A 51 -1.39 -6.47 5.77
CA ALA A 51 -0.49 -7.62 5.86
C ALA A 51 -0.44 -8.39 4.56
N ARG A 52 -1.54 -8.34 3.80
CA ARG A 52 -1.62 -9.04 2.52
C ARG A 52 -0.97 -8.22 1.41
N PHE A 53 -0.93 -6.91 1.60
CA PHE A 53 -0.35 -6.01 0.61
C PHE A 53 1.17 -6.19 0.55
N LEU A 54 1.82 -6.07 1.69
CA LEU A 54 3.27 -6.22 1.77
C LEU A 54 3.71 -7.58 1.22
N ASN A 55 2.83 -8.57 1.35
CA ASN A 55 3.12 -9.91 0.87
C ASN A 55 2.55 -10.13 -0.52
N LEU A 56 2.47 -9.05 -1.30
CA LEU A 56 1.95 -9.12 -2.66
C LEU A 56 2.64 -10.23 -3.45
N THR A 57 1.91 -11.31 -3.71
CA THR A 57 2.45 -12.43 -4.46
C THR A 57 1.73 -12.60 -5.80
N GLU A 58 2.22 -13.52 -6.61
CA GLU A 58 1.63 -13.78 -7.93
C GLU A 58 0.15 -14.14 -7.79
N ASN A 59 -0.22 -14.65 -6.61
CA ASN A 59 -1.61 -15.02 -6.36
C ASN A 59 -2.46 -13.81 -6.04
N ASP A 60 -1.82 -12.75 -5.54
CA ASP A 60 -2.53 -11.52 -5.20
C ASP A 60 -2.53 -10.56 -6.37
N ILE A 61 -1.37 -10.40 -7.02
CA ILE A 61 -1.25 -9.51 -8.17
C ILE A 61 -2.29 -9.82 -9.23
N GLN A 62 -2.59 -11.11 -9.40
CA GLN A 62 -3.58 -11.54 -10.38
C GLN A 62 -4.94 -10.90 -10.11
N LYS A 63 -5.16 -10.52 -8.85
CA LYS A 63 -6.42 -9.89 -8.46
C LYS A 63 -6.34 -8.37 -8.60
N PHE A 64 -5.29 -7.89 -9.26
CA PHE A 64 -5.09 -6.47 -9.46
C PHE A 64 -4.99 -6.14 -10.96
N PRO A 65 -5.22 -4.86 -11.29
CA PRO A 65 -5.15 -4.38 -12.67
C PRO A 65 -3.73 -4.38 -13.23
N LYS A 66 -3.61 -4.57 -14.53
CA LYS A 66 -2.30 -4.59 -15.18
C LYS A 66 -1.69 -3.20 -15.21
N LEU A 67 -2.46 -2.20 -14.77
CA LEU A 67 -1.98 -0.83 -14.74
C LEU A 67 -1.43 -0.46 -13.38
N ARG A 68 -1.76 -1.28 -12.37
CA ARG A 68 -1.29 -1.05 -11.02
C ARG A 68 -0.53 -2.26 -10.48
N VAL A 69 -0.53 -3.33 -11.26
CA VAL A 69 0.17 -4.55 -10.88
C VAL A 69 1.59 -4.26 -10.43
N PRO A 70 2.37 -3.62 -11.33
CA PRO A 70 3.76 -3.27 -11.04
C PRO A 70 3.88 -2.16 -10.00
N ILE A 71 2.88 -1.29 -9.94
CA ILE A 71 2.87 -0.19 -8.99
C ILE A 71 2.72 -0.71 -7.55
N LEU A 72 1.85 -1.70 -7.38
CA LEU A 72 1.60 -2.28 -6.07
C LEU A 72 2.79 -3.13 -5.62
N SER A 73 3.38 -3.85 -6.56
CA SER A 73 4.52 -4.70 -6.27
C SER A 73 5.73 -3.88 -5.83
N LYS A 74 5.85 -2.67 -6.39
CA LYS A 74 6.95 -1.77 -6.06
C LYS A 74 6.66 -1.01 -4.78
N LEU A 75 5.38 -0.72 -4.54
CA LEU A 75 4.97 0.02 -3.35
C LEU A 75 5.01 -0.89 -2.12
N SER A 76 4.45 -2.08 -2.26
CA SER A 76 4.41 -3.05 -1.16
C SER A 76 5.80 -3.25 -0.57
N GLN A 77 6.81 -3.20 -1.43
CA GLN A 77 8.20 -3.37 -0.99
C GLN A 77 8.71 -2.12 -0.29
N GLU A 78 8.28 -0.95 -0.78
CA GLU A 78 8.70 0.32 -0.21
C GLU A 78 8.32 0.40 1.27
N ILE A 79 7.17 -0.17 1.61
CA ILE A 79 6.70 -0.17 2.99
C ILE A 79 7.51 -1.12 3.86
N ASN A 80 7.85 -2.28 3.30
CA ASN A 80 8.63 -3.27 4.02
C ASN A 80 9.96 -2.69 4.50
N LYS A 81 10.52 -1.78 3.70
CA LYS A 81 11.79 -1.15 4.04
C LYS A 81 11.55 0.14 4.84
N ASN A 82 10.32 0.33 5.27
CA ASN A 82 9.96 1.52 6.05
C ASN A 82 9.69 1.16 7.51
N GLU A 83 10.21 0.02 7.94
CA GLU A 83 10.03 -0.44 9.31
C GLU A 83 10.95 0.31 10.27
N GLU A 84 10.40 0.80 11.37
CA GLU A 84 11.17 1.52 12.36
C GLU A 84 12.28 0.65 12.94
N ARG A 85 13.50 0.87 12.47
CA ARG A 85 14.65 0.10 12.94
C ARG A 85 15.23 0.70 14.21
N ARG A 86 15.43 -0.14 15.22
CA ARG A 86 15.98 0.31 16.49
C ARG A 86 17.50 0.24 16.49
N SER A 87 18.03 -0.88 15.99
CA SER A 87 19.47 -1.09 15.94
C SER A 87 20.10 -0.90 17.31
N ILE A 88 20.04 -1.95 18.14
CA ILE A 88 20.61 -1.89 19.48
C ILE A 88 22.06 -1.39 19.45
N PHE A 89 22.50 -0.84 20.57
CA PHE A 89 23.86 -0.33 20.68
C PHE A 89 24.09 0.83 19.70
N THR A 90 23.00 1.41 19.22
CA THR A 90 23.07 2.51 18.28
C THR A 90 23.95 3.64 18.82
N GLY A 1 -3.41 31.79 2.27
CA GLY A 1 -2.58 31.68 1.09
C GLY A 1 -3.40 31.67 -0.18
N SER A 2 -2.76 32.06 -1.29
CA SER A 2 -3.43 32.10 -2.59
C SER A 2 -3.11 30.86 -3.40
N SER A 3 -1.93 30.30 -3.17
CA SER A 3 -1.49 29.11 -3.89
C SER A 3 -1.57 27.87 -2.99
N GLY A 4 -1.23 26.72 -3.56
CA GLY A 4 -1.26 25.48 -2.81
C GLY A 4 -0.86 24.28 -3.63
N SER A 5 -1.15 23.08 -3.13
CA SER A 5 -0.81 21.86 -3.83
C SER A 5 -1.51 20.66 -3.20
N SER A 6 -1.98 19.74 -4.05
CA SER A 6 -2.68 18.55 -3.57
C SER A 6 -1.72 17.37 -3.46
N GLY A 7 -1.06 17.04 -4.57
CA GLY A 7 -0.13 15.93 -4.57
C GLY A 7 -0.70 14.68 -5.22
N MET A 8 0.17 13.80 -5.67
CA MET A 8 -0.25 12.55 -6.31
C MET A 8 0.93 11.62 -6.53
N ALA A 9 0.64 10.42 -7.05
CA ALA A 9 1.69 9.44 -7.31
C ALA A 9 2.45 9.09 -6.04
N LEU A 10 3.51 8.30 -6.18
CA LEU A 10 4.31 7.89 -5.04
C LEU A 10 5.02 9.10 -4.42
N ARG A 11 4.40 9.67 -3.39
CA ARG A 11 4.97 10.83 -2.70
C ARG A 11 5.34 10.47 -1.27
N ASN A 12 4.64 9.50 -0.70
CA ASN A 12 4.91 9.07 0.67
C ASN A 12 4.58 7.59 0.86
N VAL A 13 5.21 6.97 1.85
CA VAL A 13 4.98 5.55 2.13
C VAL A 13 4.87 5.31 3.63
N PRO A 14 3.84 4.53 4.02
CA PRO A 14 3.60 4.19 5.43
C PRO A 14 4.66 3.25 5.99
N PHE A 15 4.56 2.96 7.28
CA PHE A 15 5.51 2.07 7.94
C PHE A 15 5.03 0.63 7.88
N ARG A 16 5.98 -0.31 7.91
CA ARG A 16 5.66 -1.72 7.87
C ARG A 16 4.77 -2.13 9.05
N SER A 17 5.26 -1.89 10.26
CA SER A 17 4.53 -2.23 11.47
C SER A 17 3.10 -1.66 11.41
N GLU A 18 2.95 -0.53 10.73
CA GLU A 18 1.65 0.10 10.60
C GLU A 18 0.74 -0.69 9.67
N VAL A 19 1.31 -1.19 8.58
CA VAL A 19 0.56 -1.97 7.61
C VAL A 19 0.22 -3.35 8.16
N LEU A 20 1.13 -3.90 8.96
CA LEU A 20 0.93 -5.22 9.55
C LEU A 20 -0.30 -5.24 10.45
N GLY A 21 -0.71 -4.06 10.91
CA GLY A 21 -1.87 -3.95 11.76
C GLY A 21 -3.04 -3.27 11.08
N TRP A 22 -3.01 -3.26 9.75
CA TRP A 22 -4.08 -2.63 8.98
C TRP A 22 -5.20 -3.63 8.68
N ASP A 23 -6.21 -3.19 7.95
CA ASP A 23 -7.33 -4.04 7.61
C ASP A 23 -7.68 -3.91 6.13
N PRO A 24 -8.45 -4.88 5.61
CA PRO A 24 -8.86 -4.91 4.21
C PRO A 24 -9.87 -3.81 3.88
N ASP A 25 -10.32 -3.11 4.91
CA ASP A 25 -11.28 -2.01 4.74
C ASP A 25 -10.63 -0.67 4.99
N SER A 26 -9.52 -0.68 5.73
CA SER A 26 -8.81 0.54 6.07
C SER A 26 -7.70 0.81 5.05
N LEU A 27 -6.96 -0.23 4.70
CA LEU A 27 -5.87 -0.11 3.73
C LEU A 27 -6.34 0.58 2.47
N ALA A 28 -7.61 0.39 2.13
CA ALA A 28 -8.19 1.01 0.94
C ALA A 28 -8.03 2.52 0.96
N ASP A 29 -8.09 3.09 2.17
CA ASP A 29 -7.94 4.53 2.33
C ASP A 29 -6.56 5.00 1.87
N TYR A 30 -5.53 4.25 2.26
CA TYR A 30 -4.17 4.58 1.89
C TYR A 30 -4.04 4.82 0.39
N PHE A 31 -4.65 3.93 -0.39
CA PHE A 31 -4.61 4.04 -1.85
C PHE A 31 -5.37 5.28 -2.33
N LYS A 32 -6.52 5.53 -1.70
CA LYS A 32 -7.35 6.68 -2.06
C LYS A 32 -6.55 7.97 -1.98
N LYS A 33 -5.52 7.98 -1.14
CA LYS A 33 -4.67 9.15 -0.98
C LYS A 33 -3.61 9.21 -2.06
N LEU A 34 -3.26 8.05 -2.61
CA LEU A 34 -2.26 7.97 -3.67
C LEU A 34 -2.91 8.01 -5.05
N ASN A 35 -4.17 8.45 -5.09
CA ASN A 35 -4.90 8.54 -6.34
C ASN A 35 -5.08 7.16 -6.97
N TYR A 36 -4.99 6.13 -6.14
CA TYR A 36 -5.15 4.76 -6.61
C TYR A 36 -6.53 4.21 -6.27
N LYS A 37 -7.55 4.78 -6.91
CA LYS A 37 -8.93 4.36 -6.68
C LYS A 37 -9.18 2.99 -7.30
N ASP A 38 -8.35 2.62 -8.27
CA ASP A 38 -8.50 1.33 -8.95
C ASP A 38 -7.97 0.20 -8.06
N CYS A 39 -7.11 0.54 -7.12
CA CYS A 39 -6.54 -0.44 -6.20
C CYS A 39 -7.39 -0.58 -4.94
N GLU A 40 -7.73 0.55 -4.34
CA GLU A 40 -8.54 0.57 -3.13
C GLU A 40 -9.82 -0.26 -3.32
N LYS A 41 -10.30 -0.32 -4.55
CA LYS A 41 -11.50 -1.07 -4.87
C LYS A 41 -11.31 -2.56 -4.59
N ALA A 42 -10.30 -3.15 -5.22
CA ALA A 42 -10.01 -4.56 -5.03
C ALA A 42 -9.60 -4.85 -3.59
N VAL A 43 -9.00 -3.87 -2.93
CA VAL A 43 -8.58 -4.01 -1.55
C VAL A 43 -9.76 -4.26 -0.63
N LYS A 44 -10.90 -3.66 -0.96
CA LYS A 44 -12.11 -3.81 -0.17
C LYS A 44 -12.99 -4.93 -0.73
N LYS A 45 -13.01 -5.06 -2.05
CA LYS A 45 -13.80 -6.09 -2.71
C LYS A 45 -13.23 -7.48 -2.42
N TYR A 46 -11.94 -7.65 -2.65
CA TYR A 46 -11.28 -8.93 -2.41
C TYR A 46 -10.90 -9.08 -0.94
N HIS A 47 -11.05 -8.00 -0.18
CA HIS A 47 -10.72 -8.01 1.24
C HIS A 47 -9.24 -8.27 1.46
N ILE A 48 -8.40 -7.33 1.00
CA ILE A 48 -6.96 -7.45 1.14
C ILE A 48 -6.43 -6.50 2.21
N ASP A 49 -6.09 -7.06 3.37
CA ASP A 49 -5.57 -6.26 4.47
C ASP A 49 -4.12 -5.85 4.20
N GLY A 50 -3.63 -4.89 4.98
CA GLY A 50 -2.27 -4.42 4.82
C GLY A 50 -1.26 -5.56 4.82
N ALA A 51 -1.40 -6.47 5.78
CA ALA A 51 -0.50 -7.61 5.89
C ALA A 51 -0.45 -8.39 4.59
N ARG A 52 -1.54 -8.33 3.83
CA ARG A 52 -1.62 -9.04 2.55
C ARG A 52 -0.99 -8.23 1.43
N PHE A 53 -0.95 -6.92 1.61
CA PHE A 53 -0.36 -6.02 0.61
C PHE A 53 1.15 -6.17 0.56
N LEU A 54 1.77 -6.19 1.75
CA LEU A 54 3.21 -6.32 1.84
C LEU A 54 3.68 -7.66 1.29
N ASN A 55 2.77 -8.64 1.28
CA ASN A 55 3.10 -9.97 0.77
C ASN A 55 2.51 -10.16 -0.63
N LEU A 56 2.44 -9.08 -1.39
CA LEU A 56 1.92 -9.13 -2.75
C LEU A 56 2.58 -10.25 -3.55
N THR A 57 1.86 -11.35 -3.74
CA THR A 57 2.38 -12.49 -4.48
C THR A 57 1.65 -12.64 -5.81
N GLU A 58 2.14 -13.57 -6.64
CA GLU A 58 1.54 -13.80 -7.95
C GLU A 58 0.05 -14.12 -7.81
N ASN A 59 -0.34 -14.64 -6.65
CA ASN A 59 -1.73 -14.99 -6.40
C ASN A 59 -2.56 -13.74 -6.12
N ASP A 60 -1.92 -12.72 -5.56
CA ASP A 60 -2.59 -11.46 -5.25
C ASP A 60 -2.56 -10.52 -6.45
N ILE A 61 -1.41 -10.42 -7.10
CA ILE A 61 -1.25 -9.55 -8.25
C ILE A 61 -2.31 -9.84 -9.31
N GLN A 62 -2.63 -11.12 -9.48
CA GLN A 62 -3.63 -11.53 -10.46
C GLN A 62 -4.98 -10.88 -10.16
N LYS A 63 -5.19 -10.52 -8.90
CA LYS A 63 -6.43 -9.88 -8.48
C LYS A 63 -6.35 -8.37 -8.62
N PHE A 64 -5.29 -7.90 -9.27
CA PHE A 64 -5.09 -6.47 -9.46
C PHE A 64 -4.98 -6.14 -10.94
N PRO A 65 -5.21 -4.86 -11.29
CA PRO A 65 -5.14 -4.39 -12.68
C PRO A 65 -3.72 -4.38 -13.22
N LYS A 66 -3.60 -4.58 -14.53
CA LYS A 66 -2.29 -4.60 -15.17
C LYS A 66 -1.68 -3.20 -15.21
N LEU A 67 -2.45 -2.21 -14.77
CA LEU A 67 -1.98 -0.83 -14.74
C LEU A 67 -1.42 -0.47 -13.37
N ARG A 68 -1.75 -1.28 -12.37
CA ARG A 68 -1.29 -1.04 -11.01
C ARG A 68 -0.53 -2.25 -10.48
N VAL A 69 -0.52 -3.34 -11.26
CA VAL A 69 0.17 -4.56 -10.87
C VAL A 69 1.60 -4.26 -10.43
N PRO A 70 2.37 -3.63 -11.32
CA PRO A 70 3.77 -3.27 -11.05
C PRO A 70 3.90 -2.17 -10.00
N ILE A 71 2.89 -1.31 -9.94
CA ILE A 71 2.89 -0.21 -8.98
C ILE A 71 2.73 -0.72 -7.56
N LEU A 72 1.82 -1.66 -7.37
CA LEU A 72 1.58 -2.25 -6.05
C LEU A 72 2.77 -3.09 -5.60
N SER A 73 3.35 -3.84 -6.53
CA SER A 73 4.49 -4.69 -6.23
C SER A 73 5.69 -3.86 -5.80
N LYS A 74 5.82 -2.68 -6.38
CA LYS A 74 6.92 -1.77 -6.07
C LYS A 74 6.65 -1.01 -4.78
N LEU A 75 5.38 -0.65 -4.57
CA LEU A 75 4.98 0.08 -3.37
C LEU A 75 5.03 -0.82 -2.13
N SER A 76 4.50 -2.04 -2.27
CA SER A 76 4.47 -2.99 -1.17
C SER A 76 5.87 -3.17 -0.57
N GLN A 77 6.89 -3.13 -1.43
CA GLN A 77 8.27 -3.29 -0.99
C GLN A 77 8.75 -2.03 -0.29
N GLU A 78 8.33 -0.87 -0.79
CA GLU A 78 8.73 0.40 -0.22
C GLU A 78 8.35 0.47 1.26
N ILE A 79 7.23 -0.13 1.61
CA ILE A 79 6.75 -0.14 3.00
C ILE A 79 7.59 -1.08 3.84
N ASN A 80 7.88 -2.27 3.32
CA ASN A 80 8.66 -3.26 4.03
C ASN A 80 10.01 -2.69 4.43
N LYS A 81 10.52 -1.76 3.63
CA LYS A 81 11.81 -1.12 3.91
C LYS A 81 11.64 0.09 4.80
N ASN A 82 10.40 0.55 4.94
CA ASN A 82 10.10 1.71 5.78
C ASN A 82 10.05 1.33 7.26
N GLU A 83 10.10 0.03 7.52
CA GLU A 83 10.06 -0.47 8.89
C GLU A 83 11.11 0.22 9.75
N GLU A 84 10.69 0.70 10.92
CA GLU A 84 11.60 1.39 11.83
C GLU A 84 12.69 0.44 12.33
N ARG A 85 13.93 0.77 12.03
CA ARG A 85 15.06 -0.04 12.44
C ARG A 85 15.89 0.67 13.52
N ARG A 86 15.22 1.52 14.31
CA ARG A 86 15.89 2.25 15.37
C ARG A 86 15.77 1.52 16.70
N SER A 87 16.74 0.67 17.00
CA SER A 87 16.74 -0.09 18.24
C SER A 87 15.54 -1.03 18.30
N ILE A 88 15.52 -2.01 17.41
CA ILE A 88 14.43 -2.98 17.36
C ILE A 88 14.78 -4.24 18.14
N PHE A 89 13.85 -5.19 18.16
CA PHE A 89 14.05 -6.45 18.87
C PHE A 89 13.18 -7.56 18.29
N THR A 90 12.89 -7.44 16.99
CA THR A 90 12.05 -8.44 16.32
C THR A 90 12.77 -9.00 15.09
N GLY A 1 -12.70 26.23 -4.03
CA GLY A 1 -12.17 25.32 -3.04
C GLY A 1 -10.68 25.07 -3.21
N SER A 2 -10.33 23.88 -3.66
CA SER A 2 -8.94 23.51 -3.87
C SER A 2 -8.49 23.87 -5.28
N SER A 3 -7.23 23.58 -5.59
CA SER A 3 -6.67 23.87 -6.91
C SER A 3 -6.16 22.60 -7.57
N GLY A 4 -5.35 21.83 -6.84
CA GLY A 4 -4.80 20.60 -7.37
C GLY A 4 -3.65 20.84 -8.33
N SER A 5 -2.47 20.35 -7.97
CA SER A 5 -1.29 20.53 -8.80
C SER A 5 -0.73 19.18 -9.23
N SER A 6 -0.98 18.81 -10.48
CA SER A 6 -0.50 17.53 -11.02
C SER A 6 -1.08 16.36 -10.23
N GLY A 7 -0.71 15.15 -10.63
CA GLY A 7 -1.20 13.97 -9.96
C GLY A 7 -0.25 13.50 -8.86
N MET A 8 -0.75 12.61 -8.00
CA MET A 8 0.05 12.08 -6.91
C MET A 8 0.72 10.77 -7.31
N ALA A 9 2.01 10.64 -7.00
CA ALA A 9 2.76 9.44 -7.33
C ALA A 9 3.55 8.94 -6.12
N LEU A 10 4.44 7.98 -6.36
CA LEU A 10 5.25 7.41 -5.29
C LEU A 10 6.08 8.49 -4.61
N ARG A 11 5.60 8.97 -3.47
CA ARG A 11 6.30 10.00 -2.72
C ARG A 11 6.22 9.74 -1.22
N ASN A 12 5.05 9.33 -0.76
CA ASN A 12 4.83 9.04 0.66
C ASN A 12 4.49 7.57 0.87
N VAL A 13 5.18 6.94 1.80
CA VAL A 13 4.95 5.53 2.10
C VAL A 13 4.85 5.29 3.60
N PRO A 14 3.82 4.54 4.02
CA PRO A 14 3.58 4.23 5.43
C PRO A 14 4.63 3.28 6.00
N PHE A 15 4.53 3.00 7.28
CA PHE A 15 5.48 2.11 7.96
C PHE A 15 5.00 0.66 7.88
N ARG A 16 5.95 -0.27 7.87
CA ARG A 16 5.63 -1.70 7.80
C ARG A 16 4.76 -2.11 8.98
N SER A 17 5.26 -1.87 10.19
CA SER A 17 4.52 -2.23 11.41
C SER A 17 3.11 -1.69 11.36
N GLU A 18 2.94 -0.53 10.73
CA GLU A 18 1.61 0.09 10.62
C GLU A 18 0.72 -0.71 9.68
N VAL A 19 1.28 -1.18 8.57
CA VAL A 19 0.54 -1.96 7.60
C VAL A 19 0.23 -3.35 8.13
N LEU A 20 1.15 -3.90 8.91
CA LEU A 20 0.98 -5.23 9.48
C LEU A 20 -0.25 -5.28 10.39
N GLY A 21 -0.68 -4.10 10.85
CA GLY A 21 -1.84 -4.04 11.72
C GLY A 21 -3.03 -3.36 11.05
N TRP A 22 -2.99 -3.28 9.72
CA TRP A 22 -4.06 -2.66 8.96
C TRP A 22 -5.17 -3.65 8.67
N ASP A 23 -6.20 -3.20 7.96
CA ASP A 23 -7.33 -4.06 7.61
C ASP A 23 -7.67 -3.92 6.13
N PRO A 24 -8.44 -4.90 5.61
CA PRO A 24 -8.86 -4.91 4.21
C PRO A 24 -9.86 -3.81 3.89
N ASP A 25 -10.32 -3.12 4.92
CA ASP A 25 -11.28 -2.03 4.75
C ASP A 25 -10.63 -0.68 5.01
N SER A 26 -9.52 -0.69 5.75
CA SER A 26 -8.80 0.53 6.07
C SER A 26 -7.70 0.80 5.05
N LEU A 27 -6.97 -0.25 4.70
CA LEU A 27 -5.88 -0.13 3.73
C LEU A 27 -6.35 0.57 2.46
N ALA A 28 -7.63 0.38 2.13
CA ALA A 28 -8.20 1.00 0.94
C ALA A 28 -8.05 2.52 0.97
N ASP A 29 -8.08 3.08 2.17
CA ASP A 29 -7.94 4.52 2.34
C ASP A 29 -6.56 5.00 1.88
N TYR A 30 -5.53 4.24 2.26
CA TYR A 30 -4.16 4.58 1.89
C TYR A 30 -4.05 4.82 0.39
N PHE A 31 -4.65 3.93 -0.39
CA PHE A 31 -4.62 4.06 -1.85
C PHE A 31 -5.38 5.29 -2.32
N LYS A 32 -6.52 5.55 -1.67
CA LYS A 32 -7.35 6.70 -2.03
C LYS A 32 -6.54 7.99 -1.95
N LYS A 33 -5.49 7.98 -1.13
CA LYS A 33 -4.64 9.15 -0.97
C LYS A 33 -3.58 9.21 -2.06
N LEU A 34 -3.24 8.05 -2.61
CA LEU A 34 -2.25 7.97 -3.68
C LEU A 34 -2.90 8.02 -5.05
N ASN A 35 -4.16 8.47 -5.08
CA ASN A 35 -4.91 8.58 -6.33
C ASN A 35 -5.10 7.20 -6.97
N TYR A 36 -5.01 6.16 -6.15
CA TYR A 36 -5.17 4.79 -6.63
C TYR A 36 -6.56 4.26 -6.28
N LYS A 37 -7.58 4.84 -6.91
CA LYS A 37 -8.95 4.41 -6.67
C LYS A 37 -9.21 3.04 -7.29
N ASP A 38 -8.40 2.67 -8.27
CA ASP A 38 -8.54 1.39 -8.94
C ASP A 38 -8.03 0.25 -8.06
N CYS A 39 -7.14 0.59 -7.13
CA CYS A 39 -6.57 -0.40 -6.22
C CYS A 39 -7.42 -0.54 -4.97
N GLU A 40 -7.75 0.59 -4.35
CA GLU A 40 -8.57 0.59 -3.14
C GLU A 40 -9.84 -0.23 -3.34
N LYS A 41 -10.32 -0.27 -4.57
CA LYS A 41 -11.53 -1.02 -4.88
C LYS A 41 -11.35 -2.50 -4.61
N ALA A 42 -10.31 -3.09 -5.20
CA ALA A 42 -10.01 -4.51 -5.01
C ALA A 42 -9.62 -4.79 -3.57
N VAL A 43 -8.99 -3.82 -2.93
CA VAL A 43 -8.56 -3.96 -1.55
C VAL A 43 -9.74 -4.22 -0.62
N LYS A 44 -10.89 -3.62 -0.95
CA LYS A 44 -12.09 -3.79 -0.15
C LYS A 44 -12.97 -4.91 -0.70
N LYS A 45 -13.02 -5.02 -2.03
CA LYS A 45 -13.81 -6.05 -2.69
C LYS A 45 -13.25 -7.43 -2.40
N TYR A 46 -11.95 -7.61 -2.65
CA TYR A 46 -11.29 -8.89 -2.41
C TYR A 46 -10.91 -9.04 -0.94
N HIS A 47 -11.06 -7.96 -0.18
CA HIS A 47 -10.73 -7.97 1.24
C HIS A 47 -9.24 -8.24 1.45
N ILE A 48 -8.42 -7.30 0.99
CA ILE A 48 -6.96 -7.44 1.14
C ILE A 48 -6.43 -6.49 2.21
N ASP A 49 -6.08 -7.05 3.36
CA ASP A 49 -5.56 -6.26 4.47
C ASP A 49 -4.11 -5.86 4.21
N GLY A 50 -3.62 -4.90 4.99
CA GLY A 50 -2.26 -4.43 4.82
C GLY A 50 -1.25 -5.57 4.81
N ALA A 51 -1.39 -6.48 5.77
CA ALA A 51 -0.49 -7.62 5.87
C ALA A 51 -0.44 -8.40 4.56
N ARG A 52 -1.53 -8.36 3.80
CA ARG A 52 -1.62 -9.05 2.53
C ARG A 52 -0.97 -8.24 1.42
N PHE A 53 -0.93 -6.92 1.60
CA PHE A 53 -0.34 -6.02 0.61
C PHE A 53 1.18 -6.21 0.55
N LEU A 54 1.82 -6.07 1.69
CA LEU A 54 3.27 -6.22 1.77
C LEU A 54 3.72 -7.58 1.24
N ASN A 55 2.83 -8.57 1.37
CA ASN A 55 3.13 -9.92 0.89
C ASN A 55 2.56 -10.14 -0.51
N LEU A 56 2.49 -9.07 -1.29
CA LEU A 56 1.96 -9.14 -2.64
C LEU A 56 2.65 -10.25 -3.43
N THR A 57 1.91 -11.32 -3.71
CA THR A 57 2.45 -12.45 -4.45
C THR A 57 1.74 -12.61 -5.79
N GLU A 58 2.24 -13.53 -6.61
CA GLU A 58 1.65 -13.79 -7.92
C GLU A 58 0.17 -14.16 -7.79
N ASN A 59 -0.20 -14.66 -6.62
CA ASN A 59 -1.58 -15.05 -6.36
C ASN A 59 -2.44 -13.83 -6.05
N ASP A 60 -1.81 -12.77 -5.56
CA ASP A 60 -2.52 -11.55 -5.21
C ASP A 60 -2.51 -10.57 -6.38
N ILE A 61 -1.36 -10.42 -7.02
CA ILE A 61 -1.23 -9.52 -8.16
C ILE A 61 -2.28 -9.83 -9.23
N GLN A 62 -2.59 -11.11 -9.38
CA GLN A 62 -3.58 -11.53 -10.37
C GLN A 62 -4.93 -10.89 -10.09
N LYS A 63 -5.16 -10.52 -8.85
CA LYS A 63 -6.42 -9.90 -8.44
C LYS A 63 -6.34 -8.38 -8.60
N PHE A 64 -5.29 -7.91 -9.25
CA PHE A 64 -5.10 -6.47 -9.45
C PHE A 64 -4.99 -6.15 -10.94
N PRO A 65 -5.22 -4.87 -11.29
CA PRO A 65 -5.16 -4.41 -12.67
C PRO A 65 -3.73 -4.41 -13.23
N LYS A 66 -3.61 -4.60 -14.53
CA LYS A 66 -2.30 -4.62 -15.18
C LYS A 66 -1.69 -3.23 -15.22
N LEU A 67 -2.47 -2.23 -14.78
CA LEU A 67 -2.01 -0.85 -14.77
C LEU A 67 -1.45 -0.48 -13.40
N ARG A 68 -1.78 -1.28 -12.39
CA ARG A 68 -1.31 -1.05 -11.03
C ARG A 68 -0.54 -2.26 -10.50
N VAL A 69 -0.53 -3.33 -11.27
CA VAL A 69 0.17 -4.55 -10.88
C VAL A 69 1.59 -4.26 -10.43
N PRO A 70 2.37 -3.61 -11.32
CA PRO A 70 3.76 -3.26 -11.04
C PRO A 70 3.87 -2.15 -10.00
N ILE A 71 2.86 -1.29 -9.94
CA ILE A 71 2.85 -0.19 -8.98
C ILE A 71 2.69 -0.70 -7.55
N LEU A 72 1.84 -1.71 -7.39
CA LEU A 72 1.61 -2.30 -6.07
C LEU A 72 2.80 -3.14 -5.63
N SER A 73 3.39 -3.86 -6.57
CA SER A 73 4.54 -4.71 -6.28
C SER A 73 5.74 -3.88 -5.84
N LYS A 74 5.84 -2.68 -6.40
CA LYS A 74 6.96 -1.78 -6.07
C LYS A 74 6.66 -1.01 -4.78
N LEU A 75 5.38 -0.73 -4.55
CA LEU A 75 4.97 0.01 -3.36
C LEU A 75 5.00 -0.90 -2.12
N SER A 76 4.44 -2.10 -2.26
CA SER A 76 4.41 -3.05 -1.16
C SER A 76 5.80 -3.25 -0.57
N GLN A 77 6.81 -3.20 -1.42
CA GLN A 77 8.20 -3.37 -0.98
C GLN A 77 8.70 -2.11 -0.29
N GLU A 78 8.26 -0.96 -0.78
CA GLU A 78 8.68 0.32 -0.20
C GLU A 78 8.29 0.40 1.26
N ILE A 79 7.15 -0.17 1.61
CA ILE A 79 6.68 -0.16 3.00
C ILE A 79 7.50 -1.09 3.86
N ASN A 80 7.85 -2.25 3.32
CA ASN A 80 8.65 -3.24 4.05
C ASN A 80 9.96 -2.64 4.51
N LYS A 81 10.51 -1.74 3.71
CA LYS A 81 11.78 -1.09 4.04
C LYS A 81 11.53 0.20 4.82
N ASN A 82 10.30 0.39 5.27
CA ASN A 82 9.93 1.59 6.03
C ASN A 82 9.67 1.24 7.49
N GLU A 83 10.20 0.09 7.92
CA GLU A 83 10.03 -0.35 9.31
C GLU A 83 10.96 0.41 10.25
N GLU A 84 10.40 0.88 11.37
CA GLU A 84 11.18 1.63 12.34
C GLU A 84 12.30 0.76 12.92
N ARG A 85 13.53 1.08 12.55
CA ARG A 85 14.69 0.33 13.03
C ARG A 85 15.35 1.04 14.22
N ARG A 86 14.54 1.79 14.97
CA ARG A 86 15.04 2.52 16.13
C ARG A 86 14.70 1.79 17.43
N SER A 87 13.58 1.08 17.42
CA SER A 87 13.13 0.34 18.59
C SER A 87 13.04 -1.16 18.29
N ILE A 88 13.78 -1.95 19.06
CA ILE A 88 13.78 -3.40 18.87
C ILE A 88 12.61 -4.05 19.62
N PHE A 89 12.01 -5.05 19.00
CA PHE A 89 10.88 -5.75 19.60
C PHE A 89 10.72 -7.14 18.99
N THR A 90 11.83 -7.74 18.56
CA THR A 90 11.81 -9.06 17.95
C THR A 90 10.98 -9.07 16.68
N GLY A 1 1.57 22.84 9.40
CA GLY A 1 1.26 21.47 9.07
C GLY A 1 2.15 20.90 7.99
N SER A 2 1.57 20.09 7.10
CA SER A 2 2.33 19.49 6.01
C SER A 2 1.48 19.39 4.75
N SER A 3 1.68 20.34 3.84
CA SER A 3 0.93 20.38 2.59
C SER A 3 1.69 21.17 1.53
N GLY A 4 1.24 21.05 0.28
CA GLY A 4 1.89 21.76 -0.82
C GLY A 4 1.61 21.12 -2.16
N SER A 5 2.55 21.27 -3.08
CA SER A 5 2.42 20.70 -4.42
C SER A 5 3.78 20.54 -5.09
N SER A 6 4.72 19.94 -4.36
CA SER A 6 6.06 19.73 -4.88
C SER A 6 6.43 18.25 -4.84
N GLY A 7 6.42 17.61 -6.01
CA GLY A 7 6.75 16.19 -6.09
C GLY A 7 5.53 15.32 -6.30
N MET A 8 4.92 14.88 -5.22
CA MET A 8 3.74 14.02 -5.31
C MET A 8 4.04 12.74 -6.04
N ALA A 9 3.02 11.91 -6.25
CA ALA A 9 3.19 10.64 -6.94
C ALA A 9 4.16 9.73 -6.21
N LEU A 10 3.61 8.80 -5.45
CA LEU A 10 4.43 7.85 -4.69
C LEU A 10 5.48 8.59 -3.85
N ARG A 11 5.15 9.81 -3.44
CA ARG A 11 6.06 10.62 -2.65
C ARG A 11 5.78 10.46 -1.16
N ASN A 12 5.20 9.32 -0.79
CA ASN A 12 4.87 9.04 0.61
C ASN A 12 4.54 7.57 0.81
N VAL A 13 5.19 6.94 1.78
CA VAL A 13 4.97 5.53 2.07
C VAL A 13 4.86 5.29 3.58
N PRO A 14 3.84 4.53 3.99
CA PRO A 14 3.61 4.20 5.40
C PRO A 14 4.67 3.27 5.96
N PHE A 15 4.55 2.94 7.24
CA PHE A 15 5.50 2.05 7.90
C PHE A 15 5.02 0.61 7.85
N ARG A 16 5.95 -0.33 7.88
CA ARG A 16 5.63 -1.75 7.84
C ARG A 16 4.75 -2.14 9.02
N SER A 17 5.25 -1.90 10.22
CA SER A 17 4.52 -2.24 11.44
C SER A 17 3.10 -1.67 11.39
N GLU A 18 2.94 -0.54 10.71
CA GLU A 18 1.65 0.10 10.58
C GLU A 18 0.73 -0.69 9.66
N VAL A 19 1.30 -1.19 8.56
CA VAL A 19 0.53 -1.96 7.59
C VAL A 19 0.21 -3.35 8.14
N LEU A 20 1.12 -3.90 8.92
CA LEU A 20 0.94 -5.23 9.50
C LEU A 20 -0.29 -5.25 10.41
N GLY A 21 -0.71 -4.08 10.87
CA GLY A 21 -1.86 -3.98 11.74
C GLY A 21 -3.04 -3.31 11.06
N TRP A 22 -3.02 -3.27 9.73
CA TRP A 22 -4.09 -2.64 8.96
C TRP A 22 -5.20 -3.65 8.67
N ASP A 23 -6.22 -3.20 7.94
CA ASP A 23 -7.35 -4.06 7.60
C ASP A 23 -7.69 -3.93 6.12
N PRO A 24 -8.46 -4.90 5.61
CA PRO A 24 -8.88 -4.92 4.20
C PRO A 24 -9.88 -3.82 3.88
N ASP A 25 -10.34 -3.12 4.91
CA ASP A 25 -11.30 -2.04 4.74
C ASP A 25 -10.64 -0.69 5.00
N SER A 26 -9.55 -0.70 5.75
CA SER A 26 -8.84 0.53 6.07
C SER A 26 -7.73 0.80 5.05
N LEU A 27 -6.98 -0.25 4.70
CA LEU A 27 -5.90 -0.13 3.73
C LEU A 27 -6.37 0.58 2.47
N ALA A 28 -7.64 0.39 2.13
CA ALA A 28 -8.21 1.01 0.94
C ALA A 28 -8.05 2.52 0.97
N ASP A 29 -8.08 3.09 2.18
CA ASP A 29 -7.94 4.53 2.35
C ASP A 29 -6.56 5.00 1.90
N TYR A 30 -5.54 4.23 2.26
CA TYR A 30 -4.16 4.56 1.89
C TYR A 30 -4.05 4.81 0.38
N PHE A 31 -4.65 3.92 -0.40
CA PHE A 31 -4.62 4.04 -1.85
C PHE A 31 -5.39 5.29 -2.32
N LYS A 32 -6.52 5.54 -1.68
CA LYS A 32 -7.35 6.69 -2.03
C LYS A 32 -6.54 7.98 -1.95
N LYS A 33 -5.51 7.98 -1.12
CA LYS A 33 -4.66 9.15 -0.96
C LYS A 33 -3.60 9.20 -2.06
N LEU A 34 -3.25 8.04 -2.61
CA LEU A 34 -2.27 7.97 -3.67
C LEU A 34 -2.92 8.02 -5.04
N ASN A 35 -4.17 8.46 -5.07
CA ASN A 35 -4.92 8.56 -6.32
C ASN A 35 -5.11 7.19 -6.95
N TYR A 36 -5.00 6.14 -6.13
CA TYR A 36 -5.15 4.78 -6.61
C TYR A 36 -6.54 4.24 -6.28
N LYS A 37 -7.56 4.82 -6.90
CA LYS A 37 -8.94 4.40 -6.67
C LYS A 37 -9.20 3.04 -7.29
N ASP A 38 -8.38 2.66 -8.26
CA ASP A 38 -8.51 1.37 -8.93
C ASP A 38 -8.01 0.25 -8.05
N CYS A 39 -7.12 0.58 -7.12
CA CYS A 39 -6.55 -0.42 -6.21
C CYS A 39 -7.41 -0.55 -4.95
N GLU A 40 -7.75 0.58 -4.34
CA GLU A 40 -8.56 0.58 -3.13
C GLU A 40 -9.83 -0.24 -3.33
N LYS A 41 -10.32 -0.28 -4.57
CA LYS A 41 -11.52 -1.03 -4.89
C LYS A 41 -11.34 -2.51 -4.61
N ALA A 42 -10.31 -3.11 -5.21
CA ALA A 42 -10.02 -4.53 -5.02
C ALA A 42 -9.62 -4.81 -3.57
N VAL A 43 -9.01 -3.83 -2.93
CA VAL A 43 -8.57 -3.97 -1.54
C VAL A 43 -9.76 -4.22 -0.62
N LYS A 44 -10.89 -3.63 -0.95
CA LYS A 44 -12.11 -3.79 -0.15
C LYS A 44 -12.98 -4.91 -0.72
N LYS A 45 -13.01 -5.02 -2.04
CA LYS A 45 -13.81 -6.05 -2.70
C LYS A 45 -13.25 -7.44 -2.40
N TYR A 46 -11.95 -7.62 -2.65
CA TYR A 46 -11.30 -8.90 -2.41
C TYR A 46 -10.92 -9.05 -0.95
N HIS A 47 -11.06 -7.97 -0.18
CA HIS A 47 -10.75 -7.99 1.24
C HIS A 47 -9.26 -8.24 1.46
N ILE A 48 -8.43 -7.31 1.00
CA ILE A 48 -6.99 -7.44 1.13
C ILE A 48 -6.46 -6.50 2.21
N ASP A 49 -6.11 -7.06 3.36
CA ASP A 49 -5.58 -6.27 4.47
C ASP A 49 -4.13 -5.86 4.21
N GLY A 50 -3.65 -4.90 4.99
CA GLY A 50 -2.29 -4.43 4.82
C GLY A 50 -1.28 -5.56 4.81
N ALA A 51 -1.41 -6.48 5.76
CA ALA A 51 -0.51 -7.62 5.87
C ALA A 51 -0.46 -8.39 4.55
N ARG A 52 -1.55 -8.34 3.80
CA ARG A 52 -1.63 -9.05 2.52
C ARG A 52 -0.99 -8.22 1.42
N PHE A 53 -0.94 -6.91 1.60
CA PHE A 53 -0.36 -6.00 0.62
C PHE A 53 1.16 -6.19 0.55
N LEU A 54 1.82 -6.06 1.70
CA LEU A 54 3.26 -6.21 1.78
C LEU A 54 3.70 -7.57 1.23
N ASN A 55 2.83 -8.56 1.35
CA ASN A 55 3.12 -9.91 0.87
C ASN A 55 2.55 -10.12 -0.53
N LEU A 56 2.48 -9.03 -1.30
CA LEU A 56 1.94 -9.10 -2.66
C LEU A 56 2.63 -10.21 -3.46
N THR A 57 1.91 -11.29 -3.70
CA THR A 57 2.45 -12.42 -4.46
C THR A 57 1.74 -12.59 -5.79
N GLU A 58 2.24 -13.50 -6.62
CA GLU A 58 1.64 -13.76 -7.92
C GLU A 58 0.17 -14.13 -7.78
N ASN A 59 -0.19 -14.64 -6.62
CA ASN A 59 -1.58 -15.04 -6.36
C ASN A 59 -2.44 -13.83 -6.04
N ASP A 60 -1.81 -12.76 -5.55
CA ASP A 60 -2.53 -11.55 -5.20
C ASP A 60 -2.54 -10.58 -6.38
N ILE A 61 -1.38 -10.42 -7.02
CA ILE A 61 -1.26 -9.51 -8.16
C ILE A 61 -2.30 -9.83 -9.22
N GLN A 62 -2.60 -11.11 -9.39
CA GLN A 62 -3.59 -11.54 -10.38
C GLN A 62 -4.95 -10.90 -10.10
N LYS A 63 -5.17 -10.51 -8.85
CA LYS A 63 -6.43 -9.89 -8.46
C LYS A 63 -6.35 -8.37 -8.59
N PHE A 64 -5.30 -7.90 -9.27
CA PHE A 64 -5.10 -6.47 -9.47
C PHE A 64 -5.00 -6.14 -10.95
N PRO A 65 -5.22 -4.86 -11.29
CA PRO A 65 -5.16 -4.39 -12.68
C PRO A 65 -3.74 -4.38 -13.23
N LYS A 66 -3.62 -4.57 -14.54
CA LYS A 66 -2.32 -4.59 -15.19
C LYS A 66 -1.70 -3.20 -15.21
N LEU A 67 -2.46 -2.21 -14.77
CA LEU A 67 -1.99 -0.83 -14.74
C LEU A 67 -1.44 -0.47 -13.37
N ARG A 68 -1.77 -1.28 -12.37
CA ARG A 68 -1.31 -1.04 -11.01
C ARG A 68 -0.54 -2.25 -10.48
N VAL A 69 -0.54 -3.33 -11.27
CA VAL A 69 0.16 -4.55 -10.88
C VAL A 69 1.58 -4.26 -10.44
N PRO A 70 2.36 -3.62 -11.33
CA PRO A 70 3.75 -3.26 -11.05
C PRO A 70 3.88 -2.16 -10.01
N ILE A 71 2.87 -1.30 -9.94
CA ILE A 71 2.86 -0.20 -8.98
C ILE A 71 2.71 -0.72 -7.55
N LEU A 72 1.84 -1.70 -7.37
CA LEU A 72 1.59 -2.28 -6.06
C LEU A 72 2.78 -3.13 -5.62
N SER A 73 3.37 -3.85 -6.57
CA SER A 73 4.52 -4.71 -6.27
C SER A 73 5.72 -3.88 -5.84
N LYS A 74 5.84 -2.69 -6.40
CA LYS A 74 6.94 -1.79 -6.08
C LYS A 74 6.65 -1.02 -4.79
N LEU A 75 5.38 -0.72 -4.55
CA LEU A 75 4.97 0.01 -3.37
C LEU A 75 5.02 -0.89 -2.13
N SER A 76 4.46 -2.09 -2.27
CA SER A 76 4.44 -3.04 -1.16
C SER A 76 5.83 -3.24 -0.58
N GLN A 77 6.84 -3.18 -1.43
CA GLN A 77 8.22 -3.35 -1.01
C GLN A 77 8.73 -2.09 -0.30
N GLU A 78 8.32 -0.94 -0.80
CA GLU A 78 8.74 0.33 -0.21
C GLU A 78 8.37 0.40 1.27
N ILE A 79 7.20 -0.13 1.61
CA ILE A 79 6.73 -0.14 2.99
C ILE A 79 7.57 -1.07 3.85
N ASN A 80 7.85 -2.26 3.31
CA ASN A 80 8.65 -3.25 4.03
C ASN A 80 9.99 -2.67 4.44
N LYS A 81 10.51 -1.75 3.63
CA LYS A 81 11.80 -1.11 3.91
C LYS A 81 11.61 0.10 4.81
N ASN A 82 10.37 0.56 4.94
CA ASN A 82 10.06 1.72 5.76
C ASN A 82 9.98 1.33 7.24
N GLU A 83 10.04 0.03 7.51
CA GLU A 83 9.98 -0.47 8.87
C GLU A 83 10.99 0.24 9.76
N GLU A 84 10.53 0.71 10.92
CA GLU A 84 11.40 1.41 11.87
C GLU A 84 12.49 0.48 12.38
N ARG A 85 13.73 0.77 11.99
CA ARG A 85 14.88 -0.03 12.41
C ARG A 85 14.90 -0.18 13.93
N ARG A 86 14.54 0.89 14.63
CA ARG A 86 14.53 0.89 16.08
C ARG A 86 13.90 2.16 16.63
N SER A 87 13.16 2.03 17.73
CA SER A 87 12.49 3.17 18.35
C SER A 87 12.24 2.92 19.83
N ILE A 88 12.13 3.99 20.60
CA ILE A 88 11.89 3.88 22.04
C ILE A 88 10.45 3.47 22.32
N PHE A 89 10.28 2.56 23.27
CA PHE A 89 8.95 2.09 23.64
C PHE A 89 8.47 2.74 24.94
N THR A 90 9.37 2.81 25.91
CA THR A 90 9.03 3.41 27.21
C THR A 90 9.99 4.56 27.53
N GLY A 1 7.23 22.56 2.86
CA GLY A 1 6.53 22.73 1.60
C GLY A 1 5.04 22.99 1.79
N SER A 2 4.64 24.23 1.59
CA SER A 2 3.25 24.62 1.75
C SER A 2 2.37 23.90 0.73
N SER A 3 1.15 23.54 1.15
CA SER A 3 0.22 22.85 0.27
C SER A 3 0.78 21.51 -0.18
N GLY A 4 1.63 20.92 0.66
CA GLY A 4 2.23 19.64 0.34
C GLY A 4 1.29 18.48 0.57
N SER A 5 1.80 17.26 0.42
CA SER A 5 0.99 16.06 0.61
C SER A 5 -0.23 16.07 -0.31
N SER A 6 -1.05 15.03 -0.21
CA SER A 6 -2.24 14.91 -1.04
C SER A 6 -1.87 14.89 -2.52
N GLY A 7 -0.76 14.24 -2.84
CA GLY A 7 -0.32 14.15 -4.22
C GLY A 7 -1.11 13.14 -5.02
N MET A 8 -0.72 12.94 -6.27
CA MET A 8 -1.39 11.98 -7.15
C MET A 8 -0.44 10.90 -7.62
N ALA A 9 0.52 10.54 -6.76
CA ALA A 9 1.50 9.52 -7.08
C ALA A 9 2.31 9.13 -5.86
N LEU A 10 3.37 8.36 -6.09
CA LEU A 10 4.24 7.91 -4.99
C LEU A 10 4.98 9.10 -4.38
N ARG A 11 4.38 9.70 -3.37
CA ARG A 11 4.98 10.84 -2.69
C ARG A 11 5.36 10.48 -1.26
N ASN A 12 4.65 9.51 -0.68
CA ASN A 12 4.90 9.08 0.68
C ASN A 12 4.58 7.60 0.85
N VAL A 13 5.21 6.97 1.84
CA VAL A 13 4.99 5.56 2.11
C VAL A 13 4.89 5.30 3.61
N PRO A 14 3.87 4.51 4.01
CA PRO A 14 3.64 4.17 5.42
C PRO A 14 4.70 3.23 5.96
N PHE A 15 4.60 2.90 7.24
CA PHE A 15 5.55 2.01 7.88
C PHE A 15 5.06 0.56 7.83
N ARG A 16 6.00 -0.38 7.87
CA ARG A 16 5.66 -1.79 7.82
C ARG A 16 4.77 -2.20 8.99
N SER A 17 5.27 -1.96 10.21
CA SER A 17 4.52 -2.30 11.42
C SER A 17 3.11 -1.71 11.36
N GLU A 18 2.98 -0.58 10.69
CA GLU A 18 1.69 0.08 10.55
C GLU A 18 0.76 -0.70 9.62
N VAL A 19 1.34 -1.21 8.53
CA VAL A 19 0.57 -1.98 7.55
C VAL A 19 0.22 -3.36 8.10
N LEU A 20 1.09 -3.91 8.94
CA LEU A 20 0.87 -5.22 9.53
C LEU A 20 -0.37 -5.22 10.42
N GLY A 21 -0.73 -4.04 10.92
CA GLY A 21 -1.90 -3.93 11.77
C GLY A 21 -3.06 -3.25 11.08
N TRP A 22 -3.05 -3.28 9.75
CA TRP A 22 -4.11 -2.66 8.97
C TRP A 22 -5.23 -3.65 8.68
N ASP A 23 -6.24 -3.20 7.94
CA ASP A 23 -7.37 -4.06 7.59
C ASP A 23 -7.72 -3.94 6.10
N PRO A 24 -8.49 -4.90 5.60
CA PRO A 24 -8.90 -4.91 4.19
C PRO A 24 -9.90 -3.81 3.87
N ASP A 25 -10.35 -3.11 4.90
CA ASP A 25 -11.31 -2.02 4.71
C ASP A 25 -10.65 -0.68 4.98
N SER A 26 -9.55 -0.70 5.73
CA SER A 26 -8.83 0.53 6.07
C SER A 26 -7.73 0.80 5.05
N LEU A 27 -6.98 -0.25 4.70
CA LEU A 27 -5.89 -0.11 3.74
C LEU A 27 -6.37 0.58 2.47
N ALA A 28 -7.64 0.39 2.13
CA ALA A 28 -8.21 1.00 0.94
C ALA A 28 -8.05 2.51 0.97
N ASP A 29 -8.11 3.09 2.16
CA ASP A 29 -7.97 4.53 2.34
C ASP A 29 -6.58 5.00 1.89
N TYR A 30 -5.56 4.24 2.26
CA TYR A 30 -4.19 4.58 1.91
C TYR A 30 -4.05 4.82 0.40
N PHE A 31 -4.67 3.93 -0.38
CA PHE A 31 -4.63 4.05 -1.83
C PHE A 31 -5.39 5.28 -2.31
N LYS A 32 -6.53 5.54 -1.68
CA LYS A 32 -7.35 6.69 -2.04
C LYS A 32 -6.55 7.99 -1.97
N LYS A 33 -5.53 7.99 -1.12
CA LYS A 33 -4.67 9.16 -0.95
C LYS A 33 -3.61 9.22 -2.05
N LEU A 34 -3.26 8.05 -2.59
CA LEU A 34 -2.26 7.97 -3.64
C LEU A 34 -2.91 8.02 -5.02
N ASN A 35 -4.16 8.45 -5.06
CA ASN A 35 -4.91 8.54 -6.31
C ASN A 35 -5.08 7.16 -6.95
N TYR A 36 -4.96 6.13 -6.12
CA TYR A 36 -5.10 4.75 -6.59
C TYR A 36 -6.49 4.21 -6.28
N LYS A 37 -7.51 4.78 -6.91
CA LYS A 37 -8.89 4.36 -6.69
C LYS A 37 -9.14 2.99 -7.31
N ASP A 38 -8.31 2.63 -8.29
CA ASP A 38 -8.45 1.34 -8.97
C ASP A 38 -7.93 0.20 -8.09
N CYS A 39 -7.10 0.55 -7.11
CA CYS A 39 -6.54 -0.44 -6.20
C CYS A 39 -7.39 -0.57 -4.94
N GLU A 40 -7.74 0.56 -4.35
CA GLU A 40 -8.55 0.58 -3.14
C GLU A 40 -9.82 -0.24 -3.33
N LYS A 41 -10.31 -0.30 -4.57
CA LYS A 41 -11.51 -1.05 -4.89
C LYS A 41 -11.33 -2.54 -4.60
N ALA A 42 -10.30 -3.13 -5.22
CA ALA A 42 -10.02 -4.54 -5.02
C ALA A 42 -9.63 -4.83 -3.57
N VAL A 43 -9.01 -3.85 -2.93
CA VAL A 43 -8.60 -3.99 -1.54
C VAL A 43 -9.79 -4.26 -0.63
N LYS A 44 -10.94 -3.68 -0.98
CA LYS A 44 -12.16 -3.86 -0.20
C LYS A 44 -13.01 -4.99 -0.76
N LYS A 45 -13.07 -5.08 -2.08
CA LYS A 45 -13.84 -6.13 -2.74
C LYS A 45 -13.27 -7.51 -2.43
N TYR A 46 -11.97 -7.67 -2.68
CA TYR A 46 -11.29 -8.93 -2.44
C TYR A 46 -10.91 -9.07 -0.96
N HIS A 47 -11.05 -7.99 -0.22
CA HIS A 47 -10.73 -7.99 1.21
C HIS A 47 -9.25 -8.24 1.43
N ILE A 48 -8.42 -7.31 0.98
CA ILE A 48 -6.97 -7.43 1.13
C ILE A 48 -6.44 -6.49 2.20
N ASP A 49 -6.10 -7.04 3.35
CA ASP A 49 -5.58 -6.24 4.47
C ASP A 49 -4.14 -5.85 4.21
N GLY A 50 -3.65 -4.88 4.98
CA GLY A 50 -2.28 -4.42 4.82
C GLY A 50 -1.28 -5.56 4.83
N ALA A 51 -1.43 -6.46 5.78
CA ALA A 51 -0.52 -7.61 5.89
C ALA A 51 -0.47 -8.40 4.59
N ARG A 52 -1.56 -8.32 3.81
CA ARG A 52 -1.64 -9.03 2.54
C ARG A 52 -1.00 -8.22 1.43
N PHE A 53 -0.94 -6.90 1.62
CA PHE A 53 -0.36 -6.01 0.62
C PHE A 53 1.16 -6.15 0.59
N LEU A 54 1.77 -6.15 1.77
CA LEU A 54 3.22 -6.28 1.88
C LEU A 54 3.69 -7.63 1.33
N ASN A 55 2.79 -8.60 1.31
CA ASN A 55 3.10 -9.93 0.80
C ASN A 55 2.53 -10.14 -0.60
N LEU A 56 2.46 -9.05 -1.37
CA LEU A 56 1.92 -9.12 -2.72
C LEU A 56 2.58 -10.24 -3.52
N THR A 57 1.85 -11.34 -3.69
CA THR A 57 2.37 -12.48 -4.43
C THR A 57 1.64 -12.65 -5.77
N GLU A 58 2.13 -13.56 -6.59
CA GLU A 58 1.53 -13.81 -7.90
C GLU A 58 0.04 -14.14 -7.77
N ASN A 59 -0.33 -14.65 -6.59
CA ASN A 59 -1.72 -15.00 -6.33
C ASN A 59 -2.57 -13.75 -6.06
N ASP A 60 -1.91 -12.72 -5.54
CA ASP A 60 -2.60 -11.47 -5.23
C ASP A 60 -2.57 -10.52 -6.43
N ILE A 61 -1.41 -10.42 -7.07
CA ILE A 61 -1.25 -9.56 -8.23
C ILE A 61 -2.31 -9.85 -9.28
N GLN A 62 -2.63 -11.12 -9.46
CA GLN A 62 -3.63 -11.53 -10.44
C GLN A 62 -4.97 -10.88 -10.15
N LYS A 63 -5.20 -10.53 -8.88
CA LYS A 63 -6.44 -9.90 -8.47
C LYS A 63 -6.36 -8.38 -8.61
N PHE A 64 -5.28 -7.91 -9.25
CA PHE A 64 -5.08 -6.48 -9.45
C PHE A 64 -4.98 -6.15 -10.93
N PRO A 65 -5.21 -4.88 -11.28
CA PRO A 65 -5.14 -4.40 -12.65
C PRO A 65 -3.72 -4.40 -13.20
N LYS A 66 -3.59 -4.59 -14.51
CA LYS A 66 -2.29 -4.61 -15.16
C LYS A 66 -1.68 -3.21 -15.20
N LEU A 67 -2.46 -2.23 -14.76
CA LEU A 67 -1.99 -0.85 -14.73
C LEU A 67 -1.43 -0.48 -13.36
N ARG A 68 -1.76 -1.29 -12.36
CA ARG A 68 -1.29 -1.05 -11.01
C ARG A 68 -0.53 -2.26 -10.47
N VAL A 69 -0.52 -3.34 -11.25
CA VAL A 69 0.17 -4.56 -10.86
C VAL A 69 1.60 -4.27 -10.42
N PRO A 70 2.38 -3.63 -11.31
CA PRO A 70 3.77 -3.27 -11.05
C PRO A 70 3.89 -2.17 -10.00
N ILE A 71 2.88 -1.30 -9.94
CA ILE A 71 2.88 -0.20 -8.98
C ILE A 71 2.73 -0.71 -7.55
N LEU A 72 1.82 -1.67 -7.36
CA LEU A 72 1.58 -2.24 -6.04
C LEU A 72 2.77 -3.08 -5.59
N SER A 73 3.34 -3.82 -6.52
CA SER A 73 4.50 -4.68 -6.21
C SER A 73 5.70 -3.84 -5.80
N LYS A 74 5.81 -2.65 -6.38
CA LYS A 74 6.92 -1.75 -6.08
C LYS A 74 6.66 -0.99 -4.78
N LEU A 75 5.39 -0.65 -4.54
CA LEU A 75 5.00 0.08 -3.34
C LEU A 75 5.06 -0.84 -2.11
N SER A 76 4.53 -2.04 -2.26
CA SER A 76 4.51 -3.01 -1.16
C SER A 76 5.91 -3.17 -0.57
N GLN A 77 6.92 -3.13 -1.43
CA GLN A 77 8.30 -3.28 -1.00
C GLN A 77 8.80 -2.02 -0.31
N GLU A 78 8.36 -0.87 -0.82
CA GLU A 78 8.75 0.41 -0.25
C GLU A 78 8.39 0.50 1.23
N ILE A 79 7.26 -0.12 1.60
CA ILE A 79 6.80 -0.12 2.98
C ILE A 79 7.66 -1.05 3.84
N ASN A 80 7.95 -2.23 3.31
CA ASN A 80 8.75 -3.21 4.03
C ASN A 80 10.09 -2.61 4.46
N LYS A 81 10.64 -1.75 3.61
CA LYS A 81 11.91 -1.10 3.91
C LYS A 81 11.71 0.12 4.81
N ASN A 82 10.46 0.58 4.91
CA ASN A 82 10.14 1.73 5.73
C ASN A 82 10.05 1.34 7.21
N GLU A 83 10.11 0.04 7.47
CA GLU A 83 10.04 -0.47 8.83
C GLU A 83 11.05 0.24 9.73
N GLU A 84 10.59 0.71 10.88
CA GLU A 84 11.47 1.40 11.82
C GLU A 84 12.60 0.49 12.28
N ARG A 85 13.79 0.73 11.76
CA ARG A 85 14.96 -0.08 12.11
C ARG A 85 15.37 0.17 13.56
N ARG A 86 15.82 -0.89 14.23
CA ARG A 86 16.23 -0.79 15.63
C ARG A 86 17.36 0.23 15.79
N SER A 87 18.17 0.37 14.74
CA SER A 87 19.29 1.32 14.76
C SER A 87 18.80 2.74 14.51
N ILE A 88 19.54 3.72 15.02
CA ILE A 88 19.19 5.11 14.86
C ILE A 88 20.07 5.78 13.81
N PHE A 89 19.67 6.98 13.38
CA PHE A 89 20.43 7.72 12.37
C PHE A 89 21.42 8.67 13.03
N THR A 90 20.90 9.75 13.60
CA THR A 90 21.74 10.74 14.27
C THR A 90 22.13 10.28 15.67
N GLY A 1 2.49 20.21 11.16
CA GLY A 1 1.70 19.35 10.29
C GLY A 1 0.31 19.08 10.85
N SER A 2 -0.12 17.82 10.77
CA SER A 2 -1.43 17.44 11.27
C SER A 2 -2.53 18.20 10.54
N SER A 3 -2.33 18.45 9.25
CA SER A 3 -3.30 19.18 8.45
C SER A 3 -2.85 19.27 7.00
N GLY A 4 -3.43 18.44 6.14
CA GLY A 4 -3.07 18.45 4.74
C GLY A 4 -2.97 17.05 4.16
N SER A 5 -3.34 16.90 2.90
CA SER A 5 -3.30 15.61 2.23
C SER A 5 -3.38 15.77 0.71
N SER A 6 -2.26 16.17 0.11
CA SER A 6 -2.20 16.36 -1.34
C SER A 6 -1.91 15.05 -2.05
N GLY A 7 -2.91 14.51 -2.73
CA GLY A 7 -2.74 13.26 -3.46
C GLY A 7 -2.55 13.48 -4.94
N MET A 8 -1.49 12.88 -5.49
CA MET A 8 -1.19 13.01 -6.91
C MET A 8 -0.43 11.79 -7.42
N ALA A 9 0.67 11.46 -6.74
CA ALA A 9 1.48 10.31 -7.13
C ALA A 9 2.22 9.74 -5.92
N LEU A 10 3.14 8.82 -6.18
CA LEU A 10 3.92 8.18 -5.12
C LEU A 10 4.89 9.17 -4.50
N ARG A 11 4.47 9.84 -3.44
CA ARG A 11 5.31 10.81 -2.76
C ARG A 11 5.28 10.59 -1.24
N ASN A 12 4.99 9.37 -0.84
CA ASN A 12 4.93 9.03 0.58
C ASN A 12 4.60 7.55 0.77
N VAL A 13 5.22 6.93 1.77
CA VAL A 13 4.99 5.53 2.06
C VAL A 13 4.89 5.28 3.57
N PRO A 14 3.86 4.52 3.97
CA PRO A 14 3.63 4.19 5.38
C PRO A 14 4.68 3.24 5.95
N PHE A 15 4.56 2.93 7.23
CA PHE A 15 5.51 2.04 7.88
C PHE A 15 5.02 0.59 7.83
N ARG A 16 5.95 -0.35 7.87
CA ARG A 16 5.62 -1.76 7.82
C ARG A 16 4.75 -2.15 9.02
N SER A 17 5.25 -1.92 10.22
CA SER A 17 4.51 -2.24 11.44
C SER A 17 3.10 -1.67 11.38
N GLU A 18 2.94 -0.54 10.70
CA GLU A 18 1.65 0.11 10.57
C GLU A 18 0.72 -0.68 9.65
N VAL A 19 1.29 -1.18 8.56
CA VAL A 19 0.53 -1.96 7.59
C VAL A 19 0.20 -3.35 8.13
N LEU A 20 1.12 -3.91 8.92
CA LEU A 20 0.93 -5.23 9.51
C LEU A 20 -0.30 -5.24 10.41
N GLY A 21 -0.72 -4.07 10.86
CA GLY A 21 -1.87 -3.97 11.73
C GLY A 21 -3.05 -3.31 11.06
N TRP A 22 -3.01 -3.24 9.73
CA TRP A 22 -4.09 -2.63 8.96
C TRP A 22 -5.20 -3.63 8.67
N ASP A 23 -6.22 -3.19 7.94
CA ASP A 23 -7.35 -4.05 7.60
C ASP A 23 -7.69 -3.92 6.12
N PRO A 24 -8.46 -4.89 5.61
CA PRO A 24 -8.88 -4.91 4.21
C PRO A 24 -9.89 -3.82 3.89
N ASP A 25 -10.34 -3.12 4.92
CA ASP A 25 -11.30 -2.03 4.73
C ASP A 25 -10.65 -0.68 4.99
N SER A 26 -9.55 -0.69 5.74
CA SER A 26 -8.83 0.54 6.07
C SER A 26 -7.73 0.81 5.05
N LEU A 27 -6.99 -0.24 4.70
CA LEU A 27 -5.90 -0.13 3.73
C LEU A 27 -6.37 0.57 2.46
N ALA A 28 -7.65 0.39 2.13
CA ALA A 28 -8.21 0.99 0.94
C ALA A 28 -8.06 2.52 0.97
N ASP A 29 -8.10 3.09 2.16
CA ASP A 29 -7.96 4.53 2.33
C ASP A 29 -6.58 4.99 1.88
N TYR A 30 -5.55 4.24 2.25
CA TYR A 30 -4.18 4.58 1.88
C TYR A 30 -4.06 4.82 0.38
N PHE A 31 -4.67 3.93 -0.40
CA PHE A 31 -4.63 4.04 -1.85
C PHE A 31 -5.40 5.28 -2.33
N LYS A 32 -6.53 5.54 -1.69
CA LYS A 32 -7.35 6.69 -2.04
C LYS A 32 -6.54 7.98 -1.97
N LYS A 33 -5.50 7.97 -1.15
CA LYS A 33 -4.64 9.14 -0.99
C LYS A 33 -3.58 9.19 -2.09
N LEU A 34 -3.26 8.03 -2.64
CA LEU A 34 -2.26 7.94 -3.70
C LEU A 34 -2.92 7.99 -5.08
N ASN A 35 -4.16 8.49 -5.12
CA ASN A 35 -4.90 8.59 -6.37
C ASN A 35 -5.08 7.22 -7.01
N TYR A 36 -4.97 6.18 -6.19
CA TYR A 36 -5.12 4.81 -6.67
C TYR A 36 -6.49 4.25 -6.32
N LYS A 37 -7.53 4.82 -6.93
CA LYS A 37 -8.89 4.38 -6.67
C LYS A 37 -9.15 3.01 -7.29
N ASP A 38 -8.33 2.65 -8.28
CA ASP A 38 -8.47 1.36 -8.95
C ASP A 38 -7.95 0.23 -8.07
N CYS A 39 -7.14 0.58 -7.08
CA CYS A 39 -6.58 -0.41 -6.17
C CYS A 39 -7.43 -0.55 -4.91
N GLU A 40 -7.78 0.59 -4.31
CA GLU A 40 -8.59 0.60 -3.10
C GLU A 40 -9.87 -0.23 -3.30
N LYS A 41 -10.35 -0.28 -4.54
CA LYS A 41 -11.55 -1.03 -4.87
C LYS A 41 -11.35 -2.52 -4.60
N ALA A 42 -10.33 -3.09 -5.20
CA ALA A 42 -10.03 -4.51 -5.02
C ALA A 42 -9.62 -4.80 -3.58
N VAL A 43 -9.00 -3.82 -2.92
CA VAL A 43 -8.57 -3.97 -1.54
C VAL A 43 -9.76 -4.23 -0.62
N LYS A 44 -10.90 -3.63 -0.95
CA LYS A 44 -12.11 -3.79 -0.15
C LYS A 44 -12.98 -4.92 -0.71
N LYS A 45 -13.02 -5.02 -2.03
CA LYS A 45 -13.81 -6.05 -2.70
C LYS A 45 -13.26 -7.44 -2.40
N TYR A 46 -11.96 -7.61 -2.65
CA TYR A 46 -11.31 -8.89 -2.41
C TYR A 46 -10.93 -9.05 -0.95
N HIS A 47 -11.08 -7.97 -0.19
CA HIS A 47 -10.75 -7.99 1.24
C HIS A 47 -9.27 -8.25 1.45
N ILE A 48 -8.43 -7.32 0.99
CA ILE A 48 -6.99 -7.45 1.14
C ILE A 48 -6.46 -6.51 2.22
N ASP A 49 -6.11 -7.08 3.37
CA ASP A 49 -5.59 -6.30 4.49
C ASP A 49 -4.15 -5.88 4.22
N GLY A 50 -3.66 -4.91 4.99
CA GLY A 50 -2.30 -4.44 4.82
C GLY A 50 -1.29 -5.58 4.82
N ALA A 51 -1.42 -6.49 5.78
CA ALA A 51 -0.52 -7.62 5.88
C ALA A 51 -0.46 -8.40 4.57
N ARG A 52 -1.55 -8.35 3.81
CA ARG A 52 -1.63 -9.05 2.53
C ARG A 52 -0.98 -8.23 1.42
N PHE A 53 -0.94 -6.91 1.61
CA PHE A 53 -0.36 -6.02 0.63
C PHE A 53 1.16 -6.20 0.56
N LEU A 54 1.81 -6.06 1.72
CA LEU A 54 3.26 -6.21 1.80
C LEU A 54 3.70 -7.56 1.26
N ASN A 55 2.83 -8.55 1.38
CA ASN A 55 3.13 -9.90 0.92
C ASN A 55 2.56 -10.12 -0.48
N LEU A 56 2.48 -9.05 -1.26
CA LEU A 56 1.96 -9.13 -2.62
C LEU A 56 2.65 -10.24 -3.41
N THR A 57 1.91 -11.31 -3.69
CA THR A 57 2.45 -12.44 -4.43
C THR A 57 1.73 -12.60 -5.77
N GLU A 58 2.24 -13.52 -6.60
CA GLU A 58 1.65 -13.76 -7.91
C GLU A 58 0.18 -14.13 -7.79
N ASN A 59 -0.20 -14.64 -6.62
CA ASN A 59 -1.59 -15.03 -6.37
C ASN A 59 -2.44 -13.80 -6.06
N ASP A 60 -1.81 -12.76 -5.54
CA ASP A 60 -2.52 -11.54 -5.20
C ASP A 60 -2.52 -10.56 -6.38
N ILE A 61 -1.36 -10.42 -7.01
CA ILE A 61 -1.22 -9.52 -8.16
C ILE A 61 -2.26 -9.82 -9.22
N GLN A 62 -2.59 -11.10 -9.38
CA GLN A 62 -3.57 -11.53 -10.37
C GLN A 62 -4.93 -10.89 -10.09
N LYS A 63 -5.16 -10.51 -8.84
CA LYS A 63 -6.42 -9.90 -8.44
C LYS A 63 -6.34 -8.38 -8.60
N PHE A 64 -5.29 -7.91 -9.25
CA PHE A 64 -5.10 -6.48 -9.46
C PHE A 64 -5.00 -6.16 -10.95
N PRO A 65 -5.22 -4.88 -11.29
CA PRO A 65 -5.16 -4.42 -12.69
C PRO A 65 -3.73 -4.41 -13.23
N LYS A 66 -3.61 -4.61 -14.53
CA LYS A 66 -2.31 -4.63 -15.18
C LYS A 66 -1.69 -3.23 -15.22
N LEU A 67 -2.47 -2.24 -14.79
CA LEU A 67 -2.01 -0.86 -14.78
C LEU A 67 -1.46 -0.48 -13.41
N ARG A 68 -1.79 -1.29 -12.41
CA ARG A 68 -1.34 -1.04 -11.04
C ARG A 68 -0.57 -2.24 -10.50
N VAL A 69 -0.54 -3.32 -11.28
CA VAL A 69 0.15 -4.54 -10.87
C VAL A 69 1.58 -4.24 -10.43
N PRO A 70 2.35 -3.60 -11.31
CA PRO A 70 3.75 -3.23 -11.03
C PRO A 70 3.85 -2.12 -9.99
N ILE A 71 2.84 -1.27 -9.93
CA ILE A 71 2.83 -0.16 -8.98
C ILE A 71 2.67 -0.68 -7.55
N LEU A 72 1.84 -1.70 -7.38
CA LEU A 72 1.61 -2.28 -6.06
C LEU A 72 2.80 -3.12 -5.61
N SER A 73 3.38 -3.85 -6.56
CA SER A 73 4.53 -4.70 -6.27
C SER A 73 5.73 -3.86 -5.84
N LYS A 74 5.84 -2.66 -6.41
CA LYS A 74 6.95 -1.76 -6.08
C LYS A 74 6.66 -1.00 -4.80
N LEU A 75 5.38 -0.72 -4.54
CA LEU A 75 4.98 0.01 -3.35
C LEU A 75 5.03 -0.90 -2.12
N SER A 76 4.47 -2.10 -2.26
CA SER A 76 4.45 -3.06 -1.16
C SER A 76 5.85 -3.26 -0.58
N GLN A 77 6.85 -3.20 -1.45
CA GLN A 77 8.24 -3.37 -1.01
C GLN A 77 8.75 -2.10 -0.33
N GLU A 78 8.30 -0.95 -0.81
CA GLU A 78 8.73 0.32 -0.24
C GLU A 78 8.36 0.41 1.24
N ILE A 79 7.22 -0.16 1.59
CA ILE A 79 6.75 -0.16 2.97
C ILE A 79 7.60 -1.09 3.84
N ASN A 80 7.88 -2.28 3.31
CA ASN A 80 8.68 -3.26 4.03
C ASN A 80 10.02 -2.68 4.45
N LYS A 81 10.54 -1.75 3.64
CA LYS A 81 11.81 -1.12 3.92
C LYS A 81 11.63 0.10 4.82
N ASN A 82 10.39 0.56 4.95
CA ASN A 82 10.08 1.71 5.77
C ASN A 82 9.98 1.31 7.25
N GLU A 83 10.05 0.02 7.51
CA GLU A 83 9.98 -0.50 8.87
C GLU A 83 10.97 0.21 9.78
N GLU A 84 10.62 0.36 11.05
CA GLU A 84 11.48 1.02 12.02
C GLU A 84 12.37 0.00 12.74
N ARG A 85 13.67 0.28 12.77
CA ARG A 85 14.62 -0.61 13.43
C ARG A 85 14.64 -1.97 12.74
N ARG A 86 15.33 -2.93 13.37
CA ARG A 86 15.43 -4.28 12.83
C ARG A 86 16.16 -4.27 11.48
N SER A 87 16.58 -5.45 11.03
CA SER A 87 17.29 -5.56 9.77
C SER A 87 18.62 -4.82 9.82
N ILE A 88 19.67 -5.52 10.26
CA ILE A 88 21.00 -4.92 10.36
C ILE A 88 21.40 -4.26 9.05
N PHE A 89 22.25 -3.24 9.14
CA PHE A 89 22.71 -2.53 7.95
C PHE A 89 24.09 -1.91 8.19
N THR A 90 24.86 -2.53 9.08
CA THR A 90 26.19 -2.04 9.41
C THR A 90 27.21 -3.19 9.41
N GLY A 1 0.52 17.17 -14.79
CA GLY A 1 0.29 16.88 -13.39
C GLY A 1 1.42 17.39 -12.51
N SER A 2 2.51 16.63 -12.46
CA SER A 2 3.67 16.99 -11.65
C SER A 2 4.50 18.07 -12.34
N SER A 3 5.41 18.69 -11.59
CA SER A 3 6.27 19.72 -12.13
C SER A 3 5.44 20.89 -12.67
N GLY A 4 5.22 21.90 -11.81
CA GLY A 4 4.44 23.05 -12.21
C GLY A 4 4.03 23.90 -11.03
N SER A 5 2.97 23.49 -10.34
CA SER A 5 2.47 24.22 -9.19
C SER A 5 2.34 23.31 -7.98
N SER A 6 1.51 22.28 -8.10
CA SER A 6 1.30 21.33 -7.01
C SER A 6 1.10 19.92 -7.55
N GLY A 7 1.96 19.00 -7.11
CA GLY A 7 1.85 17.62 -7.57
C GLY A 7 2.40 16.64 -6.56
N MET A 8 2.05 15.36 -6.73
CA MET A 8 2.51 14.32 -5.81
C MET A 8 2.32 12.94 -6.42
N ALA A 9 3.34 12.10 -6.32
CA ALA A 9 3.27 10.75 -6.87
C ALA A 9 4.24 9.82 -6.14
N LEU A 10 3.70 8.88 -5.38
CA LEU A 10 4.52 7.93 -4.63
C LEU A 10 5.58 8.66 -3.81
N ARG A 11 5.26 9.87 -3.37
CA ARG A 11 6.17 10.67 -2.57
C ARG A 11 5.88 10.50 -1.09
N ASN A 12 5.30 9.36 -0.72
CA ASN A 12 4.97 9.07 0.67
C ASN A 12 4.63 7.60 0.86
N VAL A 13 5.24 6.98 1.86
CA VAL A 13 5.00 5.57 2.15
C VAL A 13 4.89 5.33 3.66
N PRO A 14 3.86 4.57 4.06
CA PRO A 14 3.62 4.25 5.46
C PRO A 14 4.66 3.29 6.03
N PHE A 15 4.56 3.02 7.33
CA PHE A 15 5.50 2.12 7.99
C PHE A 15 5.03 0.67 7.90
N ARG A 16 5.97 -0.26 7.90
CA ARG A 16 5.65 -1.68 7.82
C ARG A 16 4.77 -2.10 8.99
N SER A 17 5.26 -1.87 10.21
CA SER A 17 4.52 -2.23 11.41
C SER A 17 3.10 -1.69 11.36
N GLU A 18 2.94 -0.53 10.73
CA GLU A 18 1.63 0.10 10.61
C GLU A 18 0.73 -0.70 9.67
N VAL A 19 1.30 -1.17 8.57
CA VAL A 19 0.55 -1.94 7.59
C VAL A 19 0.24 -3.34 8.12
N LEU A 20 1.13 -3.87 8.93
CA LEU A 20 0.95 -5.20 9.51
C LEU A 20 -0.29 -5.24 10.40
N GLY A 21 -0.69 -4.08 10.91
CA GLY A 21 -1.86 -4.00 11.76
C GLY A 21 -3.03 -3.32 11.08
N TRP A 22 -3.00 -3.29 9.74
CA TRP A 22 -4.07 -2.65 8.97
C TRP A 22 -5.18 -3.66 8.69
N ASP A 23 -6.21 -3.20 7.97
CA ASP A 23 -7.34 -4.05 7.62
C ASP A 23 -7.67 -3.93 6.14
N PRO A 24 -8.45 -4.91 5.62
CA PRO A 24 -8.85 -4.92 4.22
C PRO A 24 -9.86 -3.82 3.89
N ASP A 25 -10.32 -3.12 4.92
CA ASP A 25 -11.27 -2.03 4.74
C ASP A 25 -10.62 -0.68 4.99
N SER A 26 -9.52 -0.70 5.73
CA SER A 26 -8.80 0.53 6.06
C SER A 26 -7.69 0.79 5.04
N LEU A 27 -6.96 -0.25 4.67
CA LEU A 27 -5.87 -0.13 3.72
C LEU A 27 -6.34 0.56 2.44
N ALA A 28 -7.62 0.37 2.11
CA ALA A 28 -8.20 0.99 0.92
C ALA A 28 -8.06 2.50 0.96
N ASP A 29 -8.09 3.07 2.16
CA ASP A 29 -7.97 4.50 2.34
C ASP A 29 -6.60 4.99 1.89
N TYR A 30 -5.56 4.24 2.26
CA TYR A 30 -4.19 4.61 1.90
C TYR A 30 -4.07 4.84 0.41
N PHE A 31 -4.66 3.95 -0.38
CA PHE A 31 -4.62 4.07 -1.84
C PHE A 31 -5.38 5.30 -2.31
N LYS A 32 -6.52 5.55 -1.68
CA LYS A 32 -7.36 6.70 -2.03
C LYS A 32 -6.55 7.99 -1.96
N LYS A 33 -5.51 7.99 -1.13
CA LYS A 33 -4.66 9.17 -0.97
C LYS A 33 -3.60 9.22 -2.07
N LEU A 34 -3.25 8.06 -2.61
CA LEU A 34 -2.25 7.97 -3.66
C LEU A 34 -2.91 8.02 -5.04
N ASN A 35 -4.16 8.46 -5.08
CA ASN A 35 -4.90 8.55 -6.34
C ASN A 35 -5.09 7.17 -6.96
N TYR A 36 -4.98 6.14 -6.14
CA TYR A 36 -5.13 4.76 -6.60
C TYR A 36 -6.52 4.23 -6.26
N LYS A 37 -7.54 4.80 -6.89
CA LYS A 37 -8.92 4.39 -6.67
C LYS A 37 -9.18 3.01 -7.28
N ASP A 38 -8.35 2.64 -8.25
CA ASP A 38 -8.50 1.35 -8.92
C ASP A 38 -7.98 0.22 -8.04
N CYS A 39 -7.10 0.55 -7.11
CA CYS A 39 -6.53 -0.43 -6.19
C CYS A 39 -7.38 -0.57 -4.94
N GLU A 40 -7.72 0.57 -4.33
CA GLU A 40 -8.53 0.58 -3.12
C GLU A 40 -9.81 -0.25 -3.31
N LYS A 41 -10.29 -0.30 -4.55
CA LYS A 41 -11.50 -1.05 -4.87
C LYS A 41 -11.30 -2.54 -4.58
N ALA A 42 -10.29 -3.13 -5.20
CA ALA A 42 -9.98 -4.54 -5.01
C ALA A 42 -9.59 -4.83 -3.57
N VAL A 43 -8.98 -3.84 -2.93
CA VAL A 43 -8.55 -4.00 -1.53
C VAL A 43 -9.74 -4.25 -0.62
N LYS A 44 -10.88 -3.66 -0.96
CA LYS A 44 -12.09 -3.82 -0.16
C LYS A 44 -12.95 -4.95 -0.71
N LYS A 45 -12.99 -5.06 -2.04
CA LYS A 45 -13.79 -6.09 -2.70
C LYS A 45 -13.22 -7.48 -2.41
N TYR A 46 -11.92 -7.64 -2.66
CA TYR A 46 -11.26 -8.93 -2.42
C TYR A 46 -10.88 -9.08 -0.95
N HIS A 47 -11.02 -7.99 -0.19
CA HIS A 47 -10.69 -8.00 1.24
C HIS A 47 -9.21 -8.26 1.45
N ILE A 48 -8.38 -7.32 1.00
CA ILE A 48 -6.92 -7.45 1.14
C ILE A 48 -6.39 -6.50 2.21
N ASP A 49 -6.07 -7.04 3.37
CA ASP A 49 -5.54 -6.24 4.47
C ASP A 49 -4.09 -5.84 4.20
N GLY A 50 -3.60 -4.87 4.97
CA GLY A 50 -2.23 -4.41 4.80
C GLY A 50 -1.24 -5.55 4.81
N ALA A 51 -1.37 -6.45 5.78
CA ALA A 51 -0.47 -7.58 5.89
C ALA A 51 -0.42 -8.39 4.60
N ARG A 52 -1.52 -8.33 3.84
CA ARG A 52 -1.60 -9.05 2.57
C ARG A 52 -0.97 -8.24 1.44
N PHE A 53 -0.93 -6.93 1.61
CA PHE A 53 -0.35 -6.04 0.61
C PHE A 53 1.16 -6.19 0.56
N LEU A 54 1.79 -6.21 1.73
CA LEU A 54 3.24 -6.36 1.82
C LEU A 54 3.69 -7.70 1.25
N ASN A 55 2.79 -8.67 1.26
CA ASN A 55 3.09 -10.00 0.75
C ASN A 55 2.52 -10.20 -0.65
N LEU A 56 2.44 -9.11 -1.40
CA LEU A 56 1.91 -9.16 -2.76
C LEU A 56 2.58 -10.27 -3.57
N THR A 57 1.86 -11.37 -3.76
CA THR A 57 2.39 -12.51 -4.52
C THR A 57 1.66 -12.66 -5.85
N GLU A 58 2.14 -13.58 -6.67
CA GLU A 58 1.53 -13.83 -7.98
C GLU A 58 0.05 -14.14 -7.83
N ASN A 59 -0.34 -14.65 -6.67
CA ASN A 59 -1.72 -15.00 -6.40
C ASN A 59 -2.55 -13.75 -6.11
N ASP A 60 -1.90 -12.72 -5.59
CA ASP A 60 -2.57 -11.47 -5.27
C ASP A 60 -2.55 -10.52 -6.46
N ILE A 61 -1.40 -10.42 -7.11
CA ILE A 61 -1.24 -9.54 -8.27
C ILE A 61 -2.31 -9.83 -9.32
N GLN A 62 -2.62 -11.11 -9.50
CA GLN A 62 -3.63 -11.52 -10.47
C GLN A 62 -4.97 -10.87 -10.17
N LYS A 63 -5.18 -10.50 -8.91
CA LYS A 63 -6.43 -9.87 -8.48
C LYS A 63 -6.34 -8.35 -8.63
N PHE A 64 -5.28 -7.89 -9.28
CA PHE A 64 -5.08 -6.45 -9.47
C PHE A 64 -4.97 -6.12 -10.95
N PRO A 65 -5.19 -4.84 -11.28
CA PRO A 65 -5.13 -4.36 -12.67
C PRO A 65 -3.71 -4.36 -13.22
N LYS A 66 -3.59 -4.54 -14.53
CA LYS A 66 -2.28 -4.57 -15.17
C LYS A 66 -1.67 -3.17 -15.20
N LEU A 67 -2.44 -2.18 -14.76
CA LEU A 67 -1.96 -0.81 -14.73
C LEU A 67 -1.41 -0.45 -13.36
N ARG A 68 -1.74 -1.26 -12.36
CA ARG A 68 -1.27 -1.03 -11.00
C ARG A 68 -0.50 -2.25 -10.47
N VAL A 69 -0.50 -3.32 -11.26
CA VAL A 69 0.18 -4.54 -10.87
C VAL A 69 1.62 -4.26 -10.43
N PRO A 70 2.39 -3.62 -11.32
CA PRO A 70 3.79 -3.27 -11.04
C PRO A 70 3.91 -2.17 -10.00
N ILE A 71 2.90 -1.31 -9.93
CA ILE A 71 2.90 -0.21 -8.97
C ILE A 71 2.74 -0.72 -7.54
N LEU A 72 1.84 -1.69 -7.36
CA LEU A 72 1.60 -2.27 -6.05
C LEU A 72 2.77 -3.13 -5.61
N SER A 73 3.34 -3.89 -6.54
CA SER A 73 4.47 -4.76 -6.25
C SER A 73 5.69 -3.94 -5.83
N LYS A 74 5.80 -2.73 -6.37
CA LYS A 74 6.92 -1.85 -6.05
C LYS A 74 6.64 -1.07 -4.77
N LEU A 75 5.38 -0.69 -4.57
CA LEU A 75 4.98 0.05 -3.39
C LEU A 75 5.01 -0.83 -2.14
N SER A 76 4.46 -2.04 -2.28
CA SER A 76 4.42 -2.98 -1.15
C SER A 76 5.80 -3.16 -0.55
N GLN A 77 6.82 -3.16 -1.40
CA GLN A 77 8.20 -3.33 -0.95
C GLN A 77 8.70 -2.06 -0.24
N GLU A 78 8.31 -0.91 -0.77
CA GLU A 78 8.71 0.36 -0.19
C GLU A 78 8.33 0.44 1.28
N ILE A 79 7.17 -0.11 1.62
CA ILE A 79 6.70 -0.11 3.00
C ILE A 79 7.53 -1.05 3.88
N ASN A 80 7.88 -2.21 3.31
CA ASN A 80 8.68 -3.19 4.04
C ASN A 80 9.99 -2.58 4.51
N LYS A 81 10.54 -1.68 3.71
CA LYS A 81 11.79 -1.02 4.05
C LYS A 81 11.55 0.26 4.84
N ASN A 82 10.31 0.45 5.30
CA ASN A 82 9.95 1.62 6.07
C ASN A 82 9.69 1.25 7.53
N GLU A 83 10.21 0.11 7.95
CA GLU A 83 10.03 -0.35 9.32
C GLU A 83 10.96 0.39 10.28
N GLU A 84 10.40 0.85 11.39
CA GLU A 84 11.18 1.58 12.39
C GLU A 84 12.28 0.70 12.96
N ARG A 85 13.53 1.11 12.73
CA ARG A 85 14.69 0.37 13.22
C ARG A 85 14.57 0.10 14.73
N ARG A 86 15.42 -0.77 15.23
CA ARG A 86 15.42 -1.12 16.65
C ARG A 86 14.09 -1.75 17.05
N SER A 87 13.65 -2.73 16.27
CA SER A 87 12.39 -3.42 16.54
C SER A 87 12.38 -4.81 15.91
N ILE A 88 13.26 -5.67 16.39
CA ILE A 88 13.35 -7.04 15.88
C ILE A 88 13.82 -7.04 14.42
N PHE A 89 14.49 -8.12 14.03
CA PHE A 89 14.99 -8.25 12.67
C PHE A 89 15.41 -9.68 12.38
N THR A 90 14.76 -10.64 13.03
CA THR A 90 15.07 -12.05 12.85
C THR A 90 16.54 -12.33 13.14
N GLY A 1 1.31 26.82 7.16
CA GLY A 1 1.21 28.11 6.51
C GLY A 1 1.58 28.05 5.03
N SER A 2 2.82 27.68 4.75
CA SER A 2 3.31 27.59 3.37
C SER A 2 2.82 26.31 2.72
N SER A 3 2.29 26.43 1.50
CA SER A 3 1.79 25.28 0.77
C SER A 3 1.70 25.59 -0.72
N GLY A 4 1.74 24.54 -1.55
CA GLY A 4 1.67 24.72 -2.98
C GLY A 4 2.47 23.68 -3.74
N SER A 5 1.98 22.45 -3.76
CA SER A 5 2.67 21.36 -4.45
C SER A 5 1.68 20.27 -4.85
N SER A 6 1.77 19.84 -6.11
CA SER A 6 0.88 18.80 -6.62
C SER A 6 1.68 17.69 -7.30
N GLY A 7 0.97 16.72 -7.86
CA GLY A 7 1.64 15.60 -8.52
C GLY A 7 2.55 14.84 -7.59
N MET A 8 2.00 13.81 -6.93
CA MET A 8 2.77 12.99 -6.01
C MET A 8 2.71 11.52 -6.41
N ALA A 9 3.86 10.96 -6.77
CA ALA A 9 3.94 9.56 -7.16
C ALA A 9 4.92 8.79 -6.28
N LEU A 10 4.40 7.89 -5.46
CA LEU A 10 5.22 7.10 -4.56
C LEU A 10 6.17 7.98 -3.75
N ARG A 11 5.73 9.21 -3.48
CA ARG A 11 6.53 10.15 -2.71
C ARG A 11 6.39 9.91 -1.22
N ASN A 12 5.25 9.33 -0.83
CA ASN A 12 4.98 9.05 0.58
C ASN A 12 4.64 7.57 0.77
N VAL A 13 5.25 6.97 1.79
CA VAL A 13 5.02 5.56 2.09
C VAL A 13 4.90 5.32 3.59
N PRO A 14 3.87 4.56 4.00
CA PRO A 14 3.61 4.25 5.40
C PRO A 14 4.66 3.31 5.98
N PHE A 15 4.55 3.02 7.28
CA PHE A 15 5.49 2.13 7.95
C PHE A 15 5.01 0.69 7.88
N ARG A 16 5.96 -0.24 7.88
CA ARG A 16 5.63 -1.66 7.81
C ARG A 16 4.77 -2.07 9.00
N SER A 17 5.27 -1.84 10.21
CA SER A 17 4.55 -2.19 11.41
C SER A 17 3.12 -1.66 11.38
N GLU A 18 2.95 -0.50 10.73
CA GLU A 18 1.64 0.12 10.62
C GLU A 18 0.73 -0.68 9.69
N VAL A 19 1.30 -1.15 8.58
CA VAL A 19 0.55 -1.94 7.61
C VAL A 19 0.24 -3.34 8.14
N LEU A 20 1.16 -3.88 8.92
CA LEU A 20 0.99 -5.20 9.51
C LEU A 20 -0.24 -5.26 10.40
N GLY A 21 -0.67 -4.08 10.86
CA GLY A 21 -1.84 -4.02 11.72
C GLY A 21 -3.02 -3.34 11.05
N TRP A 22 -2.99 -3.29 9.73
CA TRP A 22 -4.06 -2.67 8.97
C TRP A 22 -5.18 -3.66 8.67
N ASP A 23 -6.20 -3.21 7.96
CA ASP A 23 -7.33 -4.06 7.61
C ASP A 23 -7.67 -3.93 6.12
N PRO A 24 -8.44 -4.90 5.61
CA PRO A 24 -8.86 -4.92 4.20
C PRO A 24 -9.86 -3.81 3.88
N ASP A 25 -10.32 -3.12 4.92
CA ASP A 25 -11.28 -2.04 4.75
C ASP A 25 -10.62 -0.68 5.01
N SER A 26 -9.52 -0.69 5.75
CA SER A 26 -8.81 0.53 6.07
C SER A 26 -7.70 0.80 5.06
N LEU A 27 -6.97 -0.25 4.70
CA LEU A 27 -5.88 -0.13 3.73
C LEU A 27 -6.36 0.58 2.46
N ALA A 28 -7.62 0.39 2.13
CA ALA A 28 -8.21 1.01 0.94
C ALA A 28 -8.04 2.53 0.98
N ASP A 29 -8.08 3.10 2.19
CA ASP A 29 -7.93 4.54 2.36
C ASP A 29 -6.56 5.00 1.90
N TYR A 30 -5.53 4.25 2.27
CA TYR A 30 -4.16 4.58 1.89
C TYR A 30 -4.04 4.83 0.40
N PHE A 31 -4.65 3.94 -0.39
CA PHE A 31 -4.63 4.05 -1.84
C PHE A 31 -5.39 5.28 -2.31
N LYS A 32 -6.54 5.54 -1.67
CA LYS A 32 -7.36 6.68 -2.02
C LYS A 32 -6.56 7.98 -1.95
N LYS A 33 -5.53 7.98 -1.12
CA LYS A 33 -4.68 9.16 -0.95
C LYS A 33 -3.62 9.22 -2.05
N LEU A 34 -3.28 8.06 -2.59
CA LEU A 34 -2.28 7.98 -3.66
C LEU A 34 -2.93 8.03 -5.04
N ASN A 35 -4.19 8.46 -5.07
CA ASN A 35 -4.94 8.55 -6.32
C ASN A 35 -5.12 7.18 -6.95
N TYR A 36 -4.99 6.14 -6.12
CA TYR A 36 -5.14 4.76 -6.60
C TYR A 36 -6.53 4.22 -6.27
N LYS A 37 -7.54 4.80 -6.88
CA LYS A 37 -8.92 4.38 -6.66
C LYS A 37 -9.17 3.01 -7.28
N ASP A 38 -8.35 2.65 -8.25
CA ASP A 38 -8.49 1.36 -8.93
C ASP A 38 -7.97 0.23 -8.04
N CYS A 39 -7.10 0.57 -7.11
CA CYS A 39 -6.53 -0.42 -6.20
C CYS A 39 -7.38 -0.57 -4.95
N GLU A 40 -7.73 0.56 -4.34
CA GLU A 40 -8.54 0.57 -3.13
C GLU A 40 -9.81 -0.26 -3.32
N LYS A 41 -10.29 -0.30 -4.56
CA LYS A 41 -11.50 -1.07 -4.88
C LYS A 41 -11.31 -2.55 -4.59
N ALA A 42 -10.29 -3.14 -5.22
CA ALA A 42 -9.99 -4.55 -5.04
C ALA A 42 -9.60 -4.85 -3.59
N VAL A 43 -8.99 -3.85 -2.94
CA VAL A 43 -8.56 -4.00 -1.55
C VAL A 43 -9.75 -4.26 -0.64
N LYS A 44 -10.89 -3.66 -0.97
CA LYS A 44 -12.10 -3.83 -0.18
C LYS A 44 -12.97 -4.95 -0.73
N LYS A 45 -13.00 -5.07 -2.06
CA LYS A 45 -13.79 -6.10 -2.71
C LYS A 45 -13.23 -7.49 -2.43
N TYR A 46 -11.93 -7.66 -2.65
CA TYR A 46 -11.26 -8.93 -2.42
C TYR A 46 -10.88 -9.08 -0.95
N HIS A 47 -11.03 -8.00 -0.19
CA HIS A 47 -10.70 -8.01 1.23
C HIS A 47 -9.22 -8.26 1.45
N ILE A 48 -8.39 -7.32 1.00
CA ILE A 48 -6.94 -7.44 1.13
C ILE A 48 -6.41 -6.50 2.21
N ASP A 49 -6.07 -7.05 3.36
CA ASP A 49 -5.54 -6.25 4.47
C ASP A 49 -4.10 -5.84 4.20
N GLY A 50 -3.62 -4.88 4.97
CA GLY A 50 -2.25 -4.41 4.81
C GLY A 50 -1.25 -5.54 4.80
N ALA A 51 -1.37 -6.44 5.77
CA ALA A 51 -0.47 -7.57 5.88
C ALA A 51 -0.42 -8.36 4.58
N ARG A 52 -1.51 -8.32 3.83
CA ARG A 52 -1.60 -9.04 2.56
C ARG A 52 -0.95 -8.22 1.44
N PHE A 53 -0.95 -6.90 1.61
CA PHE A 53 -0.36 -6.01 0.60
C PHE A 53 1.15 -6.18 0.54
N LEU A 54 1.79 -6.21 1.71
CA LEU A 54 3.23 -6.36 1.79
C LEU A 54 3.67 -7.71 1.24
N ASN A 55 2.76 -8.67 1.27
CA ASN A 55 3.05 -10.02 0.76
C ASN A 55 2.48 -10.20 -0.64
N LEU A 56 2.42 -9.12 -1.40
CA LEU A 56 1.90 -9.16 -2.77
C LEU A 56 2.57 -10.27 -3.56
N THR A 57 1.85 -11.37 -3.76
CA THR A 57 2.39 -12.51 -4.52
C THR A 57 1.66 -12.66 -5.85
N GLU A 58 2.14 -13.58 -6.67
CA GLU A 58 1.54 -13.84 -7.97
C GLU A 58 0.06 -14.15 -7.84
N ASN A 59 -0.34 -14.66 -6.66
CA ASN A 59 -1.73 -15.01 -6.41
C ASN A 59 -2.56 -13.76 -6.11
N ASP A 60 -1.89 -12.72 -5.60
CA ASP A 60 -2.56 -11.47 -5.27
C ASP A 60 -2.54 -10.52 -6.46
N ILE A 61 -1.38 -10.42 -7.12
CA ILE A 61 -1.24 -9.54 -8.27
C ILE A 61 -2.31 -9.83 -9.32
N GLN A 62 -2.62 -11.10 -9.50
CA GLN A 62 -3.63 -11.52 -10.47
C GLN A 62 -4.97 -10.87 -10.17
N LYS A 63 -5.18 -10.50 -8.91
CA LYS A 63 -6.43 -9.87 -8.49
C LYS A 63 -6.33 -8.35 -8.62
N PHE A 64 -5.29 -7.88 -9.28
CA PHE A 64 -5.08 -6.45 -9.47
C PHE A 64 -4.97 -6.12 -10.96
N PRO A 65 -5.19 -4.83 -11.29
CA PRO A 65 -5.14 -4.35 -12.67
C PRO A 65 -3.71 -4.34 -13.22
N LYS A 66 -3.59 -4.54 -14.53
CA LYS A 66 -2.28 -4.56 -15.18
C LYS A 66 -1.67 -3.17 -15.21
N LEU A 67 -2.44 -2.18 -14.76
CA LEU A 67 -1.96 -0.80 -14.73
C LEU A 67 -1.41 -0.44 -13.36
N ARG A 68 -1.74 -1.26 -12.36
CA ARG A 68 -1.27 -1.03 -11.00
C ARG A 68 -0.51 -2.25 -10.47
N VAL A 69 -0.51 -3.32 -11.25
CA VAL A 69 0.18 -4.54 -10.87
C VAL A 69 1.61 -4.25 -10.43
N PRO A 70 2.39 -3.61 -11.32
CA PRO A 70 3.78 -3.27 -11.04
C PRO A 70 3.91 -2.16 -9.99
N ILE A 71 2.90 -1.31 -9.92
CA ILE A 71 2.90 -0.20 -8.97
C ILE A 71 2.74 -0.72 -7.54
N LEU A 72 1.84 -1.68 -7.36
CA LEU A 72 1.59 -2.27 -6.05
C LEU A 72 2.77 -3.12 -5.60
N SER A 73 3.33 -3.88 -6.54
CA SER A 73 4.47 -4.74 -6.23
C SER A 73 5.68 -3.92 -5.81
N LYS A 74 5.80 -2.72 -6.37
CA LYS A 74 6.92 -1.84 -6.04
C LYS A 74 6.64 -1.07 -4.76
N LEU A 75 5.38 -0.69 -4.56
CA LEU A 75 4.99 0.06 -3.37
C LEU A 75 5.02 -0.84 -2.13
N SER A 76 4.47 -2.04 -2.26
CA SER A 76 4.44 -3.00 -1.17
C SER A 76 5.83 -3.17 -0.56
N GLN A 77 6.84 -3.18 -1.41
CA GLN A 77 8.22 -3.34 -0.96
C GLN A 77 8.72 -2.08 -0.25
N GLU A 78 8.31 -0.93 -0.77
CA GLU A 78 8.71 0.34 -0.19
C GLU A 78 8.33 0.43 1.28
N ILE A 79 7.18 -0.14 1.61
CA ILE A 79 6.69 -0.13 2.99
C ILE A 79 7.51 -1.07 3.87
N ASN A 80 7.84 -2.23 3.32
CA ASN A 80 8.63 -3.23 4.04
C ASN A 80 9.95 -2.64 4.51
N LYS A 81 10.51 -1.73 3.71
CA LYS A 81 11.78 -1.09 4.04
C LYS A 81 11.54 0.19 4.83
N ASN A 82 10.31 0.39 5.28
CA ASN A 82 9.95 1.58 6.05
C ASN A 82 9.69 1.22 7.51
N GLU A 83 10.22 0.08 7.94
CA GLU A 83 10.04 -0.37 9.32
C GLU A 83 10.97 0.38 10.26
N GLU A 84 10.42 0.86 11.36
CA GLU A 84 11.19 1.60 12.36
C GLU A 84 12.27 0.71 12.97
N ARG A 85 13.53 0.98 12.62
CA ARG A 85 14.65 0.21 13.14
C ARG A 85 15.24 0.88 14.38
N ARG A 86 15.90 0.08 15.22
CA ARG A 86 16.51 0.59 16.44
C ARG A 86 17.58 1.63 16.12
N SER A 87 17.67 2.66 16.96
CA SER A 87 18.65 3.73 16.76
C SER A 87 18.45 4.40 15.40
N ILE A 88 19.39 5.25 15.04
CA ILE A 88 19.33 5.97 13.77
C ILE A 88 19.81 5.08 12.62
N PHE A 89 19.85 5.66 11.42
CA PHE A 89 20.29 4.93 10.24
C PHE A 89 21.82 4.82 10.21
N THR A 90 22.36 3.93 11.03
CA THR A 90 23.81 3.73 11.10
C THR A 90 24.23 2.50 10.30
N GLY A 1 1.29 35.22 -7.58
CA GLY A 1 2.07 34.09 -7.11
C GLY A 1 1.34 33.28 -6.06
N SER A 2 1.34 31.96 -6.23
CA SER A 2 0.67 31.07 -5.29
C SER A 2 1.68 30.30 -4.44
N SER A 3 1.19 29.40 -3.60
CA SER A 3 2.05 28.61 -2.74
C SER A 3 1.58 27.15 -2.70
N GLY A 4 2.50 26.25 -2.36
CA GLY A 4 2.17 24.84 -2.28
C GLY A 4 2.65 24.08 -3.50
N SER A 5 3.31 22.94 -3.26
CA SER A 5 3.84 22.12 -4.34
C SER A 5 2.78 21.14 -4.84
N SER A 6 2.73 20.93 -6.15
CA SER A 6 1.77 20.03 -6.76
C SER A 6 2.47 18.83 -7.39
N GLY A 7 1.77 17.70 -7.45
CA GLY A 7 2.34 16.49 -8.02
C GLY A 7 2.96 15.58 -6.98
N MET A 8 2.37 14.40 -6.80
CA MET A 8 2.86 13.44 -5.82
C MET A 8 2.78 12.02 -6.37
N ALA A 9 3.92 11.35 -6.43
CA ALA A 9 3.98 9.98 -6.94
C ALA A 9 4.94 9.13 -6.12
N LEU A 10 4.39 8.20 -5.34
CA LEU A 10 5.20 7.33 -4.50
C LEU A 10 6.17 8.13 -3.64
N ARG A 11 5.77 9.35 -3.29
CA ARG A 11 6.61 10.22 -2.48
C ARG A 11 6.39 9.94 -0.99
N ASN A 12 5.22 9.43 -0.65
CA ASN A 12 4.89 9.11 0.74
C ASN A 12 4.58 7.63 0.90
N VAL A 13 5.20 7.01 1.89
CA VAL A 13 4.99 5.59 2.16
C VAL A 13 4.87 5.33 3.65
N PRO A 14 3.85 4.54 4.04
CA PRO A 14 3.60 4.18 5.44
C PRO A 14 4.67 3.24 5.99
N PHE A 15 4.55 2.92 7.27
CA PHE A 15 5.50 2.02 7.93
C PHE A 15 5.02 0.58 7.87
N ARG A 16 5.97 -0.35 7.91
CA ARG A 16 5.64 -1.78 7.84
C ARG A 16 4.76 -2.18 9.02
N SER A 17 5.25 -1.94 10.24
CA SER A 17 4.50 -2.29 11.44
C SER A 17 3.09 -1.72 11.39
N GLU A 18 2.94 -0.58 10.72
CA GLU A 18 1.64 0.07 10.58
C GLU A 18 0.74 -0.72 9.65
N VAL A 19 1.31 -1.21 8.55
CA VAL A 19 0.56 -1.99 7.57
C VAL A 19 0.20 -3.38 8.11
N LEU A 20 1.08 -3.91 8.95
CA LEU A 20 0.87 -5.23 9.53
C LEU A 20 -0.37 -5.23 10.43
N GLY A 21 -0.74 -4.06 10.93
CA GLY A 21 -1.91 -3.95 11.78
C GLY A 21 -3.07 -3.28 11.10
N TRP A 22 -3.03 -3.25 9.77
CA TRP A 22 -4.10 -2.63 8.99
C TRP A 22 -5.22 -3.63 8.69
N ASP A 23 -6.23 -3.19 7.96
CA ASP A 23 -7.36 -4.05 7.61
C ASP A 23 -7.69 -3.92 6.13
N PRO A 24 -8.46 -4.89 5.62
CA PRO A 24 -8.88 -4.91 4.21
C PRO A 24 -9.87 -3.81 3.88
N ASP A 25 -10.34 -3.11 4.91
CA ASP A 25 -11.30 -2.02 4.74
C ASP A 25 -10.64 -0.67 5.00
N SER A 26 -9.54 -0.68 5.74
CA SER A 26 -8.82 0.54 6.06
C SER A 26 -7.71 0.81 5.05
N LEU A 27 -6.98 -0.24 4.70
CA LEU A 27 -5.88 -0.12 3.74
C LEU A 27 -6.35 0.58 2.47
N ALA A 28 -7.63 0.40 2.14
CA ALA A 28 -8.21 1.00 0.94
C ALA A 28 -8.05 2.52 0.97
N ASP A 29 -8.10 3.09 2.17
CA ASP A 29 -7.95 4.54 2.33
C ASP A 29 -6.57 5.00 1.88
N TYR A 30 -5.54 4.25 2.26
CA TYR A 30 -4.17 4.59 1.90
C TYR A 30 -4.05 4.81 0.40
N PHE A 31 -4.66 3.93 -0.38
CA PHE A 31 -4.61 4.04 -1.84
C PHE A 31 -5.37 5.27 -2.32
N LYS A 32 -6.52 5.54 -1.68
CA LYS A 32 -7.34 6.68 -2.04
C LYS A 32 -6.53 7.98 -1.97
N LYS A 33 -5.50 7.98 -1.14
CA LYS A 33 -4.65 9.15 -0.99
C LYS A 33 -3.58 9.19 -2.08
N LEU A 34 -3.25 8.04 -2.62
CA LEU A 34 -2.24 7.95 -3.68
C LEU A 34 -2.90 7.98 -5.05
N ASN A 35 -4.14 8.46 -5.10
CA ASN A 35 -4.88 8.56 -6.36
C ASN A 35 -5.06 7.18 -6.98
N TYR A 36 -4.98 6.14 -6.15
CA TYR A 36 -5.14 4.77 -6.62
C TYR A 36 -6.52 4.23 -6.28
N LYS A 37 -7.54 4.79 -6.91
CA LYS A 37 -8.92 4.37 -6.68
C LYS A 37 -9.18 2.99 -7.30
N ASP A 38 -8.36 2.63 -8.28
CA ASP A 38 -8.51 1.34 -8.95
C ASP A 38 -7.98 0.21 -8.06
N CYS A 39 -7.12 0.55 -7.12
CA CYS A 39 -6.55 -0.43 -6.21
C CYS A 39 -7.40 -0.57 -4.95
N GLU A 40 -7.74 0.56 -4.35
CA GLU A 40 -8.54 0.57 -3.13
C GLU A 40 -9.82 -0.26 -3.32
N LYS A 41 -10.31 -0.31 -4.56
CA LYS A 41 -11.51 -1.06 -4.88
C LYS A 41 -11.31 -2.54 -4.59
N ALA A 42 -10.31 -3.14 -5.21
CA ALA A 42 -10.02 -4.55 -5.02
C ALA A 42 -9.62 -4.84 -3.58
N VAL A 43 -9.00 -3.85 -2.93
CA VAL A 43 -8.58 -3.99 -1.55
C VAL A 43 -9.77 -4.25 -0.62
N LYS A 44 -10.90 -3.65 -0.95
CA LYS A 44 -12.12 -3.81 -0.16
C LYS A 44 -12.99 -4.93 -0.72
N LYS A 45 -13.01 -5.05 -2.04
CA LYS A 45 -13.81 -6.08 -2.70
C LYS A 45 -13.25 -7.47 -2.40
N TYR A 46 -11.95 -7.65 -2.64
CA TYR A 46 -11.30 -8.92 -2.40
C TYR A 46 -10.92 -9.07 -0.93
N HIS A 47 -11.06 -7.99 -0.17
CA HIS A 47 -10.73 -8.00 1.24
C HIS A 47 -9.25 -8.26 1.46
N ILE A 48 -8.42 -7.32 1.00
CA ILE A 48 -6.98 -7.45 1.14
C ILE A 48 -6.45 -6.50 2.21
N ASP A 49 -6.11 -7.06 3.36
CA ASP A 49 -5.58 -6.27 4.47
C ASP A 49 -4.13 -5.86 4.21
N GLY A 50 -3.64 -4.89 4.99
CA GLY A 50 -2.28 -4.43 4.82
C GLY A 50 -1.27 -5.57 4.83
N ALA A 51 -1.42 -6.47 5.79
CA ALA A 51 -0.52 -7.61 5.90
C ALA A 51 -0.46 -8.40 4.59
N ARG A 52 -1.54 -8.32 3.82
CA ARG A 52 -1.63 -9.03 2.55
C ARG A 52 -0.98 -8.21 1.42
N PHE A 53 -0.94 -6.90 1.61
CA PHE A 53 -0.36 -6.00 0.62
C PHE A 53 1.16 -6.14 0.58
N LEU A 54 1.77 -6.17 1.76
CA LEU A 54 3.22 -6.30 1.86
C LEU A 54 3.68 -7.65 1.31
N ASN A 55 2.78 -8.62 1.30
CA ASN A 55 3.11 -9.95 0.80
C ASN A 55 2.53 -10.15 -0.61
N LEU A 56 2.46 -9.07 -1.37
CA LEU A 56 1.93 -9.12 -2.73
C LEU A 56 2.59 -10.24 -3.53
N THR A 57 1.87 -11.34 -3.71
CA THR A 57 2.39 -12.48 -4.46
C THR A 57 1.67 -12.63 -5.79
N GLU A 58 2.16 -13.56 -6.61
CA GLU A 58 1.55 -13.81 -7.92
C GLU A 58 0.07 -14.14 -7.78
N ASN A 59 -0.31 -14.65 -6.62
CA ASN A 59 -1.70 -15.01 -6.35
C ASN A 59 -2.54 -13.77 -6.07
N ASP A 60 -1.89 -12.73 -5.56
CA ASP A 60 -2.57 -11.48 -5.24
C ASP A 60 -2.55 -10.53 -6.44
N ILE A 61 -1.39 -10.43 -7.08
CA ILE A 61 -1.24 -9.56 -8.23
C ILE A 61 -2.30 -9.85 -9.29
N GLN A 62 -2.63 -11.13 -9.45
CA GLN A 62 -3.63 -11.55 -10.43
C GLN A 62 -4.97 -10.89 -10.14
N LYS A 63 -5.20 -10.54 -8.87
CA LYS A 63 -6.44 -9.89 -8.47
C LYS A 63 -6.36 -8.38 -8.61
N PHE A 64 -5.29 -7.91 -9.25
CA PHE A 64 -5.10 -6.49 -9.45
C PHE A 64 -4.98 -6.15 -10.94
N PRO A 65 -5.21 -4.88 -11.28
CA PRO A 65 -5.15 -4.40 -12.67
C PRO A 65 -3.73 -4.40 -13.22
N LYS A 66 -3.60 -4.61 -14.53
CA LYS A 66 -2.29 -4.63 -15.17
C LYS A 66 -1.68 -3.23 -15.21
N LEU A 67 -2.45 -2.24 -14.77
CA LEU A 67 -1.98 -0.86 -14.75
C LEU A 67 -1.43 -0.49 -13.38
N ARG A 68 -1.76 -1.30 -12.38
CA ARG A 68 -1.29 -1.06 -11.01
C ARG A 68 -0.53 -2.27 -10.48
N VAL A 69 -0.52 -3.35 -11.26
CA VAL A 69 0.16 -4.57 -10.87
C VAL A 69 1.60 -4.27 -10.43
N PRO A 70 2.37 -3.64 -11.32
CA PRO A 70 3.77 -3.28 -11.04
C PRO A 70 3.89 -2.18 -10.01
N ILE A 71 2.88 -1.32 -9.95
CA ILE A 71 2.88 -0.21 -8.99
C ILE A 71 2.73 -0.72 -7.56
N LEU A 72 1.82 -1.67 -7.37
CA LEU A 72 1.58 -2.24 -6.05
C LEU A 72 2.77 -3.08 -5.60
N SER A 73 3.34 -3.84 -6.53
CA SER A 73 4.49 -4.70 -6.22
C SER A 73 5.69 -3.86 -5.80
N LYS A 74 5.81 -2.67 -6.38
CA LYS A 74 6.92 -1.77 -6.07
C LYS A 74 6.64 -1.01 -4.78
N LEU A 75 5.39 -0.64 -4.57
CA LEU A 75 5.00 0.10 -3.37
C LEU A 75 5.04 -0.81 -2.14
N SER A 76 4.52 -2.02 -2.28
CA SER A 76 4.51 -2.98 -1.18
C SER A 76 5.90 -3.14 -0.58
N GLN A 77 6.92 -3.11 -1.44
CA GLN A 77 8.29 -3.25 -0.99
C GLN A 77 8.77 -1.99 -0.28
N GLU A 78 8.38 -0.83 -0.80
CA GLU A 78 8.77 0.44 -0.21
C GLU A 78 8.40 0.49 1.26
N ILE A 79 7.24 -0.09 1.60
CA ILE A 79 6.78 -0.11 2.98
C ILE A 79 7.62 -1.06 3.84
N ASN A 80 7.90 -2.24 3.29
CA ASN A 80 8.69 -3.24 3.99
C ASN A 80 10.05 -2.67 4.40
N LYS A 81 10.56 -1.73 3.60
CA LYS A 81 11.84 -1.11 3.88
C LYS A 81 11.67 0.11 4.78
N ASN A 82 10.43 0.57 4.92
CA ASN A 82 10.14 1.72 5.76
C ASN A 82 10.09 1.33 7.24
N GLU A 83 10.13 0.03 7.50
CA GLU A 83 10.09 -0.48 8.86
C GLU A 83 11.15 0.19 9.72
N GLU A 84 10.74 0.68 10.89
CA GLU A 84 11.66 1.34 11.80
C GLU A 84 12.72 0.38 12.32
N ARG A 85 13.96 0.58 11.88
CA ARG A 85 15.07 -0.28 12.29
C ARG A 85 15.25 -0.24 13.80
N ARG A 86 14.84 -1.33 14.46
CA ARG A 86 14.96 -1.43 15.91
C ARG A 86 16.41 -1.57 16.34
N SER A 87 16.98 -0.52 16.90
CA SER A 87 18.36 -0.53 17.35
C SER A 87 18.44 -0.60 18.87
N ILE A 88 19.40 -1.36 19.38
CA ILE A 88 19.59 -1.52 20.81
C ILE A 88 20.21 -0.26 21.42
N PHE A 89 19.62 0.21 22.51
CA PHE A 89 20.12 1.40 23.19
C PHE A 89 20.07 2.62 22.27
N THR A 90 19.12 2.60 21.34
CA THR A 90 18.96 3.70 20.40
C THR A 90 18.79 5.03 21.13
N GLY A 1 -1.92 27.91 11.52
CA GLY A 1 -1.66 27.16 10.30
C GLY A 1 -2.53 25.94 10.16
N SER A 2 -2.91 25.62 8.93
CA SER A 2 -3.76 24.45 8.67
C SER A 2 -3.52 23.92 7.26
N SER A 3 -2.59 22.97 7.15
CA SER A 3 -2.26 22.38 5.86
C SER A 3 -2.09 20.87 5.98
N GLY A 4 -1.67 20.23 4.91
CA GLY A 4 -1.47 18.79 4.91
C GLY A 4 -0.47 18.33 3.87
N SER A 5 0.09 17.14 4.09
CA SER A 5 1.07 16.59 3.15
C SER A 5 0.47 16.43 1.76
N SER A 6 1.34 16.39 0.75
CA SER A 6 0.90 16.25 -0.63
C SER A 6 1.67 15.13 -1.32
N GLY A 7 0.92 14.17 -1.88
CA GLY A 7 1.55 13.06 -2.57
C GLY A 7 1.45 13.18 -4.08
N MET A 8 2.59 13.38 -4.72
CA MET A 8 2.63 13.52 -6.17
C MET A 8 3.05 12.20 -6.83
N ALA A 9 2.10 11.31 -7.03
CA ALA A 9 2.37 10.02 -7.66
C ALA A 9 3.50 9.30 -6.94
N LEU A 10 3.14 8.51 -5.93
CA LEU A 10 4.13 7.76 -5.16
C LEU A 10 5.17 8.70 -4.55
N ARG A 11 4.96 9.08 -3.30
CA ARG A 11 5.88 9.98 -2.60
C ARG A 11 5.91 9.66 -1.10
N ASN A 12 4.74 9.44 -0.53
CA ASN A 12 4.62 9.14 0.89
C ASN A 12 4.28 7.67 1.11
N VAL A 13 5.13 6.97 1.87
CA VAL A 13 4.91 5.56 2.16
C VAL A 13 4.81 5.32 3.67
N PRO A 14 3.80 4.54 4.07
CA PRO A 14 3.56 4.21 5.48
C PRO A 14 4.64 3.27 6.04
N PHE A 15 4.53 2.97 7.32
CA PHE A 15 5.48 2.08 7.99
C PHE A 15 5.01 0.63 7.91
N ARG A 16 5.98 -0.29 7.94
CA ARG A 16 5.66 -1.72 7.88
C ARG A 16 4.77 -2.13 9.05
N SER A 17 5.26 -1.90 10.27
CA SER A 17 4.51 -2.26 11.47
C SER A 17 3.09 -1.72 11.40
N GLU A 18 2.93 -0.57 10.75
CA GLU A 18 1.62 0.06 10.61
C GLU A 18 0.72 -0.75 9.67
N VAL A 19 1.30 -1.21 8.57
CA VAL A 19 0.56 -1.98 7.58
C VAL A 19 0.24 -3.37 8.12
N LEU A 20 1.13 -3.91 8.93
CA LEU A 20 0.94 -5.24 9.51
C LEU A 20 -0.30 -5.27 10.40
N GLY A 21 -0.69 -4.10 10.90
CA GLY A 21 -1.86 -4.01 11.75
C GLY A 21 -3.04 -3.34 11.07
N TRP A 22 -3.00 -3.29 9.74
CA TRP A 22 -4.06 -2.67 8.97
C TRP A 22 -5.18 -3.66 8.67
N ASP A 23 -6.20 -3.21 7.95
CA ASP A 23 -7.33 -4.05 7.60
C ASP A 23 -7.67 -3.93 6.12
N PRO A 24 -8.44 -4.89 5.61
CA PRO A 24 -8.86 -4.91 4.19
C PRO A 24 -9.85 -3.80 3.88
N ASP A 25 -10.31 -3.11 4.90
CA ASP A 25 -11.26 -2.02 4.73
C ASP A 25 -10.60 -0.67 5.00
N SER A 26 -9.50 -0.69 5.73
CA SER A 26 -8.78 0.53 6.06
C SER A 26 -7.68 0.81 5.05
N LEU A 27 -6.94 -0.23 4.69
CA LEU A 27 -5.85 -0.11 3.72
C LEU A 27 -6.33 0.58 2.46
N ALA A 28 -7.60 0.40 2.13
CA ALA A 28 -8.19 1.01 0.94
C ALA A 28 -8.02 2.53 0.97
N ASP A 29 -8.06 3.10 2.17
CA ASP A 29 -7.92 4.54 2.33
C ASP A 29 -6.54 5.00 1.88
N TYR A 30 -5.51 4.25 2.25
CA TYR A 30 -4.14 4.59 1.89
C TYR A 30 -4.02 4.83 0.38
N PHE A 31 -4.62 3.94 -0.40
CA PHE A 31 -4.60 4.05 -1.85
C PHE A 31 -5.36 5.27 -2.33
N LYS A 32 -6.51 5.53 -1.70
CA LYS A 32 -7.34 6.67 -2.05
C LYS A 32 -6.54 7.97 -1.98
N LYS A 33 -5.51 7.97 -1.14
CA LYS A 33 -4.66 9.15 -0.99
C LYS A 33 -3.60 9.21 -2.09
N LEU A 34 -3.26 8.05 -2.63
CA LEU A 34 -2.26 7.97 -3.69
C LEU A 34 -2.91 8.02 -5.07
N ASN A 35 -4.17 8.46 -5.10
CA ASN A 35 -4.91 8.55 -6.35
C ASN A 35 -5.09 7.17 -6.97
N TYR A 36 -5.00 6.14 -6.15
CA TYR A 36 -5.17 4.77 -6.62
C TYR A 36 -6.55 4.23 -6.28
N LYS A 37 -7.57 4.80 -6.91
CA LYS A 37 -8.94 4.37 -6.67
C LYS A 37 -9.21 3.00 -7.28
N ASP A 38 -8.38 2.63 -8.26
CA ASP A 38 -8.52 1.34 -8.92
C ASP A 38 -8.00 0.21 -8.04
N CYS A 39 -7.11 0.55 -7.11
CA CYS A 39 -6.54 -0.44 -6.21
C CYS A 39 -7.38 -0.57 -4.95
N GLU A 40 -7.73 0.57 -4.34
CA GLU A 40 -8.53 0.56 -3.13
C GLU A 40 -9.81 -0.26 -3.32
N LYS A 41 -10.29 -0.31 -4.55
CA LYS A 41 -11.49 -1.08 -4.87
C LYS A 41 -11.30 -2.56 -4.58
N ALA A 42 -10.30 -3.15 -5.22
CA ALA A 42 -10.00 -4.57 -5.03
C ALA A 42 -9.60 -4.85 -3.59
N VAL A 43 -9.00 -3.87 -2.94
CA VAL A 43 -8.57 -4.02 -1.55
C VAL A 43 -9.76 -4.27 -0.63
N LYS A 44 -10.89 -3.66 -0.97
CA LYS A 44 -12.11 -3.82 -0.17
C LYS A 44 -12.99 -4.93 -0.73
N LYS A 45 -12.99 -5.07 -2.05
CA LYS A 45 -13.78 -6.10 -2.71
C LYS A 45 -13.23 -7.49 -2.43
N TYR A 46 -11.93 -7.66 -2.65
CA TYR A 46 -11.27 -8.94 -2.41
C TYR A 46 -10.89 -9.09 -0.94
N HIS A 47 -11.04 -8.01 -0.18
CA HIS A 47 -10.71 -8.01 1.24
C HIS A 47 -9.21 -8.27 1.44
N ILE A 48 -8.39 -7.33 0.99
CA ILE A 48 -6.94 -7.44 1.13
C ILE A 48 -6.41 -6.49 2.20
N ASP A 49 -6.07 -7.05 3.36
CA ASP A 49 -5.55 -6.24 4.46
C ASP A 49 -4.10 -5.84 4.20
N GLY A 50 -3.61 -4.88 4.97
CA GLY A 50 -2.25 -4.42 4.81
C GLY A 50 -1.24 -5.56 4.80
N ALA A 51 -1.38 -6.46 5.78
CA ALA A 51 -0.49 -7.61 5.88
C ALA A 51 -0.44 -8.39 4.58
N ARG A 52 -1.52 -8.33 3.81
CA ARG A 52 -1.60 -9.04 2.54
C ARG A 52 -0.97 -8.23 1.42
N PHE A 53 -0.93 -6.91 1.60
CA PHE A 53 -0.34 -6.02 0.60
C PHE A 53 1.17 -6.17 0.56
N LEU A 54 1.80 -6.19 1.73
CA LEU A 54 3.24 -6.33 1.83
C LEU A 54 3.69 -7.69 1.27
N ASN A 55 2.79 -8.65 1.28
CA ASN A 55 3.10 -9.99 0.77
C ASN A 55 2.51 -10.18 -0.64
N LEU A 56 2.45 -9.09 -1.40
CA LEU A 56 1.91 -9.15 -2.75
C LEU A 56 2.58 -10.26 -3.56
N THR A 57 1.85 -11.36 -3.75
CA THR A 57 2.36 -12.50 -4.49
C THR A 57 1.63 -12.66 -5.83
N GLU A 58 2.11 -13.59 -6.64
CA GLU A 58 1.49 -13.84 -7.95
C GLU A 58 0.01 -14.15 -7.80
N ASN A 59 -0.37 -14.65 -6.63
CA ASN A 59 -1.77 -14.99 -6.37
C ASN A 59 -2.59 -13.74 -6.09
N ASP A 60 -1.93 -12.71 -5.57
CA ASP A 60 -2.60 -11.45 -5.26
C ASP A 60 -2.57 -10.51 -6.46
N ILE A 61 -1.41 -10.42 -7.10
CA ILE A 61 -1.25 -9.55 -8.26
C ILE A 61 -2.32 -9.83 -9.31
N GLN A 62 -2.63 -11.12 -9.48
CA GLN A 62 -3.64 -11.53 -10.46
C GLN A 62 -4.99 -10.86 -10.16
N LYS A 63 -5.20 -10.51 -8.90
CA LYS A 63 -6.44 -9.88 -8.49
C LYS A 63 -6.35 -8.36 -8.62
N PHE A 64 -5.29 -7.89 -9.26
CA PHE A 64 -5.09 -6.46 -9.47
C PHE A 64 -4.98 -6.13 -10.95
N PRO A 65 -5.20 -4.86 -11.29
CA PRO A 65 -5.14 -4.38 -12.67
C PRO A 65 -3.72 -4.38 -13.22
N LYS A 66 -3.59 -4.57 -14.52
CA LYS A 66 -2.28 -4.60 -15.18
C LYS A 66 -1.67 -3.20 -15.21
N LEU A 67 -2.44 -2.21 -14.78
CA LEU A 67 -1.97 -0.83 -14.75
C LEU A 67 -1.42 -0.46 -13.38
N ARG A 68 -1.75 -1.27 -12.37
CA ARG A 68 -1.28 -1.04 -11.01
C ARG A 68 -0.52 -2.25 -10.48
N VAL A 69 -0.52 -3.33 -11.27
CA VAL A 69 0.17 -4.55 -10.86
C VAL A 69 1.60 -4.27 -10.42
N PRO A 70 2.38 -3.63 -11.32
CA PRO A 70 3.78 -3.28 -11.04
C PRO A 70 3.90 -2.17 -10.00
N ILE A 71 2.89 -1.30 -9.94
CA ILE A 71 2.89 -0.21 -8.98
C ILE A 71 2.73 -0.72 -7.56
N LEU A 72 1.83 -1.68 -7.37
CA LEU A 72 1.59 -2.25 -6.05
C LEU A 72 2.77 -3.11 -5.60
N SER A 73 3.35 -3.84 -6.53
CA SER A 73 4.49 -4.71 -6.24
C SER A 73 5.69 -3.87 -5.80
N LYS A 74 5.82 -2.68 -6.38
CA LYS A 74 6.93 -1.79 -6.05
C LYS A 74 6.65 -1.02 -4.77
N LEU A 75 5.39 -0.68 -4.56
CA LEU A 75 4.98 0.06 -3.36
C LEU A 75 5.01 -0.83 -2.13
N SER A 76 4.47 -2.04 -2.26
CA SER A 76 4.44 -2.99 -1.16
C SER A 76 5.83 -3.17 -0.56
N GLN A 77 6.85 -3.14 -1.42
CA GLN A 77 8.23 -3.30 -0.97
C GLN A 77 8.72 -2.04 -0.27
N GLU A 78 8.30 -0.89 -0.77
CA GLU A 78 8.71 0.39 -0.19
C GLU A 78 8.34 0.46 1.29
N ILE A 79 7.17 -0.08 1.62
CA ILE A 79 6.70 -0.08 2.99
C ILE A 79 7.55 -1.01 3.87
N ASN A 80 7.91 -2.16 3.32
CA ASN A 80 8.72 -3.13 4.04
C ASN A 80 10.04 -2.50 4.52
N LYS A 81 10.57 -1.59 3.70
CA LYS A 81 11.81 -0.90 4.03
C LYS A 81 11.55 0.31 4.91
N ASN A 82 10.28 0.62 5.14
CA ASN A 82 9.89 1.75 5.96
C ASN A 82 9.64 1.33 7.40
N GLU A 83 10.21 0.18 7.78
CA GLU A 83 10.04 -0.34 9.13
C GLU A 83 11.01 0.33 10.10
N GLU A 84 10.48 0.80 11.23
CA GLU A 84 11.30 1.46 12.24
C GLU A 84 12.34 0.51 12.81
N ARG A 85 13.59 0.72 12.43
CA ARG A 85 14.70 -0.11 12.89
C ARG A 85 15.09 0.26 14.32
N ARG A 86 14.17 0.05 15.25
CA ARG A 86 14.42 0.37 16.66
C ARG A 86 14.81 1.84 16.83
N SER A 87 13.81 2.71 16.84
CA SER A 87 14.05 4.14 16.99
C SER A 87 14.94 4.66 15.87
N ILE A 88 14.34 4.92 14.71
CA ILE A 88 15.08 5.42 13.56
C ILE A 88 15.90 6.65 13.93
N PHE A 89 17.00 6.86 13.22
CA PHE A 89 17.88 8.00 13.47
C PHE A 89 17.07 9.30 13.47
N THR A 90 16.40 9.58 12.37
CA THR A 90 15.60 10.79 12.24
C THR A 90 14.23 10.61 12.88
N GLY A 1 5.69 26.85 -0.02
CA GLY A 1 4.92 26.32 -1.14
C GLY A 1 4.35 27.42 -2.02
N SER A 2 5.20 28.03 -2.84
CA SER A 2 4.78 29.09 -3.73
C SER A 2 4.61 28.58 -5.16
N SER A 3 5.35 27.54 -5.50
CA SER A 3 5.28 26.95 -6.83
C SER A 3 5.05 25.44 -6.75
N GLY A 4 4.61 24.86 -7.86
CA GLY A 4 4.35 23.44 -7.90
C GLY A 4 4.04 22.93 -9.30
N SER A 5 3.79 21.64 -9.42
CA SER A 5 3.48 21.04 -10.71
C SER A 5 2.83 19.66 -10.53
N SER A 6 2.35 19.10 -11.63
CA SER A 6 1.70 17.79 -11.59
C SER A 6 2.71 16.71 -11.20
N GLY A 7 2.21 15.49 -11.03
CA GLY A 7 3.06 14.38 -10.66
C GLY A 7 2.50 13.56 -9.51
N MET A 8 3.16 13.62 -8.36
CA MET A 8 2.72 12.88 -7.18
C MET A 8 2.69 11.39 -7.45
N ALA A 9 3.75 10.69 -7.08
CA ALA A 9 3.85 9.25 -7.28
C ALA A 9 4.77 8.61 -6.26
N LEU A 10 4.18 7.80 -5.38
CA LEU A 10 4.96 7.12 -4.34
C LEU A 10 5.83 8.10 -3.57
N ARG A 11 5.35 9.34 -3.46
CA ARG A 11 6.09 10.38 -2.75
C ARG A 11 6.10 10.11 -1.25
N ASN A 12 5.08 9.38 -0.78
CA ASN A 12 4.97 9.06 0.63
C ASN A 12 4.64 7.58 0.83
N VAL A 13 5.24 6.97 1.84
CA VAL A 13 5.02 5.56 2.14
C VAL A 13 4.89 5.33 3.64
N PRO A 14 3.85 4.56 4.03
CA PRO A 14 3.60 4.24 5.44
C PRO A 14 4.65 3.30 6.02
N PHE A 15 4.52 3.01 7.32
CA PHE A 15 5.46 2.13 7.99
C PHE A 15 4.99 0.68 7.92
N ARG A 16 5.95 -0.24 7.89
CA ARG A 16 5.63 -1.66 7.81
C ARG A 16 4.76 -2.09 8.99
N SER A 17 5.26 -1.86 10.21
CA SER A 17 4.54 -2.22 11.42
C SER A 17 3.11 -1.69 11.37
N GLU A 18 2.92 -0.52 10.76
CA GLU A 18 1.61 0.09 10.64
C GLU A 18 0.72 -0.72 9.71
N VAL A 19 1.29 -1.18 8.60
CA VAL A 19 0.55 -1.96 7.61
C VAL A 19 0.23 -3.36 8.16
N LEU A 20 1.15 -3.90 8.94
CA LEU A 20 0.98 -5.23 9.52
C LEU A 20 -0.26 -5.27 10.42
N GLY A 21 -0.69 -4.10 10.88
CA GLY A 21 -1.86 -4.03 11.74
C GLY A 21 -3.03 -3.35 11.06
N TRP A 22 -2.99 -3.28 9.73
CA TRP A 22 -4.07 -2.65 8.97
C TRP A 22 -5.18 -3.65 8.68
N ASP A 23 -6.20 -3.20 7.96
CA ASP A 23 -7.33 -4.05 7.61
C ASP A 23 -7.67 -3.92 6.13
N PRO A 24 -8.45 -4.88 5.61
CA PRO A 24 -8.87 -4.89 4.21
C PRO A 24 -9.87 -3.79 3.89
N ASP A 25 -10.32 -3.10 4.92
CA ASP A 25 -11.28 -2.01 4.75
C ASP A 25 -10.62 -0.66 5.01
N SER A 26 -9.52 -0.67 5.75
CA SER A 26 -8.80 0.55 6.07
C SER A 26 -7.69 0.82 5.06
N LEU A 27 -6.96 -0.23 4.70
CA LEU A 27 -5.87 -0.11 3.73
C LEU A 27 -6.34 0.59 2.46
N ALA A 28 -7.62 0.40 2.13
CA ALA A 28 -8.20 1.02 0.95
C ALA A 28 -8.04 2.54 0.98
N ASP A 29 -8.08 3.10 2.18
CA ASP A 29 -7.93 4.55 2.34
C ASP A 29 -6.55 5.01 1.88
N TYR A 30 -5.52 4.25 2.26
CA TYR A 30 -4.15 4.59 1.90
C TYR A 30 -4.03 4.82 0.39
N PHE A 31 -4.64 3.94 -0.39
CA PHE A 31 -4.61 4.05 -1.84
C PHE A 31 -5.37 5.28 -2.31
N LYS A 32 -6.52 5.53 -1.69
CA LYS A 32 -7.35 6.68 -2.05
C LYS A 32 -6.55 7.97 -1.97
N LYS A 33 -5.51 7.98 -1.13
CA LYS A 33 -4.67 9.15 -0.96
C LYS A 33 -3.60 9.21 -2.05
N LEU A 34 -3.26 8.05 -2.60
CA LEU A 34 -2.25 7.98 -3.66
C LEU A 34 -2.90 8.03 -5.03
N ASN A 35 -4.16 8.46 -5.08
CA ASN A 35 -4.89 8.55 -6.32
C ASN A 35 -5.08 7.18 -6.96
N TYR A 36 -4.99 6.13 -6.13
CA TYR A 36 -5.15 4.77 -6.61
C TYR A 36 -6.53 4.23 -6.26
N LYS A 37 -7.56 4.79 -6.90
CA LYS A 37 -8.93 4.38 -6.68
C LYS A 37 -9.19 3.00 -7.29
N ASP A 38 -8.36 2.63 -8.26
CA ASP A 38 -8.50 1.34 -8.93
C ASP A 38 -7.98 0.21 -8.05
N CYS A 39 -7.10 0.55 -7.11
CA CYS A 39 -6.53 -0.44 -6.20
C CYS A 39 -7.38 -0.57 -4.94
N GLU A 40 -7.73 0.56 -4.34
CA GLU A 40 -8.53 0.56 -3.13
C GLU A 40 -9.81 -0.26 -3.32
N LYS A 41 -10.29 -0.31 -4.55
CA LYS A 41 -11.49 -1.07 -4.87
C LYS A 41 -11.30 -2.56 -4.58
N ALA A 42 -10.30 -3.15 -5.22
CA ALA A 42 -9.99 -4.56 -5.03
C ALA A 42 -9.60 -4.85 -3.58
N VAL A 43 -9.00 -3.86 -2.93
CA VAL A 43 -8.58 -4.01 -1.55
C VAL A 43 -9.77 -4.26 -0.63
N LYS A 44 -10.91 -3.67 -0.97
CA LYS A 44 -12.13 -3.83 -0.18
C LYS A 44 -12.98 -4.96 -0.74
N LYS A 45 -13.02 -5.07 -2.06
CA LYS A 45 -13.81 -6.11 -2.71
C LYS A 45 -13.24 -7.50 -2.41
N TYR A 46 -11.94 -7.67 -2.65
CA TYR A 46 -11.27 -8.94 -2.41
C TYR A 46 -10.89 -9.08 -0.94
N HIS A 47 -11.03 -7.99 -0.19
CA HIS A 47 -10.70 -7.99 1.23
C HIS A 47 -9.21 -8.25 1.45
N ILE A 48 -8.39 -7.31 0.99
CA ILE A 48 -6.94 -7.44 1.14
C ILE A 48 -6.41 -6.49 2.20
N ASP A 49 -6.08 -7.03 3.36
CA ASP A 49 -5.55 -6.25 4.47
C ASP A 49 -4.10 -5.84 4.20
N GLY A 50 -3.61 -4.87 4.97
CA GLY A 50 -2.25 -4.41 4.81
C GLY A 50 -1.25 -5.55 4.81
N ALA A 51 -1.38 -6.44 5.78
CA ALA A 51 -0.48 -7.58 5.89
C ALA A 51 -0.43 -8.38 4.59
N ARG A 52 -1.53 -8.32 3.82
CA ARG A 52 -1.61 -9.03 2.56
C ARG A 52 -0.96 -8.22 1.43
N PHE A 53 -0.95 -6.90 1.61
CA PHE A 53 -0.36 -6.01 0.60
C PHE A 53 1.16 -6.16 0.55
N LEU A 54 1.78 -6.20 1.72
CA LEU A 54 3.22 -6.34 1.82
C LEU A 54 3.68 -7.69 1.26
N ASN A 55 2.77 -8.66 1.26
CA ASN A 55 3.07 -9.99 0.76
C ASN A 55 2.50 -10.19 -0.64
N LEU A 56 2.43 -9.10 -1.40
CA LEU A 56 1.91 -9.15 -2.75
C LEU A 56 2.58 -10.26 -3.56
N THR A 57 1.86 -11.36 -3.76
CA THR A 57 2.38 -12.50 -4.51
C THR A 57 1.65 -12.65 -5.83
N GLU A 58 2.14 -13.58 -6.66
CA GLU A 58 1.53 -13.83 -7.96
C GLU A 58 0.05 -14.15 -7.82
N ASN A 59 -0.33 -14.66 -6.65
CA ASN A 59 -1.73 -15.00 -6.38
C ASN A 59 -2.56 -13.75 -6.10
N ASP A 60 -1.90 -12.72 -5.59
CA ASP A 60 -2.57 -11.47 -5.26
C ASP A 60 -2.55 -10.52 -6.46
N ILE A 61 -1.40 -10.42 -7.11
CA ILE A 61 -1.24 -9.54 -8.25
C ILE A 61 -2.31 -9.84 -9.31
N GLN A 62 -2.62 -11.11 -9.48
CA GLN A 62 -3.63 -11.52 -10.46
C GLN A 62 -4.97 -10.87 -10.17
N LYS A 63 -5.19 -10.51 -8.90
CA LYS A 63 -6.43 -9.88 -8.49
C LYS A 63 -6.34 -8.36 -8.62
N PHE A 64 -5.29 -7.89 -9.27
CA PHE A 64 -5.08 -6.46 -9.47
C PHE A 64 -4.97 -6.12 -10.95
N PRO A 65 -5.20 -4.84 -11.29
CA PRO A 65 -5.13 -4.36 -12.67
C PRO A 65 -3.71 -4.36 -13.22
N LYS A 66 -3.58 -4.56 -14.53
CA LYS A 66 -2.28 -4.58 -15.19
C LYS A 66 -1.66 -3.18 -15.21
N LEU A 67 -2.43 -2.20 -14.76
CA LEU A 67 -1.96 -0.81 -14.74
C LEU A 67 -1.41 -0.45 -13.37
N ARG A 68 -1.75 -1.27 -12.37
CA ARG A 68 -1.27 -1.04 -11.00
C ARG A 68 -0.52 -2.25 -10.48
N VAL A 69 -0.51 -3.33 -11.26
CA VAL A 69 0.18 -4.55 -10.87
C VAL A 69 1.61 -4.26 -10.43
N PRO A 70 2.39 -3.62 -11.32
CA PRO A 70 3.78 -3.27 -11.05
C PRO A 70 3.91 -2.17 -10.00
N ILE A 71 2.90 -1.31 -9.94
CA ILE A 71 2.90 -0.20 -8.98
C ILE A 71 2.74 -0.72 -7.56
N LEU A 72 1.84 -1.67 -7.37
CA LEU A 72 1.60 -2.25 -6.06
C LEU A 72 2.77 -3.11 -5.60
N SER A 73 3.34 -3.86 -6.54
CA SER A 73 4.48 -4.72 -6.24
C SER A 73 5.69 -3.89 -5.80
N LYS A 74 5.81 -2.69 -6.37
CA LYS A 74 6.92 -1.81 -6.06
C LYS A 74 6.64 -1.04 -4.76
N LEU A 75 5.39 -0.66 -4.56
CA LEU A 75 4.99 0.08 -3.38
C LEU A 75 5.02 -0.82 -2.14
N SER A 76 4.48 -2.02 -2.27
CA SER A 76 4.45 -2.97 -1.17
C SER A 76 5.84 -3.16 -0.57
N GLN A 77 6.85 -3.15 -1.42
CA GLN A 77 8.23 -3.31 -0.98
C GLN A 77 8.73 -2.06 -0.27
N GLU A 78 8.33 -0.90 -0.78
CA GLU A 78 8.73 0.37 -0.19
C GLU A 78 8.35 0.43 1.29
N ILE A 79 7.19 -0.11 1.62
CA ILE A 79 6.72 -0.13 3.00
C ILE A 79 7.54 -1.08 3.85
N ASN A 80 7.85 -2.24 3.31
CA ASN A 80 8.63 -3.24 4.02
C ASN A 80 9.97 -2.67 4.45
N LYS A 81 10.53 -1.78 3.64
CA LYS A 81 11.81 -1.15 3.93
C LYS A 81 11.61 0.14 4.73
N ASN A 82 10.39 0.35 5.21
CA ASN A 82 10.08 1.54 5.99
C ASN A 82 10.02 1.22 7.48
N GLU A 83 10.10 -0.06 7.80
CA GLU A 83 10.06 -0.50 9.20
C GLU A 83 11.07 0.26 10.04
N GLU A 84 10.62 0.76 11.19
CA GLU A 84 11.49 1.51 12.09
C GLU A 84 12.54 0.60 12.71
N ARG A 85 13.79 0.76 12.29
CA ARG A 85 14.89 -0.04 12.81
C ARG A 85 15.28 0.41 14.20
N ARG A 86 15.91 -0.49 14.96
CA ARG A 86 16.33 -0.18 16.32
C ARG A 86 17.33 0.97 16.33
N SER A 87 18.14 1.05 15.28
CA SER A 87 19.15 2.10 15.17
C SER A 87 18.67 3.21 14.24
N ILE A 88 17.41 3.58 14.39
CA ILE A 88 16.82 4.64 13.57
C ILE A 88 17.31 6.02 14.00
N PHE A 89 17.63 6.87 13.04
CA PHE A 89 18.12 8.21 13.32
C PHE A 89 17.79 9.16 12.18
N THR A 90 16.66 9.85 12.31
CA THR A 90 16.23 10.80 11.28
C THR A 90 16.17 12.22 11.84
N GLY A 1 -9.94 25.46 -9.20
CA GLY A 1 -10.70 25.10 -8.02
C GLY A 1 -10.72 23.60 -7.79
N SER A 2 -9.69 22.91 -8.25
CA SER A 2 -9.59 21.46 -8.08
C SER A 2 -8.38 21.08 -7.25
N SER A 3 -8.47 19.93 -6.59
CA SER A 3 -7.37 19.44 -5.76
C SER A 3 -6.66 18.26 -6.42
N GLY A 4 -6.67 18.25 -7.75
CA GLY A 4 -6.03 17.17 -8.48
C GLY A 4 -4.51 17.29 -8.46
N SER A 5 -3.86 16.44 -7.68
CA SER A 5 -2.40 16.45 -7.58
C SER A 5 -1.76 15.86 -8.83
N SER A 6 -0.78 16.57 -9.37
CA SER A 6 -0.08 16.12 -10.58
C SER A 6 1.42 16.40 -10.47
N GLY A 7 2.20 15.34 -10.33
CA GLY A 7 3.64 15.48 -10.23
C GLY A 7 4.25 14.54 -9.21
N MET A 8 3.67 14.52 -8.00
CA MET A 8 4.16 13.65 -6.94
C MET A 8 3.69 12.22 -7.14
N ALA A 9 4.58 11.27 -6.91
CA ALA A 9 4.25 9.85 -7.06
C ALA A 9 5.17 8.98 -6.22
N LEU A 10 4.59 8.06 -5.46
CA LEU A 10 5.36 7.16 -4.62
C LEU A 10 6.34 7.94 -3.74
N ARG A 11 5.97 9.16 -3.39
CA ARG A 11 6.82 10.01 -2.56
C ARG A 11 6.55 9.77 -1.08
N ASN A 12 5.32 9.34 -0.77
CA ASN A 12 4.94 9.07 0.61
C ASN A 12 4.60 7.60 0.80
N VAL A 13 5.23 6.98 1.80
CA VAL A 13 5.00 5.57 2.08
C VAL A 13 4.89 5.31 3.58
N PRO A 14 3.87 4.56 3.99
CA PRO A 14 3.65 4.23 5.40
C PRO A 14 4.70 3.28 5.96
N PHE A 15 4.59 2.97 7.25
CA PHE A 15 5.54 2.07 7.90
C PHE A 15 5.04 0.63 7.84
N ARG A 16 5.98 -0.31 7.88
CA ARG A 16 5.65 -1.73 7.83
C ARG A 16 4.77 -2.12 9.02
N SER A 17 5.28 -1.89 10.22
CA SER A 17 4.54 -2.22 11.44
C SER A 17 3.13 -1.65 11.38
N GLU A 18 2.97 -0.52 10.72
CA GLU A 18 1.68 0.13 10.59
C GLU A 18 0.76 -0.66 9.67
N VAL A 19 1.32 -1.16 8.58
CA VAL A 19 0.56 -1.94 7.61
C VAL A 19 0.24 -3.32 8.14
N LEU A 20 1.15 -3.88 8.93
CA LEU A 20 0.98 -5.20 9.52
C LEU A 20 -0.26 -5.24 10.40
N GLY A 21 -0.68 -4.07 10.87
CA GLY A 21 -1.84 -3.98 11.74
C GLY A 21 -3.02 -3.31 11.06
N TRP A 22 -3.00 -3.29 9.73
CA TRP A 22 -4.08 -2.67 8.96
C TRP A 22 -5.19 -3.67 8.67
N ASP A 23 -6.22 -3.22 7.96
CA ASP A 23 -7.34 -4.08 7.60
C ASP A 23 -7.68 -3.94 6.13
N PRO A 24 -8.46 -4.91 5.60
CA PRO A 24 -8.87 -4.93 4.21
C PRO A 24 -9.88 -3.82 3.88
N ASP A 25 -10.33 -3.13 4.92
CA ASP A 25 -11.29 -2.05 4.75
C ASP A 25 -10.64 -0.69 5.01
N SER A 26 -9.54 -0.70 5.75
CA SER A 26 -8.82 0.52 6.09
C SER A 26 -7.71 0.80 5.07
N LEU A 27 -6.98 -0.25 4.71
CA LEU A 27 -5.90 -0.13 3.75
C LEU A 27 -6.37 0.57 2.47
N ALA A 28 -7.64 0.39 2.15
CA ALA A 28 -8.22 1.01 0.95
C ALA A 28 -8.05 2.52 0.99
N ASP A 29 -8.08 3.09 2.19
CA ASP A 29 -7.94 4.53 2.37
C ASP A 29 -6.57 5.00 1.91
N TYR A 30 -5.53 4.24 2.28
CA TYR A 30 -4.17 4.58 1.91
C TYR A 30 -4.05 4.82 0.40
N PHE A 31 -4.66 3.94 -0.38
CA PHE A 31 -4.63 4.05 -1.83
C PHE A 31 -5.40 5.29 -2.29
N LYS A 32 -6.54 5.54 -1.65
CA LYS A 32 -7.37 6.69 -2.00
C LYS A 32 -6.57 7.98 -1.94
N LYS A 33 -5.53 7.99 -1.10
CA LYS A 33 -4.68 9.16 -0.94
C LYS A 33 -3.61 9.21 -2.04
N LEU A 34 -3.27 8.05 -2.58
CA LEU A 34 -2.27 7.96 -3.64
C LEU A 34 -2.92 8.01 -5.01
N ASN A 35 -4.18 8.45 -5.05
CA ASN A 35 -4.91 8.55 -6.31
C ASN A 35 -5.11 7.18 -6.94
N TYR A 36 -4.96 6.13 -6.12
CA TYR A 36 -5.11 4.76 -6.60
C TYR A 36 -6.50 4.21 -6.27
N LYS A 37 -7.52 4.79 -6.90
CA LYS A 37 -8.89 4.35 -6.68
C LYS A 37 -9.14 2.99 -7.31
N ASP A 38 -8.33 2.63 -8.30
CA ASP A 38 -8.46 1.36 -8.98
C ASP A 38 -7.94 0.22 -8.10
N CYS A 39 -7.11 0.56 -7.13
CA CYS A 39 -6.54 -0.43 -6.22
C CYS A 39 -7.40 -0.57 -4.96
N GLU A 40 -7.73 0.56 -4.35
CA GLU A 40 -8.55 0.56 -3.14
C GLU A 40 -9.82 -0.27 -3.34
N LYS A 41 -10.31 -0.30 -4.57
CA LYS A 41 -11.51 -1.06 -4.90
C LYS A 41 -11.32 -2.55 -4.61
N ALA A 42 -10.30 -3.13 -5.22
CA ALA A 42 -10.01 -4.55 -5.03
C ALA A 42 -9.61 -4.84 -3.59
N VAL A 43 -8.99 -3.85 -2.94
CA VAL A 43 -8.57 -3.99 -1.56
C VAL A 43 -9.76 -4.26 -0.63
N LYS A 44 -10.89 -3.66 -0.97
CA LYS A 44 -12.11 -3.82 -0.18
C LYS A 44 -12.98 -4.95 -0.73
N LYS A 45 -13.02 -5.06 -2.06
CA LYS A 45 -13.80 -6.10 -2.71
C LYS A 45 -13.23 -7.48 -2.42
N TYR A 46 -11.93 -7.65 -2.66
CA TYR A 46 -11.27 -8.93 -2.42
C TYR A 46 -10.90 -9.08 -0.95
N HIS A 47 -11.04 -7.99 -0.20
CA HIS A 47 -10.71 -8.00 1.23
C HIS A 47 -9.23 -8.26 1.44
N ILE A 48 -8.40 -7.32 0.98
CA ILE A 48 -6.95 -7.44 1.14
C ILE A 48 -6.43 -6.50 2.20
N ASP A 49 -6.08 -7.05 3.36
CA ASP A 49 -5.56 -6.26 4.47
C ASP A 49 -4.11 -5.84 4.20
N GLY A 50 -3.63 -4.88 4.98
CA GLY A 50 -2.26 -4.40 4.81
C GLY A 50 -1.26 -5.53 4.81
N ALA A 51 -1.38 -6.44 5.78
CA ALA A 51 -0.48 -7.58 5.88
C ALA A 51 -0.43 -8.36 4.58
N ARG A 52 -1.52 -8.32 3.82
CA ARG A 52 -1.60 -9.03 2.55
C ARG A 52 -0.96 -8.21 1.43
N PHE A 53 -0.95 -6.90 1.60
CA PHE A 53 -0.37 -6.01 0.60
C PHE A 53 1.15 -6.16 0.54
N LEU A 54 1.77 -6.18 1.72
CA LEU A 54 3.23 -6.32 1.81
C LEU A 54 3.67 -7.67 1.26
N ASN A 55 2.76 -8.64 1.28
CA ASN A 55 3.07 -9.99 0.78
C ASN A 55 2.49 -10.18 -0.62
N LEU A 56 2.42 -9.10 -1.39
CA LEU A 56 1.90 -9.15 -2.75
C LEU A 56 2.57 -10.26 -3.55
N THR A 57 1.85 -11.36 -3.73
CA THR A 57 2.38 -12.50 -4.49
C THR A 57 1.66 -12.66 -5.83
N GLU A 58 2.14 -13.58 -6.64
CA GLU A 58 1.55 -13.83 -7.95
C GLU A 58 0.07 -14.16 -7.82
N ASN A 59 -0.32 -14.66 -6.65
CA ASN A 59 -1.72 -15.02 -6.40
C ASN A 59 -2.55 -13.77 -6.11
N ASP A 60 -1.90 -12.73 -5.58
CA ASP A 60 -2.58 -11.49 -5.26
C ASP A 60 -2.55 -10.53 -6.46
N ILE A 61 -1.39 -10.43 -7.11
CA ILE A 61 -1.24 -9.56 -8.25
C ILE A 61 -2.31 -9.84 -9.31
N GLN A 62 -2.62 -11.12 -9.49
CA GLN A 62 -3.63 -11.53 -10.46
C GLN A 62 -4.97 -10.88 -10.16
N LYS A 63 -5.18 -10.52 -8.90
CA LYS A 63 -6.43 -9.88 -8.48
C LYS A 63 -6.34 -8.37 -8.63
N PHE A 64 -5.28 -7.90 -9.26
CA PHE A 64 -5.08 -6.47 -9.46
C PHE A 64 -4.97 -6.15 -10.96
N PRO A 65 -5.20 -4.87 -11.29
CA PRO A 65 -5.13 -4.40 -12.68
C PRO A 65 -3.71 -4.38 -13.23
N LYS A 66 -3.58 -4.58 -14.53
CA LYS A 66 -2.28 -4.61 -15.18
C LYS A 66 -1.67 -3.20 -15.21
N LEU A 67 -2.44 -2.22 -14.77
CA LEU A 67 -1.98 -0.84 -14.75
C LEU A 67 -1.42 -0.47 -13.38
N ARG A 68 -1.75 -1.28 -12.38
CA ARG A 68 -1.28 -1.04 -11.02
C ARG A 68 -0.52 -2.25 -10.49
N VAL A 69 -0.52 -3.33 -11.27
CA VAL A 69 0.18 -4.55 -10.87
C VAL A 69 1.60 -4.27 -10.42
N PRO A 70 2.39 -3.62 -11.32
CA PRO A 70 3.78 -3.27 -11.03
C PRO A 70 3.90 -2.17 -10.00
N ILE A 71 2.89 -1.31 -9.93
CA ILE A 71 2.88 -0.20 -8.98
C ILE A 71 2.72 -0.71 -7.55
N LEU A 72 1.83 -1.68 -7.37
CA LEU A 72 1.59 -2.25 -6.05
C LEU A 72 2.76 -3.10 -5.60
N SER A 73 3.34 -3.86 -6.52
CA SER A 73 4.48 -4.72 -6.23
C SER A 73 5.69 -3.89 -5.80
N LYS A 74 5.80 -2.69 -6.37
CA LYS A 74 6.91 -1.81 -6.06
C LYS A 74 6.64 -1.04 -4.75
N LEU A 75 5.38 -0.67 -4.55
CA LEU A 75 4.99 0.06 -3.35
C LEU A 75 5.03 -0.84 -2.12
N SER A 76 4.48 -2.04 -2.27
CA SER A 76 4.45 -3.00 -1.17
C SER A 76 5.84 -3.20 -0.57
N GLN A 77 6.86 -3.16 -1.43
CA GLN A 77 8.23 -3.33 -0.99
C GLN A 77 8.74 -2.08 -0.29
N GLU A 78 8.33 -0.91 -0.79
CA GLU A 78 8.75 0.35 -0.21
C GLU A 78 8.37 0.43 1.28
N ILE A 79 7.20 -0.12 1.61
CA ILE A 79 6.73 -0.11 2.99
C ILE A 79 7.57 -1.05 3.85
N ASN A 80 7.83 -2.24 3.33
CA ASN A 80 8.62 -3.24 4.06
C ASN A 80 9.94 -2.63 4.54
N LYS A 81 10.63 -1.94 3.64
CA LYS A 81 11.91 -1.31 3.98
C LYS A 81 11.69 -0.07 4.83
N ASN A 82 10.46 0.43 4.86
CA ASN A 82 10.12 1.62 5.63
C ASN A 82 10.01 1.28 7.11
N GLU A 83 10.03 -0.02 7.42
CA GLU A 83 9.94 -0.47 8.81
C GLU A 83 10.96 0.24 9.68
N GLU A 84 10.61 0.43 10.96
CA GLU A 84 11.50 1.09 11.90
C GLU A 84 12.49 0.10 12.51
N ARG A 85 13.76 0.25 12.16
CA ARG A 85 14.80 -0.63 12.68
C ARG A 85 14.90 -0.53 14.20
N ARG A 86 15.09 0.68 14.70
CA ARG A 86 15.20 0.92 16.13
C ARG A 86 13.83 0.83 16.80
N SER A 87 13.45 -0.38 17.19
CA SER A 87 12.15 -0.60 17.84
C SER A 87 12.16 -0.02 19.25
N ILE A 88 11.00 0.49 19.67
CA ILE A 88 10.87 1.09 21.00
C ILE A 88 10.19 0.11 21.96
N PHE A 89 10.46 -1.17 21.78
CA PHE A 89 9.88 -2.20 22.63
C PHE A 89 10.90 -2.71 23.64
N THR A 90 11.85 -1.85 24.00
CA THR A 90 12.89 -2.22 24.96
C THR A 90 12.52 -1.77 26.36
N GLY A 1 -9.48 27.09 -1.48
CA GLY A 1 -10.08 25.99 -0.74
C GLY A 1 -9.11 25.34 0.22
N SER A 2 -9.54 24.26 0.86
CA SER A 2 -8.71 23.55 1.82
C SER A 2 -7.81 22.53 1.12
N SER A 3 -6.51 22.75 1.18
CA SER A 3 -5.55 21.85 0.55
C SER A 3 -4.22 21.84 1.32
N GLY A 4 -4.20 21.14 2.43
CA GLY A 4 -2.99 21.06 3.24
C GLY A 4 -1.84 20.42 2.49
N SER A 5 -1.99 19.14 2.16
CA SER A 5 -0.94 18.42 1.45
C SER A 5 -1.40 17.00 1.11
N SER A 6 -1.16 16.59 -0.13
CA SER A 6 -1.56 15.26 -0.59
C SER A 6 -0.37 14.51 -1.18
N GLY A 7 0.13 15.00 -2.31
CA GLY A 7 1.27 14.37 -2.95
C GLY A 7 0.87 13.14 -3.74
N MET A 8 0.84 13.27 -5.06
CA MET A 8 0.46 12.15 -5.93
C MET A 8 1.66 11.24 -6.18
N ALA A 9 1.40 10.08 -6.76
CA ALA A 9 2.46 9.12 -7.06
C ALA A 9 3.13 8.63 -5.79
N LEU A 10 4.25 7.91 -5.95
CA LEU A 10 4.98 7.38 -4.81
C LEU A 10 5.80 8.48 -4.13
N ARG A 11 5.10 9.42 -3.49
CA ARG A 11 5.77 10.52 -2.80
C ARG A 11 5.89 10.23 -1.31
N ASN A 12 4.98 9.41 -0.79
CA ASN A 12 5.00 9.06 0.62
C ASN A 12 4.66 7.58 0.82
N VAL A 13 5.26 6.97 1.83
CA VAL A 13 5.02 5.56 2.13
C VAL A 13 4.90 5.32 3.63
N PRO A 14 3.87 4.56 4.02
CA PRO A 14 3.62 4.24 5.43
C PRO A 14 4.67 3.29 6.00
N PHE A 15 4.55 3.02 7.30
CA PHE A 15 5.49 2.12 7.97
C PHE A 15 5.01 0.67 7.89
N ARG A 16 5.96 -0.25 7.89
CA ARG A 16 5.64 -1.68 7.81
C ARG A 16 4.77 -2.10 9.00
N SER A 17 5.27 -1.86 10.20
CA SER A 17 4.55 -2.21 11.42
C SER A 17 3.11 -1.68 11.37
N GLU A 18 2.94 -0.53 10.74
CA GLU A 18 1.63 0.09 10.63
C GLU A 18 0.73 -0.71 9.69
N VAL A 19 1.30 -1.17 8.58
CA VAL A 19 0.55 -1.96 7.61
C VAL A 19 0.24 -3.35 8.14
N LEU A 20 1.17 -3.89 8.92
CA LEU A 20 1.00 -5.23 9.50
C LEU A 20 -0.24 -5.27 10.39
N GLY A 21 -0.67 -4.11 10.87
CA GLY A 21 -1.84 -4.05 11.73
C GLY A 21 -3.01 -3.36 11.06
N TRP A 22 -2.99 -3.31 9.74
CA TRP A 22 -4.06 -2.68 8.97
C TRP A 22 -5.17 -3.68 8.67
N ASP A 23 -6.19 -3.22 7.97
CA ASP A 23 -7.32 -4.08 7.61
C ASP A 23 -7.67 -3.94 6.13
N PRO A 24 -8.44 -4.90 5.61
CA PRO A 24 -8.86 -4.92 4.20
C PRO A 24 -9.85 -3.81 3.89
N ASP A 25 -10.32 -3.12 4.93
CA ASP A 25 -11.28 -2.04 4.76
C ASP A 25 -10.62 -0.68 5.02
N SER A 26 -9.52 -0.70 5.76
CA SER A 26 -8.79 0.52 6.08
C SER A 26 -7.69 0.80 5.07
N LEU A 27 -6.96 -0.25 4.70
CA LEU A 27 -5.87 -0.12 3.74
C LEU A 27 -6.36 0.58 2.46
N ALA A 28 -7.63 0.39 2.14
CA ALA A 28 -8.21 1.01 0.97
C ALA A 28 -8.05 2.53 1.00
N ASP A 29 -8.07 3.09 2.19
CA ASP A 29 -7.93 4.53 2.38
C ASP A 29 -6.55 5.00 1.92
N TYR A 30 -5.53 4.25 2.28
CA TYR A 30 -4.16 4.59 1.91
C TYR A 30 -4.04 4.83 0.41
N PHE A 31 -4.64 3.94 -0.37
CA PHE A 31 -4.61 4.05 -1.83
C PHE A 31 -5.39 5.28 -2.29
N LYS A 32 -6.52 5.54 -1.65
CA LYS A 32 -7.35 6.69 -2.00
C LYS A 32 -6.55 7.99 -1.94
N LYS A 33 -5.50 7.99 -1.12
CA LYS A 33 -4.65 9.16 -0.97
C LYS A 33 -3.58 9.21 -2.05
N LEU A 34 -3.25 8.04 -2.60
CA LEU A 34 -2.25 7.94 -3.65
C LEU A 34 -2.90 8.00 -5.03
N ASN A 35 -4.16 8.44 -5.07
CA ASN A 35 -4.89 8.54 -6.32
C ASN A 35 -5.09 7.17 -6.95
N TYR A 36 -4.94 6.12 -6.14
CA TYR A 36 -5.11 4.76 -6.61
C TYR A 36 -6.49 4.22 -6.28
N LYS A 37 -7.51 4.79 -6.91
CA LYS A 37 -8.88 4.37 -6.67
C LYS A 37 -9.15 3.01 -7.29
N ASP A 38 -8.34 2.64 -8.28
CA ASP A 38 -8.48 1.36 -8.95
C ASP A 38 -7.97 0.22 -8.07
N CYS A 39 -7.11 0.56 -7.13
CA CYS A 39 -6.54 -0.43 -6.22
C CYS A 39 -7.39 -0.57 -4.96
N GLU A 40 -7.72 0.56 -4.35
CA GLU A 40 -8.53 0.55 -3.14
C GLU A 40 -9.80 -0.27 -3.34
N LYS A 41 -10.29 -0.30 -4.56
CA LYS A 41 -11.50 -1.05 -4.89
C LYS A 41 -11.32 -2.54 -4.61
N ALA A 42 -10.29 -3.13 -5.22
CA ALA A 42 -10.01 -4.54 -5.03
C ALA A 42 -9.61 -4.84 -3.58
N VAL A 43 -8.99 -3.85 -2.93
CA VAL A 43 -8.56 -4.00 -1.55
C VAL A 43 -9.75 -4.25 -0.63
N LYS A 44 -10.89 -3.66 -0.97
CA LYS A 44 -12.10 -3.82 -0.18
C LYS A 44 -12.96 -4.95 -0.72
N LYS A 45 -13.02 -5.06 -2.05
CA LYS A 45 -13.80 -6.10 -2.70
C LYS A 45 -13.23 -7.48 -2.41
N TYR A 46 -11.93 -7.65 -2.65
CA TYR A 46 -11.27 -8.92 -2.41
C TYR A 46 -10.89 -9.07 -0.95
N HIS A 47 -11.03 -7.98 -0.19
CA HIS A 47 -10.70 -7.99 1.23
C HIS A 47 -9.21 -8.25 1.45
N ILE A 48 -8.39 -7.31 0.99
CA ILE A 48 -6.94 -7.43 1.13
C ILE A 48 -6.41 -6.49 2.20
N ASP A 49 -6.07 -7.05 3.36
CA ASP A 49 -5.54 -6.25 4.47
C ASP A 49 -4.10 -5.84 4.20
N GLY A 50 -3.62 -4.88 4.97
CA GLY A 50 -2.25 -4.41 4.81
C GLY A 50 -1.25 -5.54 4.80
N ALA A 51 -1.37 -6.44 5.77
CA ALA A 51 -0.46 -7.57 5.87
C ALA A 51 -0.41 -8.36 4.57
N ARG A 52 -1.50 -8.31 3.82
CA ARG A 52 -1.58 -9.02 2.54
C ARG A 52 -0.95 -8.20 1.43
N PHE A 53 -0.95 -6.89 1.59
CA PHE A 53 -0.36 -6.00 0.59
C PHE A 53 1.16 -6.16 0.53
N LEU A 54 1.79 -6.20 1.70
CA LEU A 54 3.23 -6.35 1.79
C LEU A 54 3.67 -7.71 1.24
N ASN A 55 2.77 -8.68 1.28
CA ASN A 55 3.07 -10.01 0.77
C ASN A 55 2.50 -10.21 -0.63
N LEU A 56 2.43 -9.12 -1.39
CA LEU A 56 1.91 -9.16 -2.75
C LEU A 56 2.58 -10.28 -3.55
N THR A 57 1.86 -11.38 -3.75
CA THR A 57 2.39 -12.51 -4.49
C THR A 57 1.66 -12.67 -5.83
N GLU A 58 2.14 -13.60 -6.66
CA GLU A 58 1.54 -13.85 -7.96
C GLU A 58 0.06 -14.17 -7.82
N ASN A 59 -0.32 -14.68 -6.65
CA ASN A 59 -1.71 -15.03 -6.39
C ASN A 59 -2.55 -13.79 -6.10
N ASP A 60 -1.89 -12.75 -5.58
CA ASP A 60 -2.57 -11.50 -5.26
C ASP A 60 -2.55 -10.55 -6.45
N ILE A 61 -1.39 -10.44 -7.10
CA ILE A 61 -1.24 -9.56 -8.24
C ILE A 61 -2.30 -9.85 -9.30
N GLN A 62 -2.62 -11.13 -9.48
CA GLN A 62 -3.63 -11.53 -10.46
C GLN A 62 -4.97 -10.88 -10.16
N LYS A 63 -5.19 -10.53 -8.89
CA LYS A 63 -6.43 -9.89 -8.47
C LYS A 63 -6.35 -8.38 -8.62
N PHE A 64 -5.28 -7.91 -9.25
CA PHE A 64 -5.07 -6.48 -9.46
C PHE A 64 -4.97 -6.15 -10.94
N PRO A 65 -5.20 -4.87 -11.29
CA PRO A 65 -5.14 -4.41 -12.67
C PRO A 65 -3.72 -4.40 -13.22
N LYS A 66 -3.59 -4.61 -14.53
CA LYS A 66 -2.28 -4.62 -15.18
C LYS A 66 -1.68 -3.22 -15.22
N LEU A 67 -2.45 -2.24 -14.77
CA LEU A 67 -1.98 -0.85 -14.76
C LEU A 67 -1.42 -0.49 -13.39
N ARG A 68 -1.74 -1.29 -12.38
CA ARG A 68 -1.27 -1.05 -11.03
C ARG A 68 -0.51 -2.26 -10.49
N VAL A 69 -0.51 -3.35 -11.27
CA VAL A 69 0.18 -4.56 -10.87
C VAL A 69 1.61 -4.27 -10.43
N PRO A 70 2.39 -3.64 -11.32
CA PRO A 70 3.78 -3.29 -11.05
C PRO A 70 3.91 -2.18 -10.01
N ILE A 71 2.90 -1.31 -9.94
CA ILE A 71 2.89 -0.21 -9.00
C ILE A 71 2.73 -0.71 -7.56
N LEU A 72 1.84 -1.69 -7.38
CA LEU A 72 1.59 -2.25 -6.06
C LEU A 72 2.77 -3.10 -5.61
N SER A 73 3.34 -3.86 -6.54
CA SER A 73 4.48 -4.72 -6.23
C SER A 73 5.69 -3.89 -5.80
N LYS A 74 5.80 -2.70 -6.37
CA LYS A 74 6.91 -1.80 -6.04
C LYS A 74 6.63 -1.04 -4.75
N LEU A 75 5.38 -0.64 -4.56
CA LEU A 75 4.98 0.09 -3.37
C LEU A 75 5.01 -0.81 -2.13
N SER A 76 4.45 -2.00 -2.27
CA SER A 76 4.41 -2.96 -1.16
C SER A 76 5.81 -3.14 -0.56
N GLN A 77 6.82 -3.15 -1.42
CA GLN A 77 8.19 -3.32 -0.97
C GLN A 77 8.70 -2.08 -0.26
N GLU A 78 8.29 -0.91 -0.77
CA GLU A 78 8.70 0.36 -0.18
C GLU A 78 8.32 0.44 1.29
N ILE A 79 7.16 -0.12 1.62
CA ILE A 79 6.68 -0.12 3.00
C ILE A 79 7.49 -1.07 3.87
N ASN A 80 7.83 -2.23 3.32
CA ASN A 80 8.62 -3.22 4.04
C ASN A 80 9.94 -2.64 4.51
N LYS A 81 10.50 -1.74 3.71
CA LYS A 81 11.76 -1.10 4.04
C LYS A 81 11.54 0.19 4.84
N ASN A 82 10.30 0.39 5.29
CA ASN A 82 9.95 1.57 6.06
C ASN A 82 9.68 1.21 7.52
N GLU A 83 10.21 0.07 7.95
CA GLU A 83 10.03 -0.39 9.32
C GLU A 83 10.94 0.36 10.27
N GLU A 84 10.39 0.85 11.37
CA GLU A 84 11.15 1.60 12.36
C GLU A 84 12.25 0.73 12.96
N ARG A 85 13.51 1.08 12.67
CA ARG A 85 14.65 0.33 13.18
C ARG A 85 14.79 0.51 14.68
N ARG A 86 14.87 -0.61 15.40
CA ARG A 86 15.00 -0.58 16.85
C ARG A 86 16.22 0.23 17.27
N SER A 87 16.03 1.12 18.24
CA SER A 87 17.13 1.95 18.73
C SER A 87 17.73 1.37 20.00
N ILE A 88 17.04 0.41 20.59
CA ILE A 88 17.52 -0.24 21.81
C ILE A 88 18.68 -1.18 21.51
N PHE A 89 19.77 -1.03 22.26
CA PHE A 89 20.95 -1.87 22.07
C PHE A 89 21.73 -2.01 23.38
N THR A 90 21.71 -3.22 23.95
CA THR A 90 22.41 -3.48 25.19
C THR A 90 22.94 -4.91 25.23
N GLY A 1 -8.71 18.99 7.21
CA GLY A 1 -9.30 19.76 6.15
C GLY A 1 -8.78 21.18 6.09
N SER A 2 -7.45 21.32 6.09
CA SER A 2 -6.83 22.64 6.06
C SER A 2 -5.31 22.51 5.85
N SER A 3 -4.91 22.24 4.62
CA SER A 3 -3.50 22.09 4.29
C SER A 3 -2.88 20.94 5.08
N GLY A 4 -3.68 19.90 5.32
CA GLY A 4 -3.20 18.76 6.07
C GLY A 4 -2.30 17.86 5.22
N SER A 5 -1.94 16.71 5.77
CA SER A 5 -1.08 15.76 5.06
C SER A 5 -1.91 14.72 4.31
N SER A 6 -1.52 14.45 3.08
CA SER A 6 -2.24 13.48 2.24
C SER A 6 -1.39 13.06 1.05
N GLY A 7 -0.82 14.05 0.35
CA GLY A 7 0.01 13.76 -0.80
C GLY A 7 -0.71 12.89 -1.82
N MET A 8 0.04 12.41 -2.81
CA MET A 8 -0.52 11.55 -3.84
C MET A 8 0.57 11.04 -4.77
N ALA A 9 1.45 10.20 -4.23
CA ALA A 9 2.55 9.64 -5.02
C ALA A 9 3.39 8.68 -4.18
N LEU A 10 4.25 7.93 -4.84
CA LEU A 10 5.12 6.97 -4.15
C LEU A 10 6.04 7.69 -3.16
N ARG A 11 6.20 8.99 -3.36
CA ARG A 11 7.05 9.79 -2.48
C ARG A 11 6.69 9.56 -1.01
N ASN A 12 5.42 9.28 -0.76
CA ASN A 12 4.94 9.03 0.60
C ASN A 12 4.61 7.56 0.81
N VAL A 13 5.24 6.95 1.80
CA VAL A 13 5.01 5.54 2.12
C VAL A 13 4.89 5.32 3.61
N PRO A 14 3.86 4.56 4.02
CA PRO A 14 3.61 4.25 5.44
C PRO A 14 4.66 3.31 6.02
N PHE A 15 4.54 3.01 7.30
CA PHE A 15 5.47 2.12 7.98
C PHE A 15 5.00 0.67 7.90
N ARG A 16 5.95 -0.26 7.90
CA ARG A 16 5.64 -1.68 7.84
C ARG A 16 4.76 -2.09 9.02
N SER A 17 5.26 -1.86 10.23
CA SER A 17 4.54 -2.21 11.45
C SER A 17 3.11 -1.68 11.39
N GLU A 18 2.93 -0.52 10.75
CA GLU A 18 1.62 0.10 10.64
C GLU A 18 0.72 -0.70 9.70
N VAL A 19 1.29 -1.17 8.59
CA VAL A 19 0.54 -1.95 7.61
C VAL A 19 0.24 -3.35 8.14
N LEU A 20 1.15 -3.89 8.94
CA LEU A 20 0.99 -5.22 9.51
C LEU A 20 -0.25 -5.27 10.41
N GLY A 21 -0.68 -4.11 10.88
CA GLY A 21 -1.84 -4.04 11.74
C GLY A 21 -3.02 -3.36 11.06
N TRP A 22 -2.99 -3.30 9.74
CA TRP A 22 -4.06 -2.68 8.98
C TRP A 22 -5.18 -3.67 8.68
N ASP A 23 -6.20 -3.22 7.97
CA ASP A 23 -7.33 -4.07 7.61
C ASP A 23 -7.67 -3.94 6.13
N PRO A 24 -8.44 -4.90 5.61
CA PRO A 24 -8.85 -4.92 4.20
C PRO A 24 -9.85 -3.82 3.88
N ASP A 25 -10.31 -3.13 4.91
CA ASP A 25 -11.27 -2.03 4.74
C ASP A 25 -10.61 -0.68 5.00
N SER A 26 -9.50 -0.70 5.74
CA SER A 26 -8.80 0.52 6.07
C SER A 26 -7.69 0.79 5.05
N LEU A 27 -6.96 -0.25 4.69
CA LEU A 27 -5.87 -0.14 3.73
C LEU A 27 -6.34 0.56 2.45
N ALA A 28 -7.61 0.38 2.13
CA ALA A 28 -8.19 1.00 0.93
C ALA A 28 -8.03 2.51 0.97
N ASP A 29 -8.07 3.08 2.17
CA ASP A 29 -7.93 4.52 2.34
C ASP A 29 -6.55 4.99 1.89
N TYR A 30 -5.52 4.24 2.26
CA TYR A 30 -4.16 4.58 1.90
C TYR A 30 -4.04 4.82 0.40
N PHE A 31 -4.63 3.94 -0.39
CA PHE A 31 -4.59 4.05 -1.84
C PHE A 31 -5.36 5.28 -2.31
N LYS A 32 -6.50 5.55 -1.67
CA LYS A 32 -7.32 6.70 -2.02
C LYS A 32 -6.51 7.99 -1.95
N LYS A 33 -5.47 7.99 -1.13
CA LYS A 33 -4.60 9.16 -0.98
C LYS A 33 -3.55 9.20 -2.07
N LEU A 34 -3.22 8.03 -2.61
CA LEU A 34 -2.21 7.94 -3.68
C LEU A 34 -2.87 8.00 -5.05
N ASN A 35 -4.12 8.45 -5.08
CA ASN A 35 -4.86 8.56 -6.33
C ASN A 35 -5.06 7.18 -6.98
N TYR A 36 -4.97 6.15 -6.16
CA TYR A 36 -5.13 4.78 -6.64
C TYR A 36 -6.52 4.24 -6.29
N LYS A 37 -7.54 4.81 -6.91
CA LYS A 37 -8.92 4.39 -6.67
C LYS A 37 -9.18 3.02 -7.29
N ASP A 38 -8.37 2.65 -8.28
CA ASP A 38 -8.52 1.36 -8.95
C ASP A 38 -8.00 0.23 -8.07
N CYS A 39 -7.13 0.58 -7.13
CA CYS A 39 -6.55 -0.40 -6.22
C CYS A 39 -7.39 -0.55 -4.96
N GLU A 40 -7.72 0.58 -4.35
CA GLU A 40 -8.52 0.58 -3.13
C GLU A 40 -9.80 -0.24 -3.32
N LYS A 41 -10.30 -0.29 -4.54
CA LYS A 41 -11.51 -1.04 -4.86
C LYS A 41 -11.31 -2.52 -4.58
N ALA A 42 -10.30 -3.11 -5.21
CA ALA A 42 -10.02 -4.53 -5.03
C ALA A 42 -9.61 -4.82 -3.59
N VAL A 43 -8.99 -3.84 -2.94
CA VAL A 43 -8.55 -3.99 -1.55
C VAL A 43 -9.73 -4.24 -0.63
N LYS A 44 -10.88 -3.65 -0.96
CA LYS A 44 -12.08 -3.81 -0.17
C LYS A 44 -12.96 -4.93 -0.71
N LYS A 45 -13.01 -5.04 -2.03
CA LYS A 45 -13.80 -6.08 -2.69
C LYS A 45 -13.24 -7.47 -2.40
N TYR A 46 -11.94 -7.64 -2.65
CA TYR A 46 -11.28 -8.91 -2.42
C TYR A 46 -10.91 -9.07 -0.95
N HIS A 47 -11.05 -7.99 -0.18
CA HIS A 47 -10.72 -8.00 1.23
C HIS A 47 -9.23 -8.27 1.45
N ILE A 48 -8.40 -7.33 1.01
CA ILE A 48 -6.96 -7.46 1.16
C ILE A 48 -6.42 -6.51 2.23
N ASP A 49 -6.07 -7.06 3.38
CA ASP A 49 -5.55 -6.27 4.49
C ASP A 49 -4.10 -5.85 4.22
N GLY A 50 -3.61 -4.87 4.98
CA GLY A 50 -2.25 -4.41 4.81
C GLY A 50 -1.24 -5.53 4.81
N ALA A 51 -1.36 -6.43 5.78
CA ALA A 51 -0.45 -7.57 5.89
C ALA A 51 -0.41 -8.36 4.58
N ARG A 52 -1.50 -8.33 3.83
CA ARG A 52 -1.58 -9.04 2.57
C ARG A 52 -0.94 -8.23 1.45
N PHE A 53 -0.94 -6.91 1.60
CA PHE A 53 -0.35 -6.02 0.60
C PHE A 53 1.16 -6.17 0.55
N LEU A 54 1.78 -6.22 1.71
CA LEU A 54 3.23 -6.37 1.81
C LEU A 54 3.68 -7.71 1.26
N ASN A 55 2.78 -8.69 1.28
CA ASN A 55 3.07 -10.03 0.78
C ASN A 55 2.51 -10.22 -0.63
N LEU A 56 2.43 -9.14 -1.39
CA LEU A 56 1.91 -9.19 -2.74
C LEU A 56 2.59 -10.29 -3.54
N THR A 57 1.87 -11.40 -3.73
CA THR A 57 2.39 -12.53 -4.49
C THR A 57 1.68 -12.68 -5.83
N GLU A 58 2.18 -13.59 -6.66
CA GLU A 58 1.60 -13.82 -7.98
C GLU A 58 0.11 -14.17 -7.86
N ASN A 59 -0.28 -14.68 -6.70
CA ASN A 59 -1.67 -15.06 -6.45
C ASN A 59 -2.51 -13.82 -6.15
N ASP A 60 -1.87 -12.79 -5.60
CA ASP A 60 -2.56 -11.56 -5.26
C ASP A 60 -2.55 -10.59 -6.44
N ILE A 61 -1.39 -10.48 -7.09
CA ILE A 61 -1.24 -9.58 -8.23
C ILE A 61 -2.31 -9.86 -9.29
N GLN A 62 -2.63 -11.13 -9.48
CA GLN A 62 -3.63 -11.53 -10.46
C GLN A 62 -4.98 -10.88 -10.15
N LYS A 63 -5.18 -10.52 -8.89
CA LYS A 63 -6.43 -9.89 -8.46
C LYS A 63 -6.36 -8.38 -8.61
N PHE A 64 -5.29 -7.90 -9.25
CA PHE A 64 -5.09 -6.47 -9.47
C PHE A 64 -4.99 -6.16 -10.96
N PRO A 65 -5.22 -4.89 -11.30
CA PRO A 65 -5.15 -4.42 -12.69
C PRO A 65 -3.72 -4.42 -13.23
N LYS A 66 -3.59 -4.63 -14.54
CA LYS A 66 -2.28 -4.64 -15.18
C LYS A 66 -1.68 -3.25 -15.22
N LEU A 67 -2.45 -2.26 -14.80
CA LEU A 67 -1.99 -0.87 -14.79
C LEU A 67 -1.43 -0.49 -13.41
N ARG A 68 -1.76 -1.30 -12.41
CA ARG A 68 -1.30 -1.05 -11.04
C ARG A 68 -0.54 -2.27 -10.50
N VAL A 69 -0.52 -3.34 -11.27
CA VAL A 69 0.17 -4.56 -10.87
C VAL A 69 1.59 -4.27 -10.42
N PRO A 70 2.37 -3.64 -11.30
CA PRO A 70 3.77 -3.29 -11.02
C PRO A 70 3.88 -2.17 -9.99
N ILE A 71 2.87 -1.30 -9.94
CA ILE A 71 2.85 -0.20 -8.99
C ILE A 71 2.69 -0.70 -7.56
N LEU A 72 1.83 -1.69 -7.38
CA LEU A 72 1.57 -2.27 -6.07
C LEU A 72 2.76 -3.11 -5.61
N SER A 73 3.35 -3.87 -6.54
CA SER A 73 4.48 -4.72 -6.22
C SER A 73 5.69 -3.89 -5.79
N LYS A 74 5.81 -2.69 -6.37
CA LYS A 74 6.92 -1.80 -6.05
C LYS A 74 6.63 -1.03 -4.77
N LEU A 75 5.37 -0.66 -4.57
CA LEU A 75 4.96 0.08 -3.38
C LEU A 75 5.00 -0.81 -2.15
N SER A 76 4.45 -2.02 -2.27
CA SER A 76 4.41 -2.96 -1.17
C SER A 76 5.79 -3.15 -0.57
N GLN A 77 6.81 -3.15 -1.42
CA GLN A 77 8.19 -3.32 -0.96
C GLN A 77 8.69 -2.06 -0.26
N GLU A 78 8.27 -0.90 -0.77
CA GLU A 78 8.67 0.37 -0.20
C GLU A 78 8.29 0.45 1.28
N ILE A 79 7.15 -0.13 1.62
CA ILE A 79 6.67 -0.13 3.00
C ILE A 79 7.49 -1.07 3.87
N ASN A 80 7.83 -2.23 3.32
CA ASN A 80 8.61 -3.22 4.05
C ASN A 80 9.94 -2.63 4.51
N LYS A 81 10.49 -1.73 3.70
CA LYS A 81 11.76 -1.08 4.03
C LYS A 81 11.53 0.21 4.82
N ASN A 82 10.30 0.40 5.27
CA ASN A 82 9.95 1.59 6.04
C ASN A 82 9.71 1.23 7.50
N GLU A 83 10.25 0.10 7.94
CA GLU A 83 10.09 -0.34 9.31
C GLU A 83 11.05 0.39 10.24
N GLU A 84 10.58 0.74 11.43
CA GLU A 84 11.40 1.44 12.40
C GLU A 84 12.40 0.50 13.06
N ARG A 85 13.69 0.75 12.84
CA ARG A 85 14.74 -0.07 13.41
C ARG A 85 14.74 0.02 14.93
N ARG A 86 14.33 -1.07 15.59
CA ARG A 86 14.29 -1.11 17.05
C ARG A 86 15.65 -0.75 17.64
N SER A 87 15.69 -0.58 18.96
CA SER A 87 16.92 -0.23 19.66
C SER A 87 17.20 -1.22 20.79
N ILE A 88 18.11 -2.15 20.54
CA ILE A 88 18.47 -3.15 21.53
C ILE A 88 19.77 -2.78 22.23
N PHE A 89 20.22 -3.65 23.15
CA PHE A 89 21.45 -3.42 23.89
C PHE A 89 22.44 -4.55 23.65
N THR A 90 21.94 -5.79 23.68
CA THR A 90 22.78 -6.96 23.48
C THR A 90 22.58 -7.54 22.09
N GLY A 1 -3.33 36.02 -12.50
CA GLY A 1 -3.80 34.78 -13.09
C GLY A 1 -3.49 33.57 -12.23
N SER A 2 -4.37 32.58 -12.27
CA SER A 2 -4.19 31.36 -11.48
C SER A 2 -3.58 30.25 -12.33
N SER A 3 -2.69 29.48 -11.71
CA SER A 3 -2.03 28.37 -12.41
C SER A 3 -1.29 27.47 -11.43
N GLY A 4 -1.57 26.18 -11.50
CA GLY A 4 -0.93 25.22 -10.62
C GLY A 4 -1.31 23.79 -10.93
N SER A 5 -0.80 23.26 -12.03
CA SER A 5 -1.10 21.90 -12.44
C SER A 5 -0.39 20.89 -11.54
N SER A 6 -1.08 19.80 -11.23
CA SER A 6 -0.52 18.76 -10.37
C SER A 6 -0.84 17.38 -10.91
N GLY A 7 -0.27 16.35 -10.28
CA GLY A 7 -0.51 14.99 -10.71
C GLY A 7 0.66 14.08 -10.43
N MET A 8 1.01 13.93 -9.15
CA MET A 8 2.13 13.09 -8.75
C MET A 8 1.64 11.69 -8.35
N ALA A 9 2.57 10.81 -8.05
CA ALA A 9 2.24 9.45 -7.65
C ALA A 9 3.15 8.96 -6.53
N LEU A 10 2.71 7.94 -5.81
CA LEU A 10 3.50 7.38 -4.71
C LEU A 10 3.86 8.45 -3.70
N ARG A 11 3.03 8.59 -2.67
CA ARG A 11 3.26 9.57 -1.62
C ARG A 11 4.08 8.98 -0.48
N ASN A 12 4.15 9.72 0.63
CA ASN A 12 4.90 9.27 1.80
C ASN A 12 4.52 7.83 2.17
N VAL A 13 5.37 6.88 1.82
CA VAL A 13 5.11 5.48 2.13
C VAL A 13 4.96 5.26 3.63
N PRO A 14 3.92 4.51 4.01
CA PRO A 14 3.63 4.22 5.43
C PRO A 14 4.66 3.27 6.03
N PHE A 15 4.54 3.02 7.33
CA PHE A 15 5.45 2.13 8.03
C PHE A 15 4.98 0.67 7.94
N ARG A 16 5.94 -0.24 7.80
CA ARG A 16 5.62 -1.66 7.70
C ARG A 16 4.76 -2.10 8.87
N SER A 17 5.24 -1.87 10.08
CA SER A 17 4.51 -2.24 11.29
C SER A 17 3.07 -1.74 11.25
N GLU A 18 2.91 -0.51 10.75
CA GLU A 18 1.58 0.09 10.65
C GLU A 18 0.69 -0.71 9.71
N VAL A 19 1.27 -1.18 8.62
CA VAL A 19 0.53 -1.96 7.63
C VAL A 19 0.21 -3.35 8.16
N LEU A 20 1.13 -3.92 8.92
CA LEU A 20 0.95 -5.25 9.50
C LEU A 20 -0.28 -5.28 10.41
N GLY A 21 -0.71 -4.10 10.86
CA GLY A 21 -1.87 -4.02 11.73
C GLY A 21 -3.05 -3.35 11.06
N TRP A 22 -3.02 -3.28 9.73
CA TRP A 22 -4.09 -2.66 8.97
C TRP A 22 -5.21 -3.66 8.67
N ASP A 23 -6.22 -3.21 7.96
CA ASP A 23 -7.35 -4.07 7.61
C ASP A 23 -7.70 -3.94 6.13
N PRO A 24 -8.47 -4.90 5.61
CA PRO A 24 -8.89 -4.92 4.21
C PRO A 24 -9.89 -3.82 3.89
N ASP A 25 -10.35 -3.12 4.93
CA ASP A 25 -11.31 -2.04 4.75
C ASP A 25 -10.66 -0.68 5.03
N SER A 26 -9.56 -0.70 5.76
CA SER A 26 -8.85 0.52 6.10
C SER A 26 -7.74 0.80 5.09
N LEU A 27 -7.00 -0.25 4.72
CA LEU A 27 -5.91 -0.12 3.76
C LEU A 27 -6.39 0.58 2.49
N ALA A 28 -7.66 0.39 2.16
CA ALA A 28 -8.24 1.02 0.97
C ALA A 28 -8.09 2.54 1.02
N ASP A 29 -8.06 3.08 2.23
CA ASP A 29 -7.92 4.53 2.40
C ASP A 29 -6.55 5.01 1.93
N TYR A 30 -5.51 4.26 2.29
CA TYR A 30 -4.14 4.61 1.91
C TYR A 30 -4.05 4.84 0.40
N PHE A 31 -4.65 3.94 -0.36
CA PHE A 31 -4.64 4.04 -1.82
C PHE A 31 -5.41 5.27 -2.28
N LYS A 32 -6.54 5.54 -1.64
CA LYS A 32 -7.36 6.69 -1.99
C LYS A 32 -6.55 7.97 -1.95
N LYS A 33 -5.50 7.98 -1.14
CA LYS A 33 -4.64 9.15 -1.01
C LYS A 33 -3.59 9.17 -2.12
N LEU A 34 -3.25 8.00 -2.64
CA LEU A 34 -2.27 7.89 -3.70
C LEU A 34 -2.93 7.96 -5.07
N ASN A 35 -4.19 8.38 -5.09
CA ASN A 35 -4.94 8.51 -6.34
C ASN A 35 -5.11 7.14 -7.00
N TYR A 36 -4.93 6.08 -6.22
CA TYR A 36 -5.06 4.72 -6.73
C TYR A 36 -6.44 4.14 -6.40
N LYS A 37 -7.48 4.76 -6.93
CA LYS A 37 -8.84 4.31 -6.69
C LYS A 37 -9.07 2.93 -7.30
N ASP A 38 -8.29 2.60 -8.32
CA ASP A 38 -8.42 1.31 -8.99
C ASP A 38 -7.89 0.19 -8.10
N CYS A 39 -7.12 0.55 -7.09
CA CYS A 39 -6.56 -0.43 -6.16
C CYS A 39 -7.43 -0.57 -4.92
N GLU A 40 -7.77 0.56 -4.31
CA GLU A 40 -8.59 0.56 -3.10
C GLU A 40 -9.87 -0.26 -3.32
N LYS A 41 -10.34 -0.28 -4.57
CA LYS A 41 -11.54 -1.04 -4.91
C LYS A 41 -11.37 -2.52 -4.64
N ALA A 42 -10.32 -3.10 -5.21
CA ALA A 42 -10.03 -4.52 -5.02
C ALA A 42 -9.63 -4.81 -3.58
N VAL A 43 -9.01 -3.82 -2.93
CA VAL A 43 -8.58 -3.97 -1.54
C VAL A 43 -9.77 -4.23 -0.61
N LYS A 44 -10.92 -3.64 -0.96
CA LYS A 44 -12.12 -3.80 -0.16
C LYS A 44 -12.99 -4.93 -0.72
N LYS A 45 -13.03 -5.04 -2.04
CA LYS A 45 -13.82 -6.08 -2.69
C LYS A 45 -13.25 -7.47 -2.40
N TYR A 46 -11.96 -7.64 -2.66
CA TYR A 46 -11.29 -8.91 -2.42
C TYR A 46 -10.90 -9.05 -0.94
N HIS A 47 -11.04 -7.97 -0.19
CA HIS A 47 -10.70 -7.98 1.23
C HIS A 47 -9.22 -8.23 1.43
N ILE A 48 -8.39 -7.28 0.99
CA ILE A 48 -6.95 -7.40 1.13
C ILE A 48 -6.41 -6.46 2.20
N ASP A 49 -6.08 -7.03 3.36
CA ASP A 49 -5.56 -6.23 4.47
C ASP A 49 -4.12 -5.82 4.21
N GLY A 50 -3.63 -4.86 4.99
CA GLY A 50 -2.26 -4.40 4.84
C GLY A 50 -1.26 -5.53 4.82
N ALA A 51 -1.39 -6.45 5.77
CA ALA A 51 -0.50 -7.59 5.87
C ALA A 51 -0.45 -8.37 4.56
N ARG A 52 -1.54 -8.31 3.80
CA ARG A 52 -1.62 -9.01 2.52
C ARG A 52 -0.98 -8.18 1.41
N PHE A 53 -0.92 -6.87 1.61
CA PHE A 53 -0.33 -5.97 0.62
C PHE A 53 1.17 -6.15 0.55
N LEU A 54 1.83 -6.03 1.70
CA LEU A 54 3.28 -6.18 1.78
C LEU A 54 3.72 -7.53 1.25
N ASN A 55 2.84 -8.52 1.37
CA ASN A 55 3.14 -9.87 0.90
C ASN A 55 2.57 -10.09 -0.51
N LEU A 56 2.50 -9.02 -1.28
CA LEU A 56 1.96 -9.09 -2.64
C LEU A 56 2.64 -10.20 -3.43
N THR A 57 1.91 -11.28 -3.68
CA THR A 57 2.45 -12.41 -4.43
C THR A 57 1.73 -12.58 -5.77
N GLU A 58 2.24 -13.49 -6.59
CA GLU A 58 1.64 -13.74 -7.90
C GLU A 58 0.17 -14.10 -7.77
N ASN A 59 -0.21 -14.63 -6.61
CA ASN A 59 -1.59 -15.01 -6.35
C ASN A 59 -2.45 -13.80 -6.04
N ASP A 60 -1.82 -12.75 -5.53
CA ASP A 60 -2.52 -11.52 -5.19
C ASP A 60 -2.53 -10.55 -6.37
N ILE A 61 -1.37 -10.40 -7.00
CA ILE A 61 -1.25 -9.50 -8.14
C ILE A 61 -2.29 -9.82 -9.21
N GLN A 62 -2.60 -11.10 -9.38
CA GLN A 62 -3.58 -11.52 -10.37
C GLN A 62 -4.94 -10.88 -10.09
N LYS A 63 -5.17 -10.50 -8.83
CA LYS A 63 -6.42 -9.88 -8.44
C LYS A 63 -6.35 -8.37 -8.59
N PHE A 64 -5.29 -7.89 -9.25
CA PHE A 64 -5.10 -6.46 -9.45
C PHE A 64 -5.00 -6.13 -10.94
N PRO A 65 -5.23 -4.86 -11.28
CA PRO A 65 -5.16 -4.39 -12.67
C PRO A 65 -3.74 -4.39 -13.22
N LYS A 66 -3.62 -4.59 -14.53
CA LYS A 66 -2.31 -4.61 -15.18
C LYS A 66 -1.71 -3.21 -15.22
N LEU A 67 -2.47 -2.22 -14.78
CA LEU A 67 -2.01 -0.84 -14.77
C LEU A 67 -1.45 -0.47 -13.40
N ARG A 68 -1.78 -1.27 -12.39
CA ARG A 68 -1.31 -1.03 -11.03
C ARG A 68 -0.55 -2.24 -10.50
N VAL A 69 -0.54 -3.32 -11.27
CA VAL A 69 0.15 -4.53 -10.88
C VAL A 69 1.58 -4.24 -10.43
N PRO A 70 2.36 -3.61 -11.32
CA PRO A 70 3.76 -3.25 -11.04
C PRO A 70 3.87 -2.14 -10.00
N ILE A 71 2.86 -1.28 -9.95
CA ILE A 71 2.84 -0.17 -9.00
C ILE A 71 2.70 -0.68 -7.57
N LEU A 72 1.84 -1.69 -7.38
CA LEU A 72 1.61 -2.27 -6.07
C LEU A 72 2.80 -3.11 -5.63
N SER A 73 3.39 -3.83 -6.57
CA SER A 73 4.54 -4.68 -6.28
C SER A 73 5.74 -3.85 -5.85
N LYS A 74 5.85 -2.65 -6.41
CA LYS A 74 6.95 -1.75 -6.08
C LYS A 74 6.67 -0.98 -4.79
N LEU A 75 5.39 -0.69 -4.56
CA LEU A 75 4.99 0.03 -3.35
C LEU A 75 5.02 -0.87 -2.13
N SER A 76 4.46 -2.08 -2.28
CA SER A 76 4.42 -3.04 -1.18
C SER A 76 5.81 -3.24 -0.58
N GLN A 77 6.83 -3.21 -1.45
CA GLN A 77 8.21 -3.39 -1.01
C GLN A 77 8.72 -2.14 -0.30
N GLU A 78 8.30 -0.98 -0.78
CA GLU A 78 8.72 0.29 -0.20
C GLU A 78 8.34 0.35 1.28
N ILE A 79 7.19 -0.20 1.62
CA ILE A 79 6.72 -0.20 2.99
C ILE A 79 7.53 -1.16 3.85
N ASN A 80 7.84 -2.33 3.30
CA ASN A 80 8.62 -3.34 4.02
C ASN A 80 9.97 -2.78 4.46
N LYS A 81 10.52 -1.88 3.64
CA LYS A 81 11.80 -1.27 3.94
C LYS A 81 11.61 0.02 4.74
N ASN A 82 10.39 0.23 5.22
CA ASN A 82 10.08 1.43 6.00
C ASN A 82 10.01 1.11 7.49
N GLU A 83 10.08 -0.18 7.81
CA GLU A 83 10.03 -0.63 9.20
C GLU A 83 11.04 0.12 10.05
N GLU A 84 10.61 0.57 11.23
CA GLU A 84 11.48 1.30 12.13
C GLU A 84 12.47 0.37 12.81
N ARG A 85 13.75 0.60 12.56
CA ARG A 85 14.81 -0.22 13.15
C ARG A 85 15.98 0.63 13.60
N ARG A 86 16.91 0.02 14.34
CA ARG A 86 18.08 0.73 14.83
C ARG A 86 17.68 2.00 15.57
N SER A 87 17.30 1.85 16.84
CA SER A 87 16.89 2.98 17.66
C SER A 87 17.74 3.08 18.92
N ILE A 88 18.35 4.25 19.12
CA ILE A 88 19.18 4.48 20.29
C ILE A 88 18.51 5.41 21.28
N PHE A 89 18.03 4.85 22.38
CA PHE A 89 17.36 5.63 23.41
C PHE A 89 18.32 6.64 24.05
N THR A 90 19.44 6.14 24.56
CA THR A 90 20.44 6.99 25.18
C THR A 90 20.95 8.06 24.22
N GLY A 1 -3.10 16.16 14.56
CA GLY A 1 -2.48 15.00 13.97
C GLY A 1 -1.49 15.37 12.87
N SER A 2 -1.99 16.06 11.85
CA SER A 2 -1.14 16.47 10.73
C SER A 2 -1.69 17.74 10.08
N SER A 3 -2.97 17.70 9.70
CA SER A 3 -3.61 18.84 9.06
C SER A 3 -2.82 19.27 7.82
N GLY A 4 -2.80 18.41 6.82
CA GLY A 4 -2.08 18.72 5.59
C GLY A 4 -2.75 18.13 4.36
N SER A 5 -2.06 18.17 3.23
CA SER A 5 -2.58 17.64 1.99
C SER A 5 -1.47 17.39 0.98
N SER A 6 -1.46 16.20 0.39
CA SER A 6 -0.45 15.84 -0.59
C SER A 6 -0.70 14.43 -1.14
N GLY A 7 -1.14 14.36 -2.40
CA GLY A 7 -1.41 13.09 -3.03
C GLY A 7 -1.49 13.18 -4.53
N MET A 8 -0.71 12.35 -5.22
CA MET A 8 -0.69 12.34 -6.68
C MET A 8 0.06 11.12 -7.20
N ALA A 9 1.33 11.01 -6.83
CA ALA A 9 2.16 9.89 -7.27
C ALA A 9 2.97 9.32 -6.11
N LEU A 10 3.90 8.43 -6.43
CA LEU A 10 4.74 7.81 -5.41
C LEU A 10 5.66 8.84 -4.76
N ARG A 11 5.61 8.92 -3.44
CA ARG A 11 6.43 9.87 -2.69
C ARG A 11 6.31 9.63 -1.19
N ASN A 12 5.10 9.29 -0.74
CA ASN A 12 4.85 9.05 0.67
C ASN A 12 4.51 7.58 0.91
N VAL A 13 5.23 6.94 1.83
CA VAL A 13 5.01 5.54 2.15
C VAL A 13 4.88 5.34 3.66
N PRO A 14 3.86 4.59 4.08
CA PRO A 14 3.61 4.29 5.49
C PRO A 14 4.66 3.36 6.08
N PHE A 15 4.49 3.03 7.36
CA PHE A 15 5.43 2.14 8.05
C PHE A 15 4.97 0.69 7.96
N ARG A 16 5.93 -0.23 7.91
CA ARG A 16 5.62 -1.65 7.84
C ARG A 16 4.76 -2.09 9.01
N SER A 17 5.25 -1.85 10.22
CA SER A 17 4.52 -2.22 11.43
C SER A 17 3.08 -1.71 11.37
N GLU A 18 2.91 -0.53 10.79
CA GLU A 18 1.58 0.07 10.68
C GLU A 18 0.70 -0.73 9.73
N VAL A 19 1.27 -1.16 8.61
CA VAL A 19 0.54 -1.94 7.62
C VAL A 19 0.24 -3.34 8.13
N LEU A 20 1.16 -3.88 8.93
CA LEU A 20 1.01 -5.22 9.48
C LEU A 20 -0.24 -5.29 10.38
N GLY A 21 -0.67 -4.14 10.87
CA GLY A 21 -1.84 -4.10 11.73
C GLY A 21 -3.02 -3.41 11.06
N TRP A 22 -2.98 -3.32 9.73
CA TRP A 22 -4.06 -2.69 8.97
C TRP A 22 -5.17 -3.68 8.67
N ASP A 23 -6.20 -3.21 7.98
CA ASP A 23 -7.33 -4.06 7.63
C ASP A 23 -7.68 -3.93 6.15
N PRO A 24 -8.44 -4.90 5.63
CA PRO A 24 -8.85 -4.91 4.22
C PRO A 24 -9.85 -3.81 3.90
N ASP A 25 -10.31 -3.11 4.93
CA ASP A 25 -11.27 -2.02 4.75
C ASP A 25 -10.61 -0.67 5.02
N SER A 26 -9.50 -0.69 5.75
CA SER A 26 -8.78 0.53 6.08
C SER A 26 -7.68 0.81 5.06
N LEU A 27 -6.96 -0.26 4.69
CA LEU A 27 -5.87 -0.12 3.72
C LEU A 27 -6.35 0.57 2.46
N ALA A 28 -7.61 0.37 2.12
CA ALA A 28 -8.19 1.00 0.93
C ALA A 28 -8.05 2.51 0.98
N ASP A 29 -8.06 3.07 2.19
CA ASP A 29 -7.93 4.50 2.38
C ASP A 29 -6.56 4.99 1.92
N TYR A 30 -5.52 4.26 2.29
CA TYR A 30 -4.16 4.62 1.92
C TYR A 30 -4.05 4.85 0.42
N PHE A 31 -4.63 3.95 -0.36
CA PHE A 31 -4.60 4.06 -1.82
C PHE A 31 -5.37 5.30 -2.28
N LYS A 32 -6.51 5.55 -1.65
CA LYS A 32 -7.34 6.70 -1.99
C LYS A 32 -6.54 8.00 -1.94
N LYS A 33 -5.49 8.00 -1.11
CA LYS A 33 -4.64 9.17 -0.97
C LYS A 33 -3.59 9.23 -2.08
N LEU A 34 -3.25 8.06 -2.62
CA LEU A 34 -2.25 7.98 -3.68
C LEU A 34 -2.92 8.02 -5.05
N ASN A 35 -4.17 8.46 -5.08
CA ASN A 35 -4.93 8.56 -6.33
C ASN A 35 -5.12 7.18 -6.95
N TYR A 36 -4.97 6.14 -6.13
CA TYR A 36 -5.12 4.77 -6.61
C TYR A 36 -6.50 4.22 -6.27
N LYS A 37 -7.53 4.82 -6.87
CA LYS A 37 -8.91 4.40 -6.63
C LYS A 37 -9.17 3.03 -7.26
N ASP A 38 -8.34 2.66 -8.23
CA ASP A 38 -8.49 1.37 -8.90
C ASP A 38 -7.97 0.24 -8.02
N CYS A 39 -7.08 0.57 -7.10
CA CYS A 39 -6.51 -0.42 -6.20
C CYS A 39 -7.36 -0.57 -4.93
N GLU A 40 -7.70 0.57 -4.33
CA GLU A 40 -8.51 0.56 -3.11
C GLU A 40 -9.78 -0.26 -3.30
N LYS A 41 -10.27 -0.30 -4.54
CA LYS A 41 -11.47 -1.06 -4.86
C LYS A 41 -11.28 -2.54 -4.57
N ALA A 42 -10.28 -3.13 -5.20
CA ALA A 42 -9.98 -4.55 -5.02
C ALA A 42 -9.58 -4.84 -3.57
N VAL A 43 -8.97 -3.85 -2.92
CA VAL A 43 -8.55 -4.00 -1.54
C VAL A 43 -9.74 -4.25 -0.62
N LYS A 44 -10.88 -3.66 -0.96
CA LYS A 44 -12.09 -3.82 -0.16
C LYS A 44 -12.95 -4.95 -0.72
N LYS A 45 -13.01 -5.07 -2.04
CA LYS A 45 -13.79 -6.11 -2.69
C LYS A 45 -13.21 -7.49 -2.40
N TYR A 46 -11.92 -7.66 -2.64
CA TYR A 46 -11.26 -8.92 -2.40
C TYR A 46 -10.88 -9.07 -0.93
N HIS A 47 -11.00 -7.98 -0.19
CA HIS A 47 -10.67 -7.99 1.24
C HIS A 47 -9.18 -8.24 1.44
N ILE A 48 -8.36 -7.31 1.01
CA ILE A 48 -6.91 -7.44 1.14
C ILE A 48 -6.38 -6.49 2.21
N ASP A 49 -6.05 -7.03 3.38
CA ASP A 49 -5.53 -6.24 4.48
C ASP A 49 -4.08 -5.82 4.21
N GLY A 50 -3.60 -4.85 4.98
CA GLY A 50 -2.23 -4.38 4.80
C GLY A 50 -1.23 -5.51 4.79
N ALA A 51 -1.35 -6.42 5.76
CA ALA A 51 -0.44 -7.55 5.87
C ALA A 51 -0.40 -8.35 4.57
N ARG A 52 -1.51 -8.31 3.83
CA ARG A 52 -1.60 -9.02 2.56
C ARG A 52 -0.97 -8.22 1.43
N PHE A 53 -0.92 -6.90 1.61
CA PHE A 53 -0.36 -6.03 0.60
C PHE A 53 1.17 -6.16 0.54
N LEU A 54 1.79 -6.17 1.72
CA LEU A 54 3.25 -6.30 1.80
C LEU A 54 3.71 -7.64 1.25
N ASN A 55 2.80 -8.62 1.25
CA ASN A 55 3.11 -9.95 0.75
C ASN A 55 2.53 -10.15 -0.65
N LEU A 56 2.45 -9.08 -1.41
CA LEU A 56 1.92 -9.13 -2.76
C LEU A 56 2.58 -10.24 -3.57
N THR A 57 1.86 -11.35 -3.75
CA THR A 57 2.38 -12.49 -4.50
C THR A 57 1.67 -12.64 -5.84
N GLU A 58 2.17 -13.56 -6.66
CA GLU A 58 1.57 -13.81 -7.98
C GLU A 58 0.08 -14.13 -7.85
N ASN A 59 -0.31 -14.66 -6.68
CA ASN A 59 -1.69 -15.02 -6.43
C ASN A 59 -2.53 -13.78 -6.14
N ASP A 60 -1.88 -12.74 -5.60
CA ASP A 60 -2.57 -11.49 -5.27
C ASP A 60 -2.55 -10.54 -6.46
N ILE A 61 -1.40 -10.43 -7.12
CA ILE A 61 -1.25 -9.56 -8.28
C ILE A 61 -2.32 -9.84 -9.32
N GLN A 62 -2.64 -11.12 -9.50
CA GLN A 62 -3.65 -11.52 -10.47
C GLN A 62 -5.00 -10.86 -10.16
N LYS A 63 -5.20 -10.50 -8.91
CA LYS A 63 -6.44 -9.86 -8.48
C LYS A 63 -6.34 -8.35 -8.61
N PHE A 64 -5.29 -7.88 -9.28
CA PHE A 64 -5.08 -6.45 -9.47
C PHE A 64 -4.98 -6.11 -10.96
N PRO A 65 -5.20 -4.83 -11.29
CA PRO A 65 -5.15 -4.34 -12.67
C PRO A 65 -3.72 -4.35 -13.23
N LYS A 66 -3.61 -4.54 -14.54
CA LYS A 66 -2.31 -4.57 -15.19
C LYS A 66 -1.68 -3.18 -15.22
N LEU A 67 -2.45 -2.18 -14.77
CA LEU A 67 -1.97 -0.80 -14.75
C LEU A 67 -1.40 -0.46 -13.37
N ARG A 68 -1.73 -1.26 -12.38
CA ARG A 68 -1.26 -1.03 -11.01
C ARG A 68 -0.51 -2.25 -10.49
N VAL A 69 -0.51 -3.33 -11.28
CA VAL A 69 0.17 -4.56 -10.89
C VAL A 69 1.60 -4.28 -10.46
N PRO A 70 2.39 -3.64 -11.35
CA PRO A 70 3.78 -3.30 -11.08
C PRO A 70 3.92 -2.21 -10.04
N ILE A 71 2.91 -1.33 -9.96
CA ILE A 71 2.92 -0.24 -9.00
C ILE A 71 2.76 -0.76 -7.57
N LEU A 72 1.86 -1.72 -7.39
CA LEU A 72 1.62 -2.30 -6.07
C LEU A 72 2.79 -3.17 -5.64
N SER A 73 3.36 -3.91 -6.58
CA SER A 73 4.48 -4.78 -6.30
C SER A 73 5.70 -3.98 -5.84
N LYS A 74 5.84 -2.78 -6.40
CA LYS A 74 6.96 -1.90 -6.05
C LYS A 74 6.65 -1.10 -4.79
N LEU A 75 5.38 -0.74 -4.62
CA LEU A 75 4.96 0.03 -3.46
C LEU A 75 4.97 -0.83 -2.20
N SER A 76 4.42 -2.04 -2.30
CA SER A 76 4.38 -2.95 -1.18
C SER A 76 5.76 -3.13 -0.55
N GLN A 77 6.78 -3.16 -1.40
CA GLN A 77 8.16 -3.31 -0.94
C GLN A 77 8.65 -2.05 -0.23
N GLU A 78 8.26 -0.90 -0.76
CA GLU A 78 8.65 0.38 -0.18
C GLU A 78 8.27 0.45 1.29
N ILE A 79 7.11 -0.10 1.63
CA ILE A 79 6.63 -0.10 3.00
C ILE A 79 7.45 -1.04 3.87
N ASN A 80 7.79 -2.19 3.32
CA ASN A 80 8.58 -3.19 4.04
C ASN A 80 9.91 -2.59 4.52
N LYS A 81 10.46 -1.68 3.72
CA LYS A 81 11.71 -1.03 4.06
C LYS A 81 11.47 0.24 4.86
N ASN A 82 10.23 0.43 5.31
CA ASN A 82 9.87 1.61 6.09
C ASN A 82 9.62 1.24 7.55
N GLU A 83 10.17 0.11 7.97
CA GLU A 83 10.01 -0.35 9.35
C GLU A 83 10.94 0.40 10.29
N GLU A 84 10.38 0.89 11.40
CA GLU A 84 11.17 1.63 12.38
C GLU A 84 12.27 0.75 12.97
N ARG A 85 13.51 1.18 12.78
CA ARG A 85 14.66 0.44 13.29
C ARG A 85 14.69 0.47 14.82
N ARG A 86 14.17 1.55 15.40
CA ARG A 86 14.14 1.69 16.85
C ARG A 86 13.14 0.73 17.47
N SER A 87 13.40 0.33 18.71
CA SER A 87 12.52 -0.60 19.42
C SER A 87 12.33 -1.87 18.62
N ILE A 88 13.44 -2.47 18.18
CA ILE A 88 13.38 -3.70 17.41
C ILE A 88 12.73 -4.82 18.20
N PHE A 89 12.69 -4.66 19.52
CA PHE A 89 12.09 -5.67 20.39
C PHE A 89 12.17 -5.22 21.85
N THR A 90 13.37 -4.85 22.29
CA THR A 90 13.58 -4.42 23.66
C THR A 90 12.99 -5.41 24.65
#